data_3AYI
#
_entry.id   3AYI
#
_cell.length_a   101.290
_cell.length_b   112.694
_cell.length_c   136.542
_cell.angle_alpha   90.00
_cell.angle_beta   90.00
_cell.angle_gamma   90.00
#
_symmetry.space_group_name_H-M   'P 21 21 21'
#
loop_
_entity.id
_entity.type
_entity.pdbx_description
1 polymer 'Pro-enzyme of L-phenylalanine oxidase'
2 non-polymer 'SULFATE ION'
3 non-polymer 'FLAVIN-ADENINE DINUCLEOTIDE'
4 non-polymer 'HYDROCINNAMIC ACID'
5 non-polymer GLYCEROL
6 water water
#
_entity_poly.entity_id   1
_entity_poly.type   'polypeptide(L)'
_entity_poly.pdbx_seq_one_letter_code
;GVTVIPRLLGLKDEKKIATTVGEARLSGINYRHPDSALVSYPVAAAAPLGRLPAGNYRIAIVGGGAGGIAALYELGRLAA
TLPAGSGIDVQIYEADPDSFLHDRPGIKAIKVRGLKAGRVSAALVHNGDPASGDTIYEVGAMRFPEIAGLTWHYASAAFG
DAAPIKVFPNPGKVPTEFVFGNRVDRYVGSDPKDWEDPDSPTLKVLGVVAGGLVGNPQGENVAMYPIANVDPAKIAAILN
AATPPADALERIQTKYWPEFIAQYDGLTLGAAVREIVTVAFEKGTLPPVDGVLDVDESISYYVELFGRFGFGTGGFKPLY
NISLVEMMRLILWDYSNEYTLPVTENVEFIRNLFLKAQNVGAGKLVVQVRQERVANACHSGTASARAQLLSYDSHNAVHS
EAYDFVILAVPHDQLTPIVSRSGFEHAASQNLGDAGLGLETHTYNQVYPPLLLSDSSPAANARIVTAIGQLHMARSSKVF
ATVKTAALDQPWVPQWRGEPIKAVVSDSGLAASYVVPSPIVEDGQAPEYSSLLASYTWEDDSTRLRHDFGLYPQNPATET
GTADGMYRTMVNRAYRYVKYAGASNAQPWWFYQLLAEARTADRFVFDWTTNKTAGGFKLDMTGDHHQSNLCFRYHTHALA
ASLDNRFFIASDSYSHLGGWLEGAFMSALNAVAGLIVRANRGDVSALSTEARPLVIGLRPVVKVPAAELATSQLEHHHHH
H
;
_entity_poly.pdbx_strand_id   A,B
#
# COMPACT_ATOMS: atom_id res chain seq x y z
N LYS A 16 -19.67 -22.83 23.65
CA LYS A 16 -20.03 -21.46 24.12
C LYS A 16 -20.25 -20.71 22.80
N ILE A 17 -20.71 -21.45 21.82
CA ILE A 17 -20.98 -20.92 20.50
C ILE A 17 -22.37 -20.31 20.50
N ALA A 18 -22.45 -19.08 20.00
CA ALA A 18 -23.75 -18.43 19.88
C ALA A 18 -24.51 -19.03 18.69
N THR A 19 -25.80 -19.17 18.84
CA THR A 19 -26.63 -19.80 17.84
C THR A 19 -27.71 -18.92 17.26
N THR A 20 -27.98 -17.75 17.87
CA THR A 20 -28.99 -16.82 17.42
C THR A 20 -28.46 -15.42 17.47
N VAL A 21 -29.11 -14.51 16.75
CA VAL A 21 -28.79 -13.09 16.82
C VAL A 21 -28.83 -12.63 18.25
N GLY A 22 -29.82 -13.04 19.08
CA GLY A 22 -29.92 -12.57 20.44
C GLY A 22 -28.77 -13.00 21.29
N GLU A 23 -28.34 -14.24 21.10
CA GLU A 23 -27.19 -14.78 21.87
C GLU A 23 -25.93 -13.95 21.59
N ALA A 24 -25.66 -13.71 20.30
CA ALA A 24 -24.54 -12.85 19.94
C ALA A 24 -24.76 -11.45 20.52
N ARG A 25 -25.98 -10.90 20.37
CA ARG A 25 -26.22 -9.55 20.87
C ARG A 25 -25.89 -9.41 22.33
N LEU A 26 -26.35 -10.34 23.15
CA LEU A 26 -26.11 -10.28 24.57
C LEU A 26 -24.66 -10.51 24.95
N SER A 27 -23.93 -11.24 24.13
CA SER A 27 -22.52 -11.52 24.39
C SER A 27 -21.66 -10.27 24.44
N GLY A 28 -21.96 -9.31 23.54
CA GLY A 28 -21.21 -8.13 23.41
C GLY A 28 -21.86 -6.82 23.84
N ILE A 29 -23.00 -6.92 24.49
CA ILE A 29 -23.81 -5.78 24.85
C ILE A 29 -23.05 -4.77 25.71
N ASN A 30 -22.12 -5.27 26.55
CA ASN A 30 -21.46 -4.33 27.41
C ASN A 30 -20.13 -3.85 26.92
N TYR A 31 -19.62 -4.44 25.85
CA TYR A 31 -18.25 -4.21 25.46
C TYR A 31 -18.00 -2.74 25.05
N ARG A 32 -17.03 -2.13 25.63
CA ARG A 32 -16.59 -0.78 25.35
C ARG A 32 -15.23 -0.80 24.68
N HIS A 33 -15.03 -0.10 23.60
CA HIS A 33 -13.78 -0.04 22.91
C HIS A 33 -12.87 0.95 23.64
N PRO A 34 -11.54 0.81 23.56
CA PRO A 34 -10.65 1.55 24.44
C PRO A 34 -10.55 3.07 24.13
N ASP A 35 -10.92 3.51 22.94
CA ASP A 35 -11.03 4.91 22.59
C ASP A 35 -12.37 5.53 22.99
N SER A 36 -13.28 4.71 23.44
CA SER A 36 -14.62 5.13 23.87
C SER A 36 -15.04 4.29 25.07
N ALA A 37 -14.13 4.19 26.04
CA ALA A 37 -14.26 3.23 27.12
C ALA A 37 -15.35 3.60 28.08
N LEU A 38 -15.85 4.82 28.06
CA LEU A 38 -16.91 5.23 29.01
C LEU A 38 -18.25 4.91 28.44
N VAL A 39 -18.44 4.28 27.35
CA VAL A 39 -19.78 3.99 26.85
C VAL A 39 -19.81 2.65 26.11
N SER A 40 -20.88 1.91 26.40
CA SER A 40 -21.29 0.77 25.58
C SER A 40 -22.22 1.28 24.50
N TYR A 41 -21.80 1.25 23.25
CA TYR A 41 -22.67 1.78 22.22
C TYR A 41 -24.04 1.05 22.17
N PRO A 42 -24.13 -0.28 22.36
CA PRO A 42 -25.43 -0.95 22.40
C PRO A 42 -26.31 -0.42 23.46
N VAL A 43 -25.78 -0.05 24.62
CA VAL A 43 -26.57 0.54 25.71
C VAL A 43 -27.03 1.91 25.31
N ALA A 44 -26.18 2.74 24.72
CA ALA A 44 -26.57 4.03 24.20
C ALA A 44 -27.66 3.98 23.18
N ALA A 45 -27.64 2.91 22.37
CA ALA A 45 -28.59 2.76 21.26
C ALA A 45 -29.90 2.10 21.68
N ALA A 46 -30.05 1.70 22.94
CA ALA A 46 -31.25 0.94 23.34
C ALA A 46 -32.53 1.75 23.18
N ALA A 47 -32.50 2.97 23.60
CA ALA A 47 -33.64 3.90 23.53
C ALA A 47 -33.25 4.95 22.48
N PRO A 48 -34.23 5.74 21.98
CA PRO A 48 -33.86 6.87 21.10
C PRO A 48 -32.74 7.68 21.73
N LEU A 49 -31.86 8.26 20.91
CA LEU A 49 -30.67 8.88 21.44
C LEU A 49 -30.95 10.16 22.20
N GLY A 50 -32.06 10.82 21.98
CA GLY A 50 -32.38 12.10 22.66
C GLY A 50 -33.65 12.64 22.16
N ARG A 51 -33.77 13.95 22.34
CA ARG A 51 -34.97 14.68 21.92
C ARG A 51 -34.57 15.91 21.12
N LEU A 52 -35.46 16.29 20.21
CA LEU A 52 -35.33 17.45 19.37
C LEU A 52 -36.40 18.45 19.71
N PRO A 53 -36.06 19.74 19.60
CA PRO A 53 -37.12 20.72 19.73
C PRO A 53 -38.16 20.52 18.67
N ALA A 54 -39.36 21.00 18.91
CA ALA A 54 -40.43 20.99 17.87
C ALA A 54 -39.92 21.67 16.62
N GLY A 55 -40.37 21.17 15.45
CA GLY A 55 -39.93 21.69 14.18
C GLY A 55 -40.22 20.75 13.05
N ASN A 56 -40.07 21.26 11.85
CA ASN A 56 -40.13 20.47 10.67
C ASN A 56 -38.72 20.53 10.06
N TYR A 57 -37.96 19.47 10.31
CA TYR A 57 -36.57 19.43 9.94
C TYR A 57 -36.34 18.95 8.52
N ARG A 58 -35.35 19.52 7.87
CA ARG A 58 -34.93 19.04 6.57
C ARG A 58 -33.49 18.62 6.73
N ILE A 59 -33.29 17.30 6.59
CA ILE A 59 -31.96 16.71 6.77
C ILE A 59 -31.55 16.00 5.51
N ALA A 60 -30.28 15.97 5.19
CA ALA A 60 -29.69 15.15 4.12
C ALA A 60 -28.78 14.11 4.74
N ILE A 61 -28.83 12.90 4.14
CA ILE A 61 -27.84 11.88 4.42
C ILE A 61 -27.20 11.60 3.04
N VAL A 62 -25.89 11.82 2.99
CA VAL A 62 -25.09 11.51 1.81
C VAL A 62 -24.51 10.14 2.03
N GLY A 63 -25.01 9.17 1.26
CA GLY A 63 -24.57 7.77 1.33
C GLY A 63 -25.60 6.86 1.97
N GLY A 64 -25.94 5.79 1.25
CA GLY A 64 -26.87 4.77 1.67
C GLY A 64 -26.19 3.43 2.01
N GLY A 65 -25.06 3.51 2.65
CA GLY A 65 -24.44 2.33 3.20
C GLY A 65 -24.85 2.14 4.66
N ALA A 66 -24.09 1.28 5.34
CA ALA A 66 -24.36 0.95 6.73
C ALA A 66 -24.39 2.18 7.58
N GLY A 67 -23.44 3.13 7.39
CA GLY A 67 -23.45 4.33 8.19
C GLY A 67 -24.67 5.20 7.91
N GLY A 68 -25.02 5.46 6.68
CA GLY A 68 -26.12 6.34 6.36
C GLY A 68 -27.45 5.74 6.78
N ILE A 69 -27.60 4.42 6.58
CA ILE A 69 -28.85 3.77 6.91
C ILE A 69 -29.05 3.61 8.42
N ALA A 70 -27.97 3.33 9.18
CA ALA A 70 -28.09 3.35 10.60
C ALA A 70 -28.48 4.75 11.11
N ALA A 71 -27.87 5.79 10.51
CA ALA A 71 -28.21 7.16 10.90
C ALA A 71 -29.69 7.42 10.58
N LEU A 72 -30.18 6.97 9.42
CA LEU A 72 -31.59 7.13 9.08
C LEU A 72 -32.45 6.44 10.10
N TYR A 73 -32.11 5.23 10.50
CA TYR A 73 -32.86 4.50 11.52
C TYR A 73 -32.94 5.29 12.81
N GLU A 74 -31.80 5.82 13.28
CA GLU A 74 -31.78 6.61 14.52
C GLU A 74 -32.64 7.88 14.36
N LEU A 75 -32.59 8.52 13.21
CA LEU A 75 -33.47 9.64 12.93
C LEU A 75 -34.91 9.28 12.93
N GLY A 76 -35.27 8.11 12.43
CA GLY A 76 -36.62 7.62 12.50
C GLY A 76 -37.10 7.48 13.92
N ARG A 77 -36.24 6.91 14.78
CA ARG A 77 -36.56 6.77 16.18
C ARG A 77 -36.78 8.13 16.83
N LEU A 78 -35.96 9.13 16.45
CA LEU A 78 -36.13 10.46 17.00
C LEU A 78 -37.44 11.07 16.48
N ALA A 79 -37.73 10.87 15.22
CA ALA A 79 -38.90 11.46 14.58
C ALA A 79 -40.15 11.02 15.28
N ALA A 80 -40.23 9.76 15.70
CA ALA A 80 -41.43 9.21 16.35
C ALA A 80 -41.72 9.90 17.65
N THR A 81 -40.76 10.53 18.25
CA THR A 81 -40.92 11.23 19.54
C THR A 81 -41.31 12.67 19.42
N LEU A 82 -41.37 13.17 18.20
CA LEU A 82 -41.67 14.56 17.97
C LEU A 82 -43.18 14.78 18.17
N PRO A 83 -43.57 16.02 18.56
CA PRO A 83 -44.96 16.22 18.79
C PRO A 83 -45.73 16.40 17.51
N ALA A 84 -47.07 16.43 17.66
CA ALA A 84 -47.90 16.63 16.53
C ALA A 84 -47.50 17.93 15.84
N GLY A 85 -47.56 17.88 14.52
CA GLY A 85 -47.20 19.02 13.72
C GLY A 85 -45.70 19.08 13.37
N SER A 86 -44.85 18.32 14.07
CA SER A 86 -43.42 18.28 13.81
C SER A 86 -43.06 17.03 12.98
N GLY A 87 -41.85 17.02 12.39
CA GLY A 87 -41.46 15.91 11.60
C GLY A 87 -40.07 16.11 11.07
N ILE A 88 -39.59 15.07 10.42
CA ILE A 88 -38.25 15.08 9.76
C ILE A 88 -38.42 14.60 8.33
N ASP A 89 -37.89 15.39 7.39
CA ASP A 89 -37.73 15.00 6.01
C ASP A 89 -36.26 14.72 5.77
N VAL A 90 -35.98 13.56 5.21
CA VAL A 90 -34.61 13.18 4.85
C VAL A 90 -34.54 12.98 3.34
N GLN A 91 -33.57 13.66 2.73
CA GLN A 91 -33.10 13.33 1.39
C GLN A 91 -31.89 12.46 1.51
N ILE A 92 -31.92 11.25 1.00
CA ILE A 92 -30.76 10.37 1.01
C ILE A 92 -30.16 10.37 -0.40
N TYR A 93 -28.91 10.79 -0.52
CA TYR A 93 -28.21 10.76 -1.77
C TYR A 93 -27.43 9.50 -1.91
N GLU A 94 -27.60 8.80 -3.02
CA GLU A 94 -26.89 7.53 -3.23
C GLU A 94 -26.54 7.44 -4.72
N ALA A 95 -25.23 7.59 -4.99
CA ALA A 95 -24.71 7.60 -6.33
C ALA A 95 -24.58 6.26 -7.02
N ASP A 96 -24.51 5.18 -6.21
CA ASP A 96 -24.25 3.84 -6.79
C ASP A 96 -25.48 3.36 -7.51
N PRO A 97 -25.38 3.12 -8.83
CA PRO A 97 -26.57 2.69 -9.58
C PRO A 97 -27.07 1.30 -9.12
N ASP A 98 -26.20 0.52 -8.50
CA ASP A 98 -26.53 -0.79 -8.05
C ASP A 98 -27.07 -0.87 -6.62
N SER A 99 -27.22 0.27 -5.97
CA SER A 99 -27.73 0.28 -4.61
C SER A 99 -29.13 -0.31 -4.56
N PHE A 100 -29.39 -1.02 -3.46
CA PHE A 100 -30.72 -1.50 -3.14
C PHE A 100 -31.77 -0.37 -3.09
N LEU A 101 -31.33 0.85 -2.84
CA LEU A 101 -32.26 1.99 -2.72
C LEU A 101 -32.86 2.35 -4.09
N HIS A 102 -32.26 1.95 -5.20
CA HIS A 102 -32.76 2.26 -6.54
C HIS A 102 -33.46 1.09 -7.13
N ASP A 103 -33.67 0.02 -6.39
CA ASP A 103 -34.34 -1.18 -6.84
C ASP A 103 -35.60 -1.44 -6.04
N ARG A 104 -36.38 -0.45 -5.71
CA ARG A 104 -37.46 -0.53 -4.65
C ARG A 104 -36.91 -0.55 -3.18
N ALA A 109 -24.63 -16.42 -15.06
CA ALA A 109 -24.79 -14.95 -15.02
C ALA A 109 -24.53 -14.48 -13.61
N ILE A 110 -24.09 -13.25 -13.48
CA ILE A 110 -23.79 -12.63 -12.20
C ILE A 110 -24.54 -11.34 -12.07
N LYS A 111 -25.53 -11.28 -11.22
CA LYS A 111 -26.33 -10.09 -10.98
C LYS A 111 -25.79 -9.32 -9.78
N VAL A 112 -25.61 -8.01 -9.94
CA VAL A 112 -25.29 -7.11 -8.84
C VAL A 112 -26.27 -6.03 -8.65
N ARG A 113 -27.11 -5.73 -9.65
CA ARG A 113 -28.04 -4.61 -9.57
C ARG A 113 -29.02 -4.80 -8.45
N GLY A 114 -29.08 -3.84 -7.55
CA GLY A 114 -29.96 -3.84 -6.38
C GLY A 114 -29.39 -4.62 -5.21
N LEU A 115 -28.17 -5.17 -5.32
CA LEU A 115 -27.63 -6.06 -4.33
C LEU A 115 -26.48 -5.45 -3.59
N LYS A 116 -26.35 -4.13 -3.67
CA LYS A 116 -25.33 -3.41 -2.90
C LYS A 116 -25.95 -2.41 -1.93
N ALA A 117 -25.29 -2.35 -0.76
CA ALA A 117 -25.46 -1.25 0.20
C ALA A 117 -24.05 -0.79 0.55
N GLY A 118 -23.45 -0.03 -0.38
CA GLY A 118 -22.05 0.35 -0.27
C GLY A 118 -21.13 -0.86 -0.34
N ARG A 119 -20.37 -1.05 0.73
CA ARG A 119 -19.41 -2.12 0.90
C ARG A 119 -20.00 -3.38 1.50
N VAL A 120 -21.32 -3.42 1.72
CA VAL A 120 -22.08 -4.64 1.93
C VAL A 120 -22.63 -4.99 0.51
N SER A 121 -22.04 -5.97 -0.15
CA SER A 121 -22.21 -6.07 -1.61
C SER A 121 -22.26 -7.58 -2.00
N ALA A 122 -23.43 -7.98 -2.54
CA ALA A 122 -23.61 -9.36 -3.00
C ALA A 122 -23.62 -9.45 -4.49
N ALA A 123 -23.14 -10.58 -4.98
CA ALA A 123 -23.26 -10.95 -6.36
C ALA A 123 -24.00 -12.26 -6.45
N LEU A 124 -25.12 -12.24 -7.17
CA LEU A 124 -25.97 -13.43 -7.27
C LEU A 124 -25.66 -14.19 -8.57
N VAL A 125 -25.25 -15.43 -8.43
CA VAL A 125 -24.90 -16.30 -9.54
C VAL A 125 -26.16 -17.06 -9.91
N HIS A 126 -26.61 -16.97 -11.17
CA HIS A 126 -27.86 -17.60 -11.59
C HIS A 126 -27.70 -18.02 -13.06
N ASN A 127 -28.74 -18.69 -13.55
CA ASN A 127 -28.73 -19.16 -14.96
C ASN A 127 -29.82 -18.59 -15.77
N GLY A 128 -30.33 -17.44 -15.35
CA GLY A 128 -31.26 -16.67 -16.22
C GLY A 128 -32.47 -16.31 -15.39
N ASP A 129 -32.73 -17.03 -14.32
CA ASP A 129 -33.77 -16.67 -13.38
C ASP A 129 -33.10 -16.31 -12.03
N PRO A 130 -33.03 -15.00 -11.68
CA PRO A 130 -32.39 -14.62 -10.42
C PRO A 130 -33.15 -15.08 -9.18
N ALA A 131 -34.40 -15.46 -9.33
CA ALA A 131 -35.14 -15.97 -8.15
C ALA A 131 -34.82 -17.43 -7.87
N SER A 132 -33.96 -18.02 -8.73
CA SER A 132 -33.57 -19.41 -8.56
C SER A 132 -32.07 -19.50 -8.80
N GLY A 133 -31.29 -18.90 -7.94
CA GLY A 133 -29.87 -18.82 -8.13
C GLY A 133 -29.09 -20.01 -7.58
N ASP A 134 -27.81 -20.03 -7.93
CA ASP A 134 -26.89 -21.09 -7.52
C ASP A 134 -26.21 -20.72 -6.21
N THR A 135 -25.64 -19.54 -6.11
CA THR A 135 -24.92 -19.12 -4.94
C THR A 135 -24.83 -17.58 -4.89
N ILE A 136 -24.26 -17.08 -3.82
CA ILE A 136 -24.03 -15.67 -3.59
C ILE A 136 -22.55 -15.47 -3.31
N TYR A 137 -21.93 -14.50 -3.94
CA TYR A 137 -20.63 -14.04 -3.57
C TYR A 137 -20.76 -12.85 -2.63
N GLU A 138 -20.23 -12.92 -1.44
CA GLU A 138 -20.20 -11.77 -0.56
C GLU A 138 -18.92 -11.00 -0.81
N VAL A 139 -19.07 -9.95 -1.65
CA VAL A 139 -17.95 -9.22 -2.22
C VAL A 139 -17.28 -8.25 -1.24
N GLY A 140 -18.09 -7.78 -0.29
CA GLY A 140 -17.63 -6.92 0.82
C GLY A 140 -17.82 -7.62 2.14
N ALA A 141 -18.55 -7.04 3.09
CA ALA A 141 -18.68 -7.61 4.40
C ALA A 141 -19.19 -9.01 4.36
N MET A 142 -18.62 -9.87 5.20
CA MET A 142 -19.05 -11.26 5.30
C MET A 142 -19.00 -11.95 6.63
N ARG A 143 -18.26 -11.45 7.63
CA ARG A 143 -18.08 -12.21 8.85
C ARG A 143 -18.12 -11.23 10.03
N PHE A 144 -18.86 -11.55 11.09
CA PHE A 144 -19.22 -10.53 12.05
C PHE A 144 -18.83 -10.99 13.45
N PRO A 145 -17.94 -10.26 14.10
CA PRO A 145 -17.45 -10.68 15.44
C PRO A 145 -18.58 -10.88 16.43
N GLU A 146 -18.43 -11.91 17.29
CA GLU A 146 -19.45 -12.14 18.32
C GLU A 146 -19.67 -10.91 19.18
N ILE A 147 -18.60 -10.22 19.55
CA ILE A 147 -18.66 -9.09 20.47
C ILE A 147 -18.91 -7.74 19.76
N ALA A 148 -19.30 -7.78 18.51
CA ALA A 148 -19.71 -6.59 17.73
C ALA A 148 -21.10 -6.21 18.23
N GLY A 149 -21.17 -5.62 19.42
CA GLY A 149 -22.49 -5.48 20.04
C GLY A 149 -23.45 -4.57 19.29
N LEU A 150 -22.96 -3.49 18.68
CA LEU A 150 -23.86 -2.62 17.95
C LEU A 150 -24.40 -3.27 16.65
N THR A 151 -23.50 -4.02 15.98
CA THR A 151 -23.86 -4.82 14.84
C THR A 151 -24.98 -5.75 15.18
N TRP A 152 -24.88 -6.48 16.29
CA TRP A 152 -25.92 -7.43 16.66
C TRP A 152 -27.18 -6.74 17.19
N HIS A 153 -27.04 -5.57 17.80
CA HIS A 153 -28.18 -4.76 18.19
C HIS A 153 -29.00 -4.41 16.95
N TYR A 154 -28.35 -3.94 15.89
CA TYR A 154 -29.07 -3.65 14.65
C TYR A 154 -29.55 -4.92 13.93
N ALA A 155 -28.79 -6.04 14.00
CA ALA A 155 -29.27 -7.27 13.45
C ALA A 155 -30.53 -7.73 14.17
N SER A 156 -30.66 -7.48 15.47
CA SER A 156 -31.87 -7.78 16.20
C SER A 156 -32.99 -6.90 15.71
N ALA A 157 -32.79 -5.61 15.51
CA ALA A 157 -33.83 -4.72 14.94
C ALA A 157 -34.31 -5.23 13.61
N ALA A 158 -33.40 -5.70 12.80
CA ALA A 158 -33.65 -6.16 11.44
C ALA A 158 -34.34 -7.50 11.37
N PHE A 159 -33.95 -8.44 12.26
CA PHE A 159 -34.26 -9.85 12.06
C PHE A 159 -34.86 -10.54 13.27
N GLY A 160 -34.80 -9.89 14.44
CA GLY A 160 -35.22 -10.49 15.73
C GLY A 160 -34.15 -11.33 16.39
N ASP A 161 -34.21 -11.36 17.72
CA ASP A 161 -33.28 -12.13 18.49
C ASP A 161 -33.26 -13.63 18.18
N ALA A 162 -34.41 -14.18 17.78
CA ALA A 162 -34.54 -15.61 17.53
C ALA A 162 -33.84 -16.07 16.27
N ALA A 163 -33.46 -15.18 15.39
CA ALA A 163 -32.96 -15.58 14.09
C ALA A 163 -31.63 -16.33 14.21
N PRO A 164 -31.48 -17.43 13.44
CA PRO A 164 -30.28 -18.30 13.65
C PRO A 164 -29.07 -17.69 12.93
N ILE A 165 -27.91 -17.89 13.53
CA ILE A 165 -26.62 -17.51 12.97
C ILE A 165 -25.72 -18.75 12.99
N LYS A 166 -24.66 -18.71 12.17
CA LYS A 166 -23.66 -19.75 11.98
C LYS A 166 -22.31 -19.21 12.27
N VAL A 167 -21.40 -20.10 12.66
CA VAL A 167 -20.00 -19.78 12.77
C VAL A 167 -19.43 -19.54 11.42
N PHE A 168 -18.80 -18.41 11.17
CA PHE A 168 -18.15 -18.20 9.87
C PHE A 168 -17.01 -19.19 9.71
N PRO A 169 -16.88 -19.85 8.54
CA PRO A 169 -15.91 -20.92 8.33
C PRO A 169 -14.49 -20.37 8.04
N ASN A 170 -13.94 -19.71 9.02
CA ASN A 170 -12.61 -19.13 9.03
C ASN A 170 -11.55 -20.23 9.06
N PRO A 171 -10.35 -19.90 8.64
CA PRO A 171 -9.24 -20.84 8.90
C PRO A 171 -9.18 -21.18 10.37
N GLY A 172 -9.08 -22.43 10.65
CA GLY A 172 -9.16 -22.95 12.02
C GLY A 172 -10.57 -23.27 12.55
N LYS A 173 -11.61 -22.70 11.97
CA LYS A 173 -12.99 -23.05 12.43
C LYS A 173 -13.46 -24.26 11.69
N VAL A 174 -13.00 -24.48 10.48
CA VAL A 174 -13.28 -25.64 9.65
C VAL A 174 -11.88 -26.23 9.37
N PRO A 175 -11.79 -27.47 8.87
CA PRO A 175 -10.47 -28.03 8.54
C PRO A 175 -9.80 -27.16 7.53
N THR A 176 -8.51 -26.85 7.81
CA THR A 176 -7.72 -25.86 7.11
C THR A 176 -6.37 -26.40 6.69
N GLU A 177 -5.93 -26.06 5.48
CA GLU A 177 -4.56 -26.25 5.09
C GLU A 177 -3.85 -24.93 5.07
N PHE A 178 -2.68 -24.92 5.67
CA PHE A 178 -1.81 -23.76 5.73
C PHE A 178 -0.47 -24.09 5.04
N VAL A 179 0.00 -23.20 4.19
CA VAL A 179 1.24 -23.34 3.46
C VAL A 179 2.04 -22.06 3.49
N PHE A 180 3.25 -22.14 4.01
CA PHE A 180 4.24 -21.04 3.99
C PHE A 180 5.56 -21.61 3.68
N GLY A 181 6.21 -21.18 2.60
CA GLY A 181 7.53 -21.77 2.31
C GLY A 181 7.38 -23.29 2.25
N ASN A 182 8.33 -23.94 2.92
CA ASN A 182 8.36 -25.39 2.98
C ASN A 182 7.41 -25.99 4.01
N ARG A 183 6.76 -25.16 4.79
CA ARG A 183 5.87 -25.68 5.87
C ARG A 183 4.46 -25.86 5.40
N VAL A 184 3.89 -26.99 5.74
CA VAL A 184 2.48 -27.34 5.56
C VAL A 184 1.92 -27.74 6.93
N ASP A 185 0.69 -27.31 7.19
CA ASP A 185 -0.08 -27.78 8.30
C ASP A 185 -1.52 -28.02 7.89
N ARG A 186 -2.17 -28.96 8.56
CA ARG A 186 -3.58 -29.23 8.44
C ARG A 186 -4.15 -29.23 9.83
N TYR A 187 -5.19 -28.45 10.09
CA TYR A 187 -5.63 -28.24 11.47
C TYR A 187 -7.03 -27.76 11.59
N VAL A 188 -7.53 -27.83 12.82
CA VAL A 188 -8.70 -27.17 13.35
C VAL A 188 -8.30 -26.57 14.70
N GLY A 189 -8.64 -25.33 14.93
CA GLY A 189 -8.40 -24.64 16.17
C GLY A 189 -6.95 -24.64 16.60
N SER A 190 -6.74 -24.56 17.88
CA SER A 190 -5.42 -24.37 18.45
C SER A 190 -5.01 -25.51 19.41
N ASP A 191 -5.86 -26.52 19.58
CA ASP A 191 -5.48 -27.68 20.41
C ASP A 191 -4.60 -28.60 19.59
N PRO A 192 -3.34 -28.89 20.04
CA PRO A 192 -2.47 -29.75 19.26
C PRO A 192 -3.09 -31.06 18.89
N LYS A 193 -4.05 -31.57 19.69
CA LYS A 193 -4.75 -32.83 19.33
C LYS A 193 -5.48 -32.76 18.02
N ASP A 194 -5.76 -31.53 17.56
CA ASP A 194 -6.52 -31.25 16.34
C ASP A 194 -5.68 -30.80 15.19
N TRP A 195 -4.38 -30.85 15.35
CA TRP A 195 -3.39 -30.60 14.30
C TRP A 195 -2.82 -31.91 13.80
N GLU A 196 -2.63 -32.01 12.48
CA GLU A 196 -2.01 -33.21 11.93
C GLU A 196 -0.62 -33.43 12.49
N ASP A 197 0.14 -32.36 12.68
CA ASP A 197 1.42 -32.40 13.34
C ASP A 197 1.32 -31.60 14.68
N PRO A 198 1.14 -32.31 15.79
CA PRO A 198 0.96 -31.59 17.01
C PRO A 198 2.25 -30.89 17.47
N ASP A 199 3.38 -31.23 16.88
CA ASP A 199 4.64 -30.65 17.19
C ASP A 199 4.97 -29.52 16.22
N SER A 200 3.98 -29.03 15.45
CA SER A 200 4.20 -28.07 14.41
C SER A 200 4.91 -26.82 14.92
N PRO A 201 5.89 -26.31 14.19
CA PRO A 201 6.45 -25.00 14.57
C PRO A 201 5.49 -23.88 14.40
N THR A 202 4.52 -24.05 13.54
CA THR A 202 3.48 -23.02 13.29
C THR A 202 2.63 -22.83 14.55
N LEU A 203 2.21 -23.95 15.17
CA LEU A 203 1.44 -23.85 16.39
C LEU A 203 2.32 -23.32 17.50
N LYS A 204 3.62 -23.61 17.54
CA LYS A 204 4.49 -23.06 18.54
C LYS A 204 4.66 -21.57 18.40
N VAL A 205 4.87 -21.07 17.19
CA VAL A 205 5.01 -19.64 17.00
C VAL A 205 3.70 -18.92 17.29
N LEU A 206 2.58 -19.52 16.98
CA LEU A 206 1.32 -18.94 17.37
C LEU A 206 1.22 -18.73 18.86
N GLY A 207 1.59 -19.74 19.65
CA GLY A 207 1.53 -19.59 21.09
C GLY A 207 2.48 -18.49 21.62
N VAL A 208 3.65 -18.41 21.02
CA VAL A 208 4.58 -17.35 21.41
C VAL A 208 4.05 -15.97 21.08
N VAL A 209 3.48 -15.78 19.90
CA VAL A 209 3.01 -14.47 19.51
C VAL A 209 1.79 -14.09 20.22
N ALA A 210 0.83 -15.04 20.38
CA ALA A 210 -0.35 -14.82 21.26
C ALA A 210 0.01 -14.50 22.68
N GLY A 211 0.91 -15.27 23.31
CA GLY A 211 1.38 -14.95 24.61
C GLY A 211 1.95 -13.58 24.71
N GLY A 212 2.74 -13.17 23.72
CA GLY A 212 3.39 -11.90 23.74
C GLY A 212 2.49 -10.73 23.49
N LEU A 213 1.43 -10.92 22.72
CA LEU A 213 0.52 -9.84 22.38
C LEU A 213 -0.69 -9.76 23.31
N VAL A 214 -1.32 -10.89 23.60
CA VAL A 214 -2.59 -10.94 24.35
C VAL A 214 -2.32 -11.25 25.83
N GLY A 215 -1.43 -12.18 26.12
CA GLY A 215 -1.18 -12.66 27.46
C GLY A 215 -2.35 -13.39 28.06
N ASN A 216 -2.38 -13.39 29.37
CA ASN A 216 -3.26 -14.25 30.15
C ASN A 216 -4.31 -13.45 30.89
N PRO A 217 -5.56 -13.89 30.90
CA PRO A 217 -6.60 -13.20 31.68
C PRO A 217 -6.47 -13.40 33.19
N GLN A 218 -5.76 -14.42 33.63
CA GLN A 218 -5.53 -14.69 35.05
C GLN A 218 -4.09 -15.00 35.23
N GLY A 219 -3.55 -14.77 36.44
CA GLY A 219 -2.22 -15.18 36.73
C GLY A 219 -1.18 -14.23 36.22
N GLU A 220 0.05 -14.71 36.08
CA GLU A 220 1.19 -13.95 35.71
C GLU A 220 0.90 -13.18 34.44
N ASN A 221 1.45 -11.98 34.36
CA ASN A 221 1.46 -11.22 33.14
C ASN A 221 2.62 -11.65 32.30
N VAL A 222 2.33 -12.11 31.11
CA VAL A 222 3.31 -12.60 30.15
C VAL A 222 3.39 -11.81 28.89
N ALA A 223 2.50 -10.86 28.68
CA ALA A 223 2.54 -10.03 27.45
C ALA A 223 3.65 -9.06 27.44
N MET A 224 4.15 -8.74 26.22
CA MET A 224 5.24 -7.84 26.01
C MET A 224 4.86 -6.38 26.04
N TYR A 225 3.62 -6.06 25.74
CA TYR A 225 3.13 -4.71 25.61
C TYR A 225 1.95 -4.48 26.55
N PRO A 226 2.20 -4.26 27.83
CA PRO A 226 1.10 -4.16 28.80
C PRO A 226 0.30 -2.92 28.59
N ILE A 227 -0.94 -2.98 29.08
CA ILE A 227 -1.85 -1.85 29.23
C ILE A 227 -2.16 -1.72 30.74
N ALA A 228 -1.92 -0.56 31.33
CA ALA A 228 -2.13 -0.41 32.76
C ALA A 228 -1.30 -1.43 33.53
N ASN A 229 -0.11 -1.74 33.04
CA ASN A 229 0.83 -2.64 33.65
C ASN A 229 0.42 -4.09 33.67
N VAL A 230 -0.61 -4.49 32.92
CA VAL A 230 -1.10 -5.84 32.91
C VAL A 230 -1.32 -6.31 31.47
N ASP A 231 -1.50 -7.62 31.33
CA ASP A 231 -1.70 -8.19 30.01
C ASP A 231 -2.99 -7.64 29.42
N PRO A 232 -3.02 -7.43 28.08
CA PRO A 232 -4.24 -7.01 27.39
C PRO A 232 -5.47 -7.89 27.70
N ALA A 233 -5.27 -9.21 27.85
CA ALA A 233 -6.38 -10.09 28.18
C ALA A 233 -7.11 -9.58 29.41
N LYS A 234 -6.40 -9.08 30.39
CA LYS A 234 -7.03 -8.62 31.62
C LYS A 234 -7.84 -7.34 31.39
N ILE A 235 -7.34 -6.46 30.52
CA ILE A 235 -8.09 -5.24 30.17
C ILE A 235 -9.35 -5.59 29.37
N ALA A 236 -9.24 -6.57 28.48
CA ALA A 236 -10.39 -6.96 27.69
C ALA A 236 -11.51 -7.38 28.63
N ALA A 237 -11.21 -8.09 29.72
CA ALA A 237 -12.23 -8.57 30.65
C ALA A 237 -12.90 -7.38 31.33
N ILE A 238 -12.20 -6.32 31.61
CA ILE A 238 -12.76 -5.07 32.25
C ILE A 238 -13.63 -4.38 31.22
N LEU A 239 -13.18 -4.21 30.00
CA LEU A 239 -13.95 -3.54 28.93
C LEU A 239 -15.28 -4.26 28.65
N ASN A 240 -15.26 -5.57 28.88
CA ASN A 240 -16.44 -6.40 28.63
C ASN A 240 -17.27 -6.71 29.86
N ALA A 241 -16.97 -6.12 31.00
CA ALA A 241 -17.72 -6.41 32.27
C ALA A 241 -19.14 -5.66 32.21
N ALA A 242 -20.17 -6.05 32.92
CA ALA A 242 -21.43 -5.15 33.13
C ALA A 242 -21.17 -4.00 34.07
N THR A 243 -20.50 -4.34 35.21
CA THR A 243 -20.16 -3.32 36.17
C THR A 243 -18.74 -3.51 36.49
N PRO A 244 -17.92 -2.84 35.74
CA PRO A 244 -16.49 -2.67 36.09
C PRO A 244 -16.29 -1.65 37.19
N PRO A 245 -15.11 -1.54 37.60
CA PRO A 245 -14.93 0.07 37.96
C PRO A 245 -15.45 1.15 36.86
N ALA A 246 -16.42 1.92 37.31
CA ALA A 246 -16.45 3.24 36.66
C ALA A 246 -15.02 3.89 36.68
N ASP A 247 -14.30 3.77 37.93
CA ASP A 247 -13.10 4.42 37.97
C ASP A 247 -12.22 3.73 37.00
N ALA A 248 -12.34 2.44 36.82
CA ALA A 248 -11.44 1.72 35.94
C ALA A 248 -11.63 2.15 34.49
N LEU A 249 -12.85 2.34 34.04
CA LEU A 249 -13.12 2.78 32.67
C LEU A 249 -12.62 4.14 32.37
N GLU A 250 -12.78 5.07 33.33
CA GLU A 250 -12.21 6.42 33.17
C GLU A 250 -10.74 6.38 33.14
N ARG A 251 -10.10 5.57 33.95
CA ARG A 251 -8.65 5.52 33.94
C ARG A 251 -8.16 4.91 32.64
N ILE A 252 -8.79 3.92 32.10
CA ILE A 252 -8.44 3.40 30.77
C ILE A 252 -8.60 4.49 29.72
N GLN A 253 -9.75 5.17 29.73
CA GLN A 253 -10.07 6.19 28.74
C GLN A 253 -9.06 7.34 28.72
N THR A 254 -8.73 7.88 29.89
CA THR A 254 -8.01 9.10 30.03
C THR A 254 -6.53 8.89 30.28
N LYS A 255 -6.13 7.78 30.86
CA LYS A 255 -4.75 7.52 31.25
C LYS A 255 -4.15 6.36 30.51
N TYR A 256 -4.63 5.16 30.73
CA TYR A 256 -3.92 3.97 30.32
C TYR A 256 -3.93 3.72 28.85
N TRP A 257 -5.08 3.90 28.18
CA TRP A 257 -5.03 3.74 26.73
C TRP A 257 -4.28 4.86 26.06
N PRO A 258 -4.43 6.13 26.46
CA PRO A 258 -3.58 7.16 25.92
C PRO A 258 -2.09 6.90 26.13
N GLU A 259 -1.73 6.31 27.28
CA GLU A 259 -0.32 6.00 27.50
C GLU A 259 0.16 4.87 26.58
N PHE A 260 -0.66 3.90 26.31
CA PHE A 260 -0.32 2.87 25.34
C PHE A 260 -0.14 3.44 23.96
N ILE A 261 -1.03 4.33 23.55
CA ILE A 261 -0.87 5.04 22.29
C ILE A 261 0.43 5.83 22.25
N ALA A 262 0.74 6.58 23.29
CA ALA A 262 1.95 7.39 23.30
C ALA A 262 3.15 6.50 23.12
N GLN A 263 3.14 5.33 23.72
CA GLN A 263 4.27 4.45 23.62
C GLN A 263 4.40 3.68 22.31
N TYR A 264 3.27 3.27 21.78
CA TYR A 264 3.26 2.22 20.73
C TYR A 264 2.62 2.62 19.42
N ASP A 265 2.09 3.83 19.29
CA ASP A 265 1.54 4.25 18.06
C ASP A 265 2.58 4.37 16.93
N GLY A 266 3.82 4.46 17.29
CA GLY A 266 4.94 4.44 16.39
C GLY A 266 5.59 3.09 16.13
N LEU A 267 4.97 2.01 16.64
CA LEU A 267 5.45 0.65 16.45
C LEU A 267 4.53 -0.11 15.53
N THR A 268 5.02 -0.70 14.46
CA THR A 268 4.19 -1.49 13.61
C THR A 268 3.95 -2.90 14.22
N LEU A 269 2.85 -3.50 13.74
CA LEU A 269 2.60 -4.89 14.10
C LEU A 269 3.75 -5.80 13.72
N GLY A 270 4.31 -5.63 12.55
CA GLY A 270 5.44 -6.45 12.16
C GLY A 270 6.65 -6.30 13.03
N ALA A 271 6.92 -5.07 13.48
CA ALA A 271 7.99 -4.83 14.41
C ALA A 271 7.72 -5.52 15.74
N ALA A 272 6.49 -5.44 16.22
CA ALA A 272 6.12 -6.07 17.47
C ALA A 272 6.27 -7.56 17.41
N VAL A 273 5.80 -8.19 16.30
CA VAL A 273 5.97 -9.62 16.15
C VAL A 273 7.47 -9.97 16.24
N ARG A 274 8.30 -9.24 15.56
CA ARG A 274 9.74 -9.54 15.56
C ARG A 274 10.33 -9.36 16.94
N GLU A 275 9.91 -8.36 17.71
CA GLU A 275 10.38 -8.22 19.07
C GLU A 275 10.01 -9.42 19.93
N ILE A 276 8.74 -9.87 19.84
CA ILE A 276 8.28 -11.00 20.58
C ILE A 276 9.06 -12.28 20.22
N VAL A 277 9.19 -12.53 18.93
CA VAL A 277 9.88 -13.73 18.45
C VAL A 277 11.34 -13.68 18.89
N THR A 278 12.00 -12.52 18.83
CA THR A 278 13.40 -12.40 19.25
C THR A 278 13.60 -12.81 20.69
N VAL A 279 12.78 -12.29 21.56
CA VAL A 279 12.92 -12.63 22.98
C VAL A 279 12.66 -14.12 23.17
N ALA A 280 11.65 -14.70 22.53
CA ALA A 280 11.33 -16.11 22.65
C ALA A 280 12.48 -16.98 22.16
N PHE A 281 13.07 -16.55 21.04
CA PHE A 281 14.18 -17.28 20.49
C PHE A 281 15.39 -17.22 21.43
N GLU A 282 15.65 -16.08 22.02
CA GLU A 282 16.78 -15.95 22.93
C GLU A 282 16.44 -16.77 24.14
N LYS A 283 15.26 -16.91 24.66
CA LYS A 283 14.99 -17.73 25.84
C LYS A 283 15.04 -19.22 25.53
N GLY A 284 14.99 -19.62 24.26
CA GLY A 284 14.89 -21.00 23.86
C GLY A 284 13.53 -21.61 23.72
N THR A 285 12.54 -20.75 23.80
CA THR A 285 11.16 -21.16 23.59
C THR A 285 10.87 -21.57 22.17
N LEU A 286 11.53 -20.90 21.23
CA LEU A 286 11.48 -21.30 19.85
C LEU A 286 12.88 -21.81 19.52
N PRO A 287 12.92 -22.94 18.94
CA PRO A 287 14.20 -23.50 18.55
C PRO A 287 14.69 -23.01 17.18
N PRO A 288 16.02 -23.21 16.89
CA PRO A 288 16.50 -22.92 15.58
C PRO A 288 15.66 -23.68 14.56
N VAL A 289 15.37 -23.03 13.45
CA VAL A 289 14.61 -23.57 12.33
C VAL A 289 15.59 -24.61 11.57
N ASP A 290 15.08 -25.74 11.24
CA ASP A 290 15.97 -26.78 10.51
C ASP A 290 17.22 -27.08 11.32
N GLY A 291 17.46 -26.28 12.31
CA GLY A 291 18.78 -26.13 12.94
C GLY A 291 19.89 -26.10 11.94
N VAL A 292 19.97 -25.04 11.16
CA VAL A 292 20.91 -24.93 10.00
C VAL A 292 20.85 -23.35 9.80
N LEU A 293 19.64 -22.82 9.85
CA LEU A 293 19.52 -21.38 9.76
C LEU A 293 20.24 -20.73 10.96
N ASP A 294 20.91 -19.56 10.74
CA ASP A 294 21.51 -18.80 11.81
C ASP A 294 20.44 -18.05 12.61
N VAL A 295 20.81 -17.31 13.66
CA VAL A 295 19.88 -16.69 14.58
C VAL A 295 18.90 -15.77 13.83
N ASP A 296 19.43 -14.91 13.03
CA ASP A 296 18.55 -13.95 12.37
C ASP A 296 17.68 -14.58 11.32
N GLU A 297 18.18 -15.60 10.62
CA GLU A 297 17.35 -16.33 9.66
C GLU A 297 16.24 -17.07 10.39
N SER A 298 16.51 -17.68 11.54
CA SER A 298 15.49 -18.32 12.28
C SER A 298 14.43 -17.32 12.70
N ILE A 299 14.81 -16.25 13.35
CA ILE A 299 13.85 -15.27 13.80
C ILE A 299 13.03 -14.79 12.63
N SER A 300 13.66 -14.50 11.49
CA SER A 300 12.96 -13.97 10.35
C SER A 300 11.98 -15.01 9.79
N TYR A 301 12.38 -16.26 9.72
CA TYR A 301 11.53 -17.34 9.28
C TYR A 301 10.27 -17.36 10.19
N TYR A 302 10.45 -17.34 11.52
CA TYR A 302 9.31 -17.38 12.40
C TYR A 302 8.41 -16.18 12.26
N VAL A 303 8.98 -14.99 12.11
CA VAL A 303 8.17 -13.79 11.92
C VAL A 303 7.28 -13.92 10.68
N GLU A 304 7.88 -14.41 9.63
CA GLU A 304 7.20 -14.52 8.33
C GLU A 304 6.20 -15.72 8.31
N LEU A 305 6.53 -16.80 9.02
CA LEU A 305 5.62 -17.93 9.19
C LEU A 305 4.39 -17.45 9.95
N PHE A 306 4.55 -16.78 11.10
CA PHE A 306 3.41 -16.23 11.77
C PHE A 306 2.66 -15.24 10.88
N GLY A 307 3.40 -14.45 10.14
CA GLY A 307 2.78 -13.51 9.25
C GLY A 307 1.82 -14.15 8.31
N ARG A 308 2.15 -15.30 7.74
CA ARG A 308 1.23 -15.93 6.84
C ARG A 308 0.10 -16.65 7.55
N PHE A 309 0.31 -17.09 8.79
CA PHE A 309 -0.65 -17.87 9.51
C PHE A 309 -1.76 -17.05 10.08
N GLY A 310 -1.46 -16.02 10.86
CA GLY A 310 -2.46 -15.10 11.42
C GLY A 310 -3.08 -15.41 12.74
N PHE A 311 -4.14 -14.65 13.00
CA PHE A 311 -4.85 -14.55 14.25
C PHE A 311 -6.22 -15.20 14.25
N GLY A 312 -6.61 -15.83 13.16
CA GLY A 312 -7.87 -16.50 13.02
C GLY A 312 -8.61 -16.13 11.77
N THR A 313 -8.13 -15.17 10.96
CA THR A 313 -8.74 -14.79 9.71
C THR A 313 -7.74 -14.80 8.56
N GLY A 314 -6.66 -15.59 8.71
CA GLY A 314 -5.65 -15.71 7.68
C GLY A 314 -4.46 -14.79 7.93
N GLY A 315 -3.47 -14.82 7.06
CA GLY A 315 -2.28 -14.10 7.40
C GLY A 315 -2.47 -12.63 7.56
N PHE A 316 -1.86 -12.06 8.59
CA PHE A 316 -1.72 -10.64 8.79
C PHE A 316 -0.44 -10.04 8.39
N LYS A 317 0.44 -10.83 7.78
CA LYS A 317 1.63 -10.30 7.07
C LYS A 317 1.29 -9.06 6.26
N PRO A 318 0.25 -9.08 5.41
CA PRO A 318 -0.01 -7.88 4.58
C PRO A 318 -0.39 -6.68 5.43
N LEU A 319 -0.86 -6.90 6.64
CA LEU A 319 -1.21 -5.90 7.65
C LEU A 319 -0.10 -5.57 8.60
N TYR A 320 1.12 -5.98 8.32
CA TYR A 320 2.23 -5.76 9.27
C TYR A 320 2.58 -4.30 9.50
N ASN A 321 2.16 -3.41 8.57
CA ASN A 321 2.43 -1.98 8.76
C ASN A 321 1.40 -1.26 9.62
N ILE A 322 0.27 -1.90 10.00
CA ILE A 322 -0.61 -1.26 10.93
C ILE A 322 0.10 -0.98 12.22
N SER A 323 -0.33 0.05 12.97
CA SER A 323 0.17 0.27 14.27
C SER A 323 -0.16 -0.90 15.21
N LEU A 324 0.70 -1.13 16.17
CA LEU A 324 0.32 -2.05 17.25
C LEU A 324 -0.95 -1.64 17.95
N VAL A 325 -1.18 -0.30 18.04
CA VAL A 325 -2.43 0.18 18.66
C VAL A 325 -3.65 -0.34 17.89
N GLU A 326 -3.60 -0.31 16.59
CA GLU A 326 -4.69 -0.83 15.79
C GLU A 326 -4.89 -2.31 15.98
N MET A 327 -3.83 -3.08 15.91
CA MET A 327 -3.98 -4.51 16.21
C MET A 327 -4.49 -4.78 17.57
N MET A 328 -4.09 -3.99 18.55
CA MET A 328 -4.51 -4.23 19.94
C MET A 328 -6.01 -3.98 20.08
N ARG A 329 -6.58 -3.05 19.36
CA ARG A 329 -8.04 -2.91 19.37
C ARG A 329 -8.73 -4.20 19.00
N LEU A 330 -8.23 -4.89 17.97
CA LEU A 330 -8.79 -6.14 17.51
C LEU A 330 -8.57 -7.29 18.46
N ILE A 331 -7.40 -7.30 19.12
CA ILE A 331 -7.10 -8.27 20.18
C ILE A 331 -8.05 -8.13 21.34
N LEU A 332 -8.28 -6.91 21.80
CA LEU A 332 -9.21 -6.66 22.94
C LEU A 332 -10.60 -7.12 22.61
N TRP A 333 -11.01 -6.98 21.36
CA TRP A 333 -12.35 -7.28 20.86
C TRP A 333 -12.57 -8.74 20.58
N ASP A 334 -11.51 -9.55 20.64
CA ASP A 334 -11.62 -10.97 20.20
C ASP A 334 -12.17 -11.05 18.80
N TYR A 335 -11.60 -10.25 17.89
CA TYR A 335 -12.23 -9.97 16.58
C TYR A 335 -12.46 -11.18 15.75
N SER A 336 -11.67 -12.23 15.89
CA SER A 336 -11.69 -13.35 14.94
C SER A 336 -12.84 -14.33 15.17
N ASN A 337 -13.51 -14.23 16.33
CA ASN A 337 -14.59 -15.14 16.66
C ASN A 337 -15.87 -14.64 15.99
N GLU A 338 -16.14 -15.09 14.79
CA GLU A 338 -17.15 -14.45 13.89
C GLU A 338 -18.26 -15.35 13.46
N TYR A 339 -19.36 -14.72 13.08
CA TYR A 339 -20.59 -15.37 12.70
C TYR A 339 -21.12 -14.79 11.41
N THR A 340 -22.07 -15.52 10.79
CA THR A 340 -22.84 -15.07 9.70
C THR A 340 -24.11 -14.42 10.13
N LEU A 341 -24.82 -13.78 9.19
CA LEU A 341 -26.13 -13.19 9.44
C LEU A 341 -27.25 -14.09 8.94
N PRO A 342 -28.46 -13.93 9.42
CA PRO A 342 -29.60 -14.81 9.04
C PRO A 342 -30.22 -14.35 7.74
N VAL A 343 -29.49 -14.47 6.62
CA VAL A 343 -29.80 -13.90 5.33
C VAL A 343 -29.30 -14.81 4.28
N THR A 344 -29.80 -14.64 3.07
CA THR A 344 -29.23 -15.14 1.84
C THR A 344 -28.11 -14.21 1.33
N GLU A 345 -28.31 -12.92 1.49
CA GLU A 345 -27.38 -11.92 1.04
C GLU A 345 -27.31 -10.85 2.14
N ASN A 346 -26.06 -10.46 2.48
CA ASN A 346 -25.88 -9.51 3.58
C ASN A 346 -26.49 -8.18 3.35
N VAL A 347 -26.69 -7.77 2.10
CA VAL A 347 -27.36 -6.55 1.78
C VAL A 347 -28.76 -6.52 2.38
N GLU A 348 -29.38 -7.68 2.56
CA GLU A 348 -30.70 -7.73 3.22
C GLU A 348 -30.71 -7.07 4.57
N PHE A 349 -29.62 -7.16 5.31
CA PHE A 349 -29.54 -6.49 6.59
C PHE A 349 -29.76 -5.00 6.46
N ILE A 350 -29.05 -4.37 5.55
CA ILE A 350 -29.15 -2.95 5.37
C ILE A 350 -30.48 -2.53 4.76
N ARG A 351 -30.99 -3.34 3.85
CA ARG A 351 -32.34 -3.08 3.32
C ARG A 351 -33.40 -3.15 4.42
N ASN A 352 -33.31 -4.15 5.27
CA ASN A 352 -34.26 -4.30 6.33
C ASN A 352 -34.17 -3.14 7.30
N LEU A 353 -32.98 -2.66 7.60
CA LEU A 353 -32.81 -1.52 8.50
C LEU A 353 -33.45 -0.27 7.87
N PHE A 354 -33.29 -0.09 6.57
CA PHE A 354 -33.93 1.03 5.87
C PHE A 354 -35.43 0.98 5.99
N LEU A 355 -36.02 -0.19 5.79
CA LEU A 355 -37.45 -0.34 5.94
C LEU A 355 -37.86 -0.14 7.38
N LYS A 356 -37.12 -0.63 8.33
CA LYS A 356 -37.44 -0.47 9.71
C LYS A 356 -37.39 1.04 10.10
N ALA A 357 -36.42 1.78 9.58
CA ALA A 357 -36.34 3.22 9.82
C ALA A 357 -37.66 3.90 9.50
N GLN A 358 -38.20 3.55 8.34
CA GLN A 358 -39.47 4.15 7.87
C GLN A 358 -40.63 3.71 8.72
N ASN A 359 -40.64 2.47 9.16
CA ASN A 359 -41.67 1.98 10.07
C ASN A 359 -41.66 2.65 11.40
N VAL A 360 -40.47 2.77 12.00
CA VAL A 360 -40.36 3.38 13.31
C VAL A 360 -40.62 4.82 13.26
N GLY A 361 -40.37 5.55 12.22
CA GLY A 361 -40.65 6.94 12.19
C GLY A 361 -42.11 7.19 12.34
N ALA A 362 -42.97 6.17 12.20
CA ALA A 362 -44.42 6.28 12.60
C ALA A 362 -45.08 7.46 11.89
N GLY A 363 -44.81 7.70 10.60
CA GLY A 363 -45.48 8.80 9.85
C GLY A 363 -44.69 10.17 9.96
N LYS A 364 -43.86 10.31 10.95
CA LYS A 364 -43.17 11.57 11.22
C LYS A 364 -41.86 11.69 10.49
N LEU A 365 -41.40 10.64 9.85
CA LEU A 365 -40.25 10.63 8.99
C LEU A 365 -40.70 10.40 7.57
N VAL A 366 -40.26 11.27 6.66
CA VAL A 366 -40.47 11.14 5.22
C VAL A 366 -39.10 11.05 4.60
N VAL A 367 -38.89 10.05 3.73
CA VAL A 367 -37.63 9.81 3.12
C VAL A 367 -37.77 9.81 1.62
N GLN A 368 -36.88 10.53 0.93
CA GLN A 368 -36.77 10.49 -0.52
C GLN A 368 -35.35 10.13 -0.89
N VAL A 369 -35.21 9.28 -1.87
CA VAL A 369 -33.93 8.85 -2.40
C VAL A 369 -33.60 9.62 -3.65
N ARG A 370 -32.37 10.13 -3.72
CA ARG A 370 -31.84 10.79 -4.89
C ARG A 370 -30.70 9.99 -5.47
N GLN A 371 -30.79 9.60 -6.73
CA GLN A 371 -29.66 8.94 -7.43
C GLN A 371 -28.76 10.05 -7.98
N GLU A 372 -27.99 10.62 -7.06
CA GLU A 372 -27.16 11.75 -7.35
C GLU A 372 -25.85 11.59 -6.57
N ARG A 373 -24.78 12.04 -7.22
CA ARG A 373 -23.45 12.11 -6.62
C ARG A 373 -23.25 13.52 -6.05
N VAL A 374 -23.02 13.59 -4.77
CA VAL A 374 -22.65 14.85 -4.16
C VAL A 374 -21.22 15.21 -4.50
N ALA A 375 -21.04 16.42 -5.04
CA ALA A 375 -19.74 16.92 -5.40
C ALA A 375 -19.13 17.89 -4.42
N ASN A 376 -19.97 18.66 -3.68
CA ASN A 376 -19.54 19.65 -2.75
C ASN A 376 -20.53 19.84 -1.66
N ALA A 377 -20.01 20.14 -0.46
CA ALA A 377 -20.79 20.59 0.66
C ALA A 377 -20.20 21.88 1.17
N CYS A 378 -21.01 22.77 1.74
CA CYS A 378 -20.53 23.99 2.37
C CYS A 378 -21.62 24.50 3.24
N HIS A 379 -21.30 25.47 4.06
CA HIS A 379 -22.34 26.35 4.67
C HIS A 379 -22.40 27.64 3.84
N SER A 380 -23.59 28.10 3.54
CA SER A 380 -23.67 29.38 2.80
C SER A 380 -24.94 30.09 3.08
N GLY A 381 -24.91 31.39 2.71
CA GLY A 381 -26.07 32.22 2.73
C GLY A 381 -26.45 32.65 4.11
N THR A 382 -27.64 33.24 4.21
CA THR A 382 -28.13 33.84 5.43
C THR A 382 -29.51 33.30 5.84
N ALA A 383 -30.04 32.32 5.11
CA ALA A 383 -31.36 31.75 5.35
C ALA A 383 -31.28 30.81 6.51
N SER A 384 -32.40 30.31 6.94
CA SER A 384 -32.43 29.35 8.01
C SER A 384 -31.64 28.05 7.76
N ALA A 385 -31.84 27.47 6.61
CA ALA A 385 -31.12 26.31 6.14
C ALA A 385 -29.87 26.81 5.41
N ARG A 386 -28.72 26.47 5.96
CA ARG A 386 -27.46 26.91 5.35
C ARG A 386 -26.55 25.80 4.97
N ALA A 387 -26.88 24.56 5.25
CA ALA A 387 -26.01 23.40 4.93
C ALA A 387 -26.31 22.95 3.49
N GLN A 388 -25.45 23.32 2.57
CA GLN A 388 -25.62 23.16 1.13
C GLN A 388 -24.96 21.90 0.61
N LEU A 389 -25.66 21.24 -0.31
CA LEU A 389 -25.14 20.15 -1.10
C LEU A 389 -25.34 20.39 -2.55
N LEU A 390 -24.23 20.30 -3.27
CA LEU A 390 -24.20 20.40 -4.75
C LEU A 390 -23.99 18.97 -5.31
N SER A 391 -24.86 18.52 -6.18
CA SER A 391 -24.85 17.18 -6.68
C SER A 391 -25.13 17.14 -8.16
N TYR A 392 -24.80 15.98 -8.74
CA TYR A 392 -25.07 15.68 -10.17
C TYR A 392 -25.86 14.39 -10.27
N ASP A 393 -26.88 14.40 -11.12
CA ASP A 393 -27.64 13.20 -11.38
C ASP A 393 -26.95 12.33 -12.40
N SER A 394 -27.59 11.21 -12.77
CA SER A 394 -26.97 10.22 -13.62
C SER A 394 -26.71 10.69 -15.03
N HIS A 395 -27.28 11.81 -15.47
CA HIS A 395 -26.95 12.40 -16.74
C HIS A 395 -26.24 13.72 -16.57
N ASN A 396 -25.59 13.88 -15.42
CA ASN A 396 -24.73 14.97 -15.12
C ASN A 396 -25.35 16.35 -14.93
N ALA A 397 -26.67 16.42 -14.78
CA ALA A 397 -27.36 17.67 -14.46
C ALA A 397 -27.08 18.01 -12.98
N VAL A 398 -26.85 19.31 -12.74
CA VAL A 398 -26.52 19.81 -11.44
C VAL A 398 -27.77 20.07 -10.63
N HIS A 399 -27.66 19.91 -9.34
CA HIS A 399 -28.69 20.19 -8.35
C HIS A 399 -28.10 20.79 -7.14
N SER A 400 -28.73 21.76 -6.51
CA SER A 400 -28.32 22.34 -5.25
C SER A 400 -29.46 22.38 -4.27
N GLU A 401 -29.21 22.04 -3.04
CA GLU A 401 -30.21 22.07 -2.01
C GLU A 401 -29.58 22.43 -0.69
N ALA A 402 -30.34 23.18 0.14
CA ALA A 402 -29.89 23.58 1.48
C ALA A 402 -30.76 22.81 2.50
N TYR A 403 -30.11 22.46 3.58
CA TYR A 403 -30.64 21.66 4.62
C TYR A 403 -30.39 22.30 5.99
N ASP A 404 -31.14 21.85 6.99
CA ASP A 404 -30.88 22.20 8.39
C ASP A 404 -29.63 21.49 8.92
N PHE A 405 -29.51 20.20 8.60
CA PHE A 405 -28.37 19.37 9.02
C PHE A 405 -28.07 18.39 7.94
N VAL A 406 -26.81 17.96 7.87
CA VAL A 406 -26.35 17.02 6.90
C VAL A 406 -25.48 15.95 7.59
N ILE A 407 -25.70 14.69 7.27
CA ILE A 407 -24.80 13.63 7.68
C ILE A 407 -24.11 13.13 6.40
N LEU A 408 -22.79 13.25 6.40
CA LEU A 408 -21.92 12.81 5.31
C LEU A 408 -21.46 11.43 5.62
N ALA A 409 -22.16 10.45 5.05
CA ALA A 409 -22.02 9.03 5.38
C ALA A 409 -21.26 8.29 4.26
N VAL A 410 -20.08 8.78 3.96
CA VAL A 410 -19.24 8.23 2.92
C VAL A 410 -17.82 8.11 3.50
N PRO A 411 -17.03 7.12 3.03
CA PRO A 411 -15.69 6.97 3.52
C PRO A 411 -14.74 8.00 2.98
N HIS A 412 -13.51 8.02 3.55
CA HIS A 412 -12.69 9.22 3.52
C HIS A 412 -12.31 9.68 2.14
N ASP A 413 -11.94 8.77 1.25
CA ASP A 413 -11.53 9.22 -0.13
C ASP A 413 -12.72 9.74 -0.89
N GLN A 414 -13.94 9.27 -0.62
CA GLN A 414 -15.15 9.80 -1.23
C GLN A 414 -15.54 11.13 -0.59
N LEU A 415 -15.20 11.34 0.68
CA LEU A 415 -15.55 12.61 1.38
C LEU A 415 -14.61 13.70 0.94
N THR A 416 -13.33 13.43 0.69
CA THR A 416 -12.34 14.44 0.37
C THR A 416 -12.83 15.47 -0.65
N PRO A 417 -13.27 15.09 -1.86
CA PRO A 417 -13.66 16.11 -2.82
C PRO A 417 -14.81 16.95 -2.39
N ILE A 418 -15.66 16.43 -1.53
CA ILE A 418 -16.83 17.13 -1.06
C ILE A 418 -16.51 18.22 -0.07
N VAL A 419 -15.41 18.08 0.72
CA VAL A 419 -15.16 18.92 1.85
C VAL A 419 -13.88 19.74 1.74
N SER A 420 -13.04 19.48 0.75
CA SER A 420 -11.65 20.00 0.65
C SER A 420 -11.39 21.02 -0.39
N ARG A 421 -12.36 21.41 -1.21
CA ARG A 421 -12.12 22.25 -2.34
C ARG A 421 -12.67 23.67 -2.22
N SER A 422 -13.20 24.01 -1.05
CA SER A 422 -13.83 25.32 -0.73
C SER A 422 -12.91 26.15 0.11
N GLY A 423 -11.70 25.77 0.36
CA GLY A 423 -10.83 26.47 1.32
C GLY A 423 -11.30 26.26 2.74
N PHE A 424 -10.77 27.14 3.61
CA PHE A 424 -10.74 26.86 5.06
C PHE A 424 -11.28 27.99 5.90
N GLU A 425 -11.95 28.95 5.26
CA GLU A 425 -12.45 30.13 6.01
C GLU A 425 -13.56 30.82 5.23
N HIS A 426 -14.08 31.92 5.75
CA HIS A 426 -15.12 32.62 5.01
C HIS A 426 -14.64 33.01 3.64
N ALA A 427 -15.53 32.89 2.67
CA ALA A 427 -15.32 33.40 1.32
C ALA A 427 -16.59 34.13 0.86
N ALA A 428 -16.47 35.32 0.27
CA ALA A 428 -17.62 36.04 -0.15
C ALA A 428 -18.45 35.31 -1.20
N SER A 429 -17.79 34.66 -2.15
CA SER A 429 -18.50 33.93 -3.17
C SER A 429 -17.59 32.86 -3.71
N GLN A 430 -18.15 31.70 -4.02
CA GLN A 430 -17.45 30.62 -4.71
C GLN A 430 -18.34 29.95 -5.70
N ASN A 431 -17.77 29.55 -6.83
CA ASN A 431 -18.46 28.81 -7.88
C ASN A 431 -18.04 27.34 -7.72
N LEU A 432 -18.84 26.57 -7.00
CA LEU A 432 -18.46 25.22 -6.66
C LEU A 432 -19.02 24.22 -7.66
N GLY A 433 -18.37 23.07 -7.72
CA GLY A 433 -18.72 21.98 -8.56
C GLY A 433 -17.56 21.36 -9.29
N ASP A 434 -17.88 20.47 -10.20
CA ASP A 434 -16.87 19.67 -10.89
C ASP A 434 -16.46 20.34 -12.20
N ALA A 435 -15.91 21.54 -12.08
CA ALA A 435 -15.56 22.32 -13.25
C ALA A 435 -14.55 21.64 -14.13
N GLY A 436 -13.62 20.88 -13.56
CA GLY A 436 -12.63 20.24 -14.41
C GLY A 436 -13.19 19.14 -15.26
N LEU A 437 -14.33 18.58 -14.88
CA LEU A 437 -15.07 17.58 -15.64
C LEU A 437 -15.90 18.23 -16.72
N GLY A 438 -15.99 19.54 -16.77
CA GLY A 438 -16.89 20.23 -17.66
C GLY A 438 -18.29 20.39 -17.20
N LEU A 439 -18.54 20.09 -15.92
CA LEU A 439 -19.85 20.11 -15.35
C LEU A 439 -20.19 21.52 -14.83
N GLU A 440 -21.47 21.78 -14.67
CA GLU A 440 -21.97 23.09 -14.27
C GLU A 440 -21.62 23.37 -12.82
N THR A 441 -21.21 24.58 -12.55
CA THR A 441 -20.97 25.03 -11.21
C THR A 441 -22.18 25.82 -10.69
N HIS A 442 -22.17 26.06 -9.40
CA HIS A 442 -23.19 26.81 -8.67
C HIS A 442 -22.51 27.84 -7.85
N THR A 443 -23.01 29.07 -7.87
CA THR A 443 -22.47 30.15 -7.05
C THR A 443 -23.11 30.14 -5.66
N TYR A 444 -22.27 30.01 -4.64
CA TYR A 444 -22.66 30.15 -3.24
C TYR A 444 -22.05 31.44 -2.74
N ASN A 445 -22.76 32.11 -1.85
CA ASN A 445 -22.34 33.38 -1.24
C ASN A 445 -22.25 33.29 0.24
N GLN A 446 -21.31 34.00 0.86
CA GLN A 446 -21.06 33.96 2.28
C GLN A 446 -20.78 32.54 2.71
N VAL A 447 -19.72 31.97 2.17
CA VAL A 447 -19.42 30.54 2.19
C VAL A 447 -18.45 30.22 3.29
N TYR A 448 -18.76 29.16 4.06
CA TYR A 448 -17.84 28.59 5.02
C TYR A 448 -17.68 27.11 4.70
N PRO A 449 -16.54 26.56 5.16
CA PRO A 449 -16.32 25.12 4.95
C PRO A 449 -17.44 24.32 5.63
N PRO A 450 -17.69 23.12 5.06
CA PRO A 450 -18.70 22.27 5.70
C PRO A 450 -18.21 21.69 7.01
N LEU A 451 -16.95 21.30 7.15
CA LEU A 451 -16.45 20.68 8.35
C LEU A 451 -15.88 21.78 9.23
N LEU A 452 -16.82 22.58 9.81
CA LEU A 452 -16.49 23.88 10.38
C LEU A 452 -16.15 23.78 11.84
N LEU A 453 -14.87 23.69 12.14
CA LEU A 453 -14.38 23.65 13.49
C LEU A 453 -14.07 25.00 14.11
N SER A 454 -13.97 26.00 13.25
CA SER A 454 -13.73 27.36 13.72
C SER A 454 -14.31 28.35 12.80
N ASP A 455 -14.99 29.33 13.43
CA ASP A 455 -15.11 30.73 12.95
C ASP A 455 -13.83 31.57 12.90
N SER A 456 -12.70 31.16 13.47
CA SER A 456 -11.57 32.17 13.61
C SER A 456 -10.40 31.44 12.87
N SER A 457 -9.87 30.31 13.36
CA SER A 457 -8.91 29.34 12.70
C SER A 457 -8.92 28.73 11.33
N PRO A 458 -8.35 29.40 10.26
CA PRO A 458 -8.37 28.40 9.16
C PRO A 458 -7.68 27.07 9.58
N ALA A 459 -6.66 27.05 10.48
CA ALA A 459 -5.87 25.84 10.74
C ALA A 459 -6.78 24.76 11.29
N ALA A 460 -7.74 25.06 12.15
CA ALA A 460 -8.63 24.04 12.69
C ALA A 460 -9.47 23.37 11.59
N ASN A 461 -9.94 24.21 10.66
CA ASN A 461 -10.71 23.71 9.56
C ASN A 461 -9.81 22.87 8.64
N ALA A 462 -8.57 23.30 8.44
CA ALA A 462 -7.62 22.54 7.63
C ALA A 462 -7.20 21.27 8.32
N ARG A 463 -7.11 21.20 9.61
CA ARG A 463 -6.70 19.99 10.30
C ARG A 463 -7.67 18.87 10.05
N ILE A 464 -8.99 19.11 10.19
CA ILE A 464 -9.96 18.04 9.95
C ILE A 464 -9.93 17.59 8.52
N VAL A 465 -9.86 18.52 7.54
CA VAL A 465 -9.85 18.14 6.13
C VAL A 465 -8.62 17.35 5.80
N THR A 466 -7.44 17.87 6.17
CA THR A 466 -6.19 17.19 5.85
C THR A 466 -6.11 15.85 6.52
N ALA A 467 -6.61 15.68 7.75
CA ALA A 467 -6.62 14.39 8.40
C ALA A 467 -7.45 13.42 7.60
N ILE A 468 -8.68 13.78 7.21
CA ILE A 468 -9.55 12.90 6.45
C ILE A 468 -8.87 12.42 5.23
N GLY A 469 -8.25 13.34 4.50
CA GLY A 469 -7.70 13.02 3.21
C GLY A 469 -6.51 12.10 3.24
N GLN A 470 -5.84 12.01 4.37
CA GLN A 470 -4.65 11.19 4.57
C GLN A 470 -4.88 9.93 5.36
N LEU A 471 -6.13 9.58 5.69
CA LEU A 471 -6.40 8.30 6.30
C LEU A 471 -6.00 7.20 5.32
N HIS A 472 -5.62 6.07 5.83
CA HIS A 472 -5.19 4.95 4.97
C HIS A 472 -6.35 4.02 4.68
N MET A 473 -6.69 3.95 3.38
CA MET A 473 -7.64 2.98 2.91
C MET A 473 -6.92 1.69 2.53
N ALA A 474 -7.10 0.62 3.27
CA ALA A 474 -6.50 -0.63 2.96
C ALA A 474 -7.03 -1.13 1.65
N ARG A 475 -6.17 -1.71 0.86
CA ARG A 475 -6.48 -2.31 -0.44
C ARG A 475 -6.95 -3.69 -0.30
N SER A 476 -7.95 -4.10 -1.10
CA SER A 476 -8.50 -5.44 -1.01
C SER A 476 -9.17 -5.87 -2.26
N SER A 477 -9.11 -7.16 -2.54
CA SER A 477 -9.76 -7.77 -3.67
C SER A 477 -10.29 -9.12 -3.32
N LYS A 478 -11.36 -9.55 -3.98
CA LYS A 478 -11.92 -10.89 -3.83
C LYS A 478 -12.14 -11.53 -5.20
N VAL A 479 -11.55 -12.69 -5.39
CA VAL A 479 -11.71 -13.54 -6.58
C VAL A 479 -12.64 -14.66 -6.21
N PHE A 480 -13.75 -14.83 -6.96
CA PHE A 480 -14.75 -15.82 -6.73
C PHE A 480 -15.02 -16.68 -7.99
N ALA A 481 -15.48 -17.87 -7.73
CA ALA A 481 -16.02 -18.77 -8.76
C ALA A 481 -17.08 -19.65 -8.14
N THR A 482 -17.81 -20.37 -8.95
CA THR A 482 -18.84 -21.28 -8.49
C THR A 482 -18.39 -22.69 -8.70
N VAL A 483 -18.50 -23.52 -7.67
CA VAL A 483 -18.06 -24.91 -7.69
C VAL A 483 -19.13 -25.78 -7.09
N LYS A 484 -19.28 -26.98 -7.66
CA LYS A 484 -20.17 -27.96 -7.00
C LYS A 484 -19.60 -28.33 -5.68
N THR A 485 -20.42 -28.32 -4.63
CA THR A 485 -19.94 -28.68 -3.29
C THR A 485 -19.38 -30.07 -3.26
N ALA A 486 -19.91 -30.96 -4.11
CA ALA A 486 -19.38 -32.32 -4.21
C ALA A 486 -17.95 -32.40 -4.69
N ALA A 487 -17.42 -31.34 -5.25
CA ALA A 487 -15.97 -31.33 -5.56
C ALA A 487 -15.10 -31.60 -4.36
N LEU A 488 -15.58 -31.19 -3.18
CA LEU A 488 -14.88 -31.41 -1.94
C LEU A 488 -14.74 -32.88 -1.54
N ASP A 489 -15.52 -33.73 -2.21
CA ASP A 489 -15.49 -35.15 -1.93
C ASP A 489 -14.59 -35.88 -2.92
N GLN A 490 -13.91 -35.22 -3.81
CA GLN A 490 -12.91 -35.85 -4.71
C GLN A 490 -11.81 -36.52 -3.84
N PRO A 491 -11.16 -37.57 -4.36
CA PRO A 491 -10.21 -38.31 -3.52
C PRO A 491 -8.98 -37.50 -3.19
N TRP A 492 -8.63 -36.53 -4.02
CA TRP A 492 -7.49 -35.69 -3.80
C TRP A 492 -7.71 -34.49 -2.90
N VAL A 493 -8.94 -34.30 -2.41
CA VAL A 493 -9.25 -33.25 -1.40
C VAL A 493 -8.98 -33.88 -0.05
N PRO A 494 -8.00 -33.35 0.70
CA PRO A 494 -7.73 -33.89 2.02
C PRO A 494 -8.89 -33.73 2.97
N GLN A 495 -8.94 -34.63 3.96
CA GLN A 495 -9.92 -34.59 5.00
C GLN A 495 -9.25 -34.51 6.32
N TRP A 496 -10.00 -33.98 7.29
CA TRP A 496 -9.65 -33.91 8.77
C TRP A 496 -10.83 -34.62 9.44
N ARG A 497 -10.57 -35.79 10.01
CA ARG A 497 -11.61 -36.57 10.64
C ARG A 497 -12.87 -36.66 9.78
N GLY A 498 -12.63 -37.04 8.52
CA GLY A 498 -13.80 -37.26 7.64
C GLY A 498 -14.34 -35.99 6.99
N GLU A 499 -13.92 -34.75 7.36
CA GLU A 499 -14.52 -33.52 6.81
C GLU A 499 -13.48 -32.93 5.84
N PRO A 500 -13.92 -32.56 4.62
CA PRO A 500 -12.96 -31.97 3.74
C PRO A 500 -12.44 -30.64 4.22
N ILE A 501 -11.19 -30.34 3.80
CA ILE A 501 -10.60 -29.02 3.96
C ILE A 501 -11.42 -27.98 3.18
N LYS A 502 -11.80 -26.89 3.87
CA LYS A 502 -12.66 -25.84 3.31
C LYS A 502 -12.08 -24.45 3.45
N ALA A 503 -10.89 -24.33 3.99
CA ALA A 503 -10.18 -23.03 4.08
C ALA A 503 -8.72 -23.38 3.79
N VAL A 504 -8.08 -22.50 3.04
CA VAL A 504 -6.68 -22.65 2.65
C VAL A 504 -6.00 -21.32 2.79
N VAL A 505 -4.95 -21.26 3.59
CA VAL A 505 -4.16 -20.04 3.83
C VAL A 505 -2.78 -20.31 3.29
N SER A 506 -2.33 -19.49 2.39
CA SER A 506 -1.12 -19.83 1.62
C SER A 506 -0.33 -18.63 1.22
N ASP A 507 0.96 -18.86 0.96
CA ASP A 507 1.83 -17.90 0.38
C ASP A 507 1.99 -18.02 -1.15
N SER A 508 0.99 -18.61 -1.78
CA SER A 508 0.96 -18.80 -3.24
C SER A 508 0.64 -17.55 -4.05
N GLY A 509 0.27 -16.47 -3.34
CA GLY A 509 -0.27 -15.27 -3.97
C GLY A 509 -1.77 -15.16 -3.73
N LEU A 510 -2.48 -16.27 -3.44
CA LEU A 510 -3.90 -16.29 -3.24
C LEU A 510 -4.26 -15.76 -1.83
N ALA A 511 -3.34 -15.92 -0.92
CA ALA A 511 -3.45 -15.47 0.48
C ALA A 511 -4.42 -16.29 1.32
N ALA A 512 -5.74 -16.24 1.06
CA ALA A 512 -6.76 -16.90 1.84
C ALA A 512 -7.86 -17.29 0.89
N SER A 513 -8.29 -18.52 1.01
CA SER A 513 -9.26 -19.12 0.11
C SER A 513 -10.27 -19.90 0.96
N TYR A 514 -11.53 -19.90 0.53
CA TYR A 514 -12.63 -20.47 1.27
C TYR A 514 -13.60 -21.15 0.30
N VAL A 515 -14.17 -22.26 0.68
CA VAL A 515 -15.20 -22.95 -0.13
C VAL A 515 -16.49 -22.88 0.67
N VAL A 516 -17.28 -21.85 0.41
CA VAL A 516 -18.38 -21.48 1.31
C VAL A 516 -19.65 -22.08 0.74
N PRO A 517 -20.41 -22.87 1.52
CA PRO A 517 -21.66 -23.42 0.95
C PRO A 517 -22.58 -22.29 0.53
N SER A 518 -23.33 -22.51 -0.55
CA SER A 518 -24.33 -21.54 -1.01
C SER A 518 -25.32 -21.32 0.10
N PRO A 519 -25.73 -20.07 0.31
CA PRO A 519 -26.79 -19.78 1.25
C PRO A 519 -28.19 -19.96 0.68
N ILE A 520 -28.25 -20.26 -0.61
CA ILE A 520 -29.56 -20.43 -1.33
C ILE A 520 -29.86 -21.91 -1.21
N VAL A 521 -30.49 -22.27 -0.14
CA VAL A 521 -30.75 -23.72 0.10
C VAL A 521 -31.84 -23.77 1.18
N ALA A 526 -28.06 -29.80 2.08
CA ALA A 526 -26.75 -29.32 1.60
C ALA A 526 -26.88 -28.78 0.21
N PRO A 527 -26.32 -27.63 0.00
CA PRO A 527 -26.47 -26.99 -1.29
C PRO A 527 -25.65 -27.67 -2.36
N GLU A 528 -26.17 -27.67 -3.59
CA GLU A 528 -25.45 -28.18 -4.72
C GLU A 528 -24.17 -27.43 -4.95
N TYR A 529 -24.22 -26.11 -4.77
CA TYR A 529 -23.08 -25.25 -5.10
C TYR A 529 -22.49 -24.60 -3.87
N SER A 530 -21.23 -24.20 -4.01
CA SER A 530 -20.48 -23.39 -3.12
C SER A 530 -19.92 -22.18 -3.84
N SER A 531 -19.71 -21.09 -3.06
CA SER A 531 -18.92 -19.96 -3.50
C SER A 531 -17.48 -20.26 -3.19
N LEU A 532 -16.68 -20.38 -4.26
CA LEU A 532 -15.26 -20.61 -4.14
C LEU A 532 -14.60 -19.24 -4.10
N LEU A 533 -14.34 -18.75 -2.88
CA LEU A 533 -13.57 -17.49 -2.66
C LEU A 533 -12.14 -17.91 -2.83
N ALA A 534 -11.69 -17.90 -4.07
CA ALA A 534 -10.40 -18.41 -4.44
C ALA A 534 -9.26 -17.59 -3.90
N SER A 535 -9.50 -16.27 -3.73
CA SER A 535 -8.48 -15.42 -3.18
C SER A 535 -9.12 -14.18 -2.60
N TYR A 536 -8.88 -13.97 -1.31
CA TYR A 536 -9.24 -12.75 -0.56
C TYR A 536 -7.97 -12.16 -0.08
N THR A 537 -7.56 -11.03 -0.63
CA THR A 537 -6.28 -10.40 -0.39
C THR A 537 -6.44 -8.99 0.23
N TRP A 538 -5.43 -8.62 1.00
CA TRP A 538 -5.24 -7.30 1.59
C TRP A 538 -3.92 -6.71 1.17
N GLU A 539 -3.90 -5.37 1.02
CA GLU A 539 -2.67 -4.63 0.96
C GLU A 539 -1.76 -5.15 -0.13
N ASP A 540 -0.49 -5.40 0.14
CA ASP A 540 0.43 -5.82 -0.91
C ASP A 540 -0.02 -7.12 -1.58
N ASP A 541 -0.66 -8.02 -0.83
CA ASP A 541 -1.12 -9.24 -1.46
C ASP A 541 -2.08 -8.92 -2.61
N SER A 542 -2.91 -7.92 -2.43
CA SER A 542 -3.83 -7.41 -3.47
C SER A 542 -3.10 -6.74 -4.60
N THR A 543 -2.14 -5.84 -4.23
CA THR A 543 -1.33 -5.16 -5.24
C THR A 543 -0.72 -6.14 -6.20
N ARG A 544 -0.16 -7.24 -5.66
CA ARG A 544 0.55 -8.18 -6.48
C ARG A 544 -0.33 -8.86 -7.52
N LEU A 545 -1.61 -9.01 -7.27
CA LEU A 545 -2.52 -9.68 -8.22
C LEU A 545 -3.09 -8.71 -9.25
N ARG A 546 -3.12 -7.40 -8.95
CA ARG A 546 -4.01 -6.50 -9.64
C ARG A 546 -3.77 -6.45 -11.11
N HIS A 547 -2.56 -6.59 -11.59
CA HIS A 547 -2.22 -6.60 -13.03
C HIS A 547 -2.97 -7.68 -13.79
N ASP A 548 -3.44 -8.72 -13.10
CA ASP A 548 -4.16 -9.86 -13.77
C ASP A 548 -5.64 -9.71 -13.77
N PHE A 549 -6.21 -8.65 -13.22
CA PHE A 549 -7.67 -8.63 -13.13
C PHE A 549 -8.40 -8.34 -14.42
N GLY A 550 -7.77 -7.66 -15.36
CA GLY A 550 -8.33 -7.47 -16.68
C GLY A 550 -9.28 -6.31 -16.81
N LEU A 551 -10.36 -6.31 -16.06
CA LEU A 551 -11.36 -5.25 -16.05
C LEU A 551 -11.50 -4.79 -14.64
N TYR A 552 -11.72 -3.49 -14.45
CA TYR A 552 -11.64 -2.83 -13.16
C TYR A 552 -12.84 -1.92 -12.97
N PRO A 553 -13.50 -1.92 -11.81
CA PRO A 553 -13.21 -2.74 -10.62
C PRO A 553 -13.75 -4.15 -10.70
N GLN A 554 -14.60 -4.48 -11.63
CA GLN A 554 -15.22 -5.78 -11.68
C GLN A 554 -14.97 -6.46 -13.01
N ASN A 555 -14.55 -7.72 -12.92
CA ASN A 555 -14.47 -8.60 -14.08
C ASN A 555 -15.33 -9.80 -13.75
N PRO A 556 -16.42 -10.14 -14.44
CA PRO A 556 -16.88 -9.46 -15.63
C PRO A 556 -17.53 -8.14 -15.30
N ALA A 557 -17.50 -7.20 -16.27
CA ALA A 557 -18.18 -5.91 -16.10
C ALA A 557 -19.68 -6.06 -16.40
N THR A 558 -20.07 -7.09 -17.09
CA THR A 558 -21.42 -7.34 -17.51
C THR A 558 -22.01 -8.46 -16.71
N GLU A 559 -23.32 -8.67 -16.83
CA GLU A 559 -24.01 -9.77 -16.13
C GLU A 559 -23.71 -11.12 -16.76
N THR A 560 -23.39 -11.14 -18.05
CA THR A 560 -23.27 -12.37 -18.74
C THR A 560 -21.84 -12.83 -19.01
N GLY A 561 -20.88 -12.02 -18.75
CA GLY A 561 -19.48 -12.39 -18.98
C GLY A 561 -18.93 -13.28 -17.89
N THR A 562 -17.69 -13.74 -18.08
CA THR A 562 -16.97 -14.51 -17.11
C THR A 562 -15.52 -14.07 -17.14
N ALA A 563 -14.90 -13.97 -15.96
CA ALA A 563 -13.54 -13.55 -15.82
C ALA A 563 -12.59 -14.75 -15.95
N ASP A 564 -12.67 -15.46 -17.07
CA ASP A 564 -12.00 -16.74 -17.22
C ASP A 564 -10.50 -16.56 -17.31
N GLY A 565 -9.99 -15.65 -18.09
CA GLY A 565 -8.57 -15.42 -18.17
C GLY A 565 -7.97 -15.00 -16.82
N MET A 566 -8.64 -14.11 -16.12
CA MET A 566 -8.19 -13.69 -14.80
C MET A 566 -8.13 -14.93 -13.91
N TYR A 567 -9.18 -15.72 -13.88
CA TYR A 567 -9.22 -16.81 -12.95
C TYR A 567 -8.15 -17.84 -13.24
N ARG A 568 -7.87 -18.07 -14.52
CA ARG A 568 -6.79 -19.00 -14.87
C ARG A 568 -5.42 -18.54 -14.32
N THR A 569 -5.22 -17.25 -14.19
CA THR A 569 -3.97 -16.80 -13.59
C THR A 569 -3.91 -17.17 -12.09
N MET A 570 -5.04 -17.29 -11.46
CA MET A 570 -5.13 -17.72 -10.07
C MET A 570 -4.95 -19.23 -9.92
N VAL A 571 -5.59 -19.97 -10.82
CA VAL A 571 -5.30 -21.42 -10.89
C VAL A 571 -3.81 -21.64 -11.11
N ASN A 572 -3.19 -20.83 -11.94
CA ASN A 572 -1.78 -20.99 -12.26
C ASN A 572 -0.86 -20.63 -11.09
N ARG A 573 -1.27 -19.71 -10.20
CA ARG A 573 -0.54 -19.46 -8.98
C ARG A 573 -0.59 -20.68 -8.02
N ALA A 574 -1.70 -21.46 -8.08
CA ALA A 574 -1.84 -22.68 -7.31
C ALA A 574 -1.05 -23.87 -7.91
N TYR A 575 -0.53 -23.72 -9.10
CA TYR A 575 0.17 -24.83 -9.78
C TYR A 575 1.63 -24.86 -9.30
N ARG A 576 1.77 -25.44 -8.10
CA ARG A 576 2.98 -25.47 -7.35
C ARG A 576 3.19 -26.86 -6.80
N TYR A 577 4.44 -27.30 -6.76
CA TYR A 577 4.78 -28.59 -6.19
C TYR A 577 4.88 -28.49 -4.73
N VAL A 578 4.05 -29.12 -3.98
CA VAL A 578 3.93 -29.05 -2.53
C VAL A 578 4.30 -30.42 -1.99
N LYS A 579 5.30 -30.45 -1.14
CA LYS A 579 5.75 -31.61 -0.42
C LYS A 579 5.03 -31.77 0.89
N TYR A 580 4.49 -32.95 1.10
CA TYR A 580 3.89 -33.31 2.36
C TYR A 580 4.78 -34.27 3.11
N ALA A 581 4.81 -34.17 4.41
CA ALA A 581 5.67 -34.98 5.22
C ALA A 581 5.33 -36.41 5.04
N GLY A 582 6.38 -37.22 4.84
CA GLY A 582 6.27 -38.60 4.67
C GLY A 582 6.21 -39.07 3.25
N ALA A 583 5.81 -38.14 2.35
CA ALA A 583 5.68 -38.46 0.95
C ALA A 583 7.09 -38.42 0.33
N SER A 584 7.30 -39.23 -0.70
CA SER A 584 8.56 -39.27 -1.34
C SER A 584 8.99 -38.09 -2.17
N ASN A 585 8.00 -37.58 -2.87
CA ASN A 585 8.07 -36.51 -3.85
C ASN A 585 6.92 -35.58 -3.78
N ALA A 586 7.22 -34.31 -3.99
CA ALA A 586 6.19 -33.34 -4.24
C ALA A 586 5.22 -33.76 -5.54
N GLN A 587 3.89 -33.40 -5.55
CA GLN A 587 3.01 -33.40 -6.83
C GLN A 587 2.32 -32.09 -6.89
N PRO A 588 1.74 -31.66 -8.10
CA PRO A 588 1.09 -30.40 -8.03
C PRO A 588 0.09 -30.35 -6.93
N TRP A 589 0.02 -29.18 -6.29
CA TRP A 589 -0.90 -28.98 -5.13
C TRP A 589 -2.29 -29.41 -5.50
N TRP A 590 -2.93 -30.11 -4.56
CA TRP A 590 -4.28 -30.48 -4.77
C TRP A 590 -5.16 -29.28 -4.93
N PHE A 591 -4.84 -28.14 -4.33
CA PHE A 591 -5.69 -26.99 -4.40
C PHE A 591 -5.79 -26.42 -5.79
N TYR A 592 -4.77 -26.64 -6.65
CA TYR A 592 -4.84 -26.33 -8.08
C TYR A 592 -5.99 -27.07 -8.74
N GLN A 593 -6.08 -28.38 -8.39
CA GLN A 593 -7.18 -29.19 -8.91
C GLN A 593 -8.53 -28.72 -8.44
N LEU A 594 -8.64 -28.30 -7.18
CA LEU A 594 -9.88 -27.79 -6.67
C LEU A 594 -10.28 -26.51 -7.38
N LEU A 595 -9.38 -25.57 -7.49
CA LEU A 595 -9.66 -24.35 -8.20
C LEU A 595 -10.10 -24.62 -9.60
N ALA A 596 -9.47 -25.58 -10.30
CA ALA A 596 -9.83 -25.90 -11.69
C ALA A 596 -11.22 -26.54 -11.80
N GLU A 597 -11.76 -27.11 -10.69
CA GLU A 597 -13.08 -27.67 -10.72
C GLU A 597 -14.17 -26.64 -10.77
N ALA A 598 -13.91 -25.39 -10.46
CA ALA A 598 -14.92 -24.37 -10.61
C ALA A 598 -15.43 -24.34 -12.06
N ARG A 599 -16.71 -24.08 -12.25
CA ARG A 599 -17.20 -23.98 -13.63
C ARG A 599 -16.59 -22.80 -14.36
N THR A 600 -16.61 -22.83 -15.68
CA THR A 600 -16.13 -21.74 -16.48
C THR A 600 -16.91 -20.47 -16.34
N ALA A 601 -18.24 -20.55 -16.43
CA ALA A 601 -19.10 -19.40 -16.28
C ALA A 601 -18.99 -18.88 -14.84
N ASP A 602 -19.16 -17.61 -14.70
CA ASP A 602 -19.33 -16.95 -13.41
C ASP A 602 -18.03 -16.82 -12.58
N ARG A 603 -16.92 -16.87 -13.28
CA ARG A 603 -15.66 -16.51 -12.65
C ARG A 603 -15.63 -15.01 -12.51
N PHE A 604 -15.04 -14.50 -11.42
CA PHE A 604 -15.28 -13.13 -10.95
C PHE A 604 -14.13 -12.59 -10.14
N VAL A 605 -13.86 -11.30 -10.29
CA VAL A 605 -13.06 -10.56 -9.34
C VAL A 605 -13.68 -9.21 -9.10
N PHE A 606 -13.60 -8.72 -7.88
CA PHE A 606 -13.90 -7.33 -7.55
C PHE A 606 -12.72 -6.77 -6.82
N ASP A 607 -12.27 -5.64 -7.34
CA ASP A 607 -11.17 -4.90 -6.80
C ASP A 607 -11.64 -3.64 -6.12
N TRP A 608 -11.64 -3.62 -4.79
CA TRP A 608 -12.13 -2.46 -4.09
C TRP A 608 -11.25 -1.23 -4.35
N THR A 609 -10.01 -1.45 -4.69
CA THR A 609 -9.07 -0.37 -4.89
C THR A 609 -9.47 0.52 -6.13
N THR A 610 -10.02 -0.11 -7.20
CA THR A 610 -10.41 0.62 -8.35
C THR A 610 -11.92 0.95 -8.36
N ASN A 611 -12.62 0.57 -7.31
CA ASN A 611 -13.90 1.06 -6.99
C ASN A 611 -13.67 2.53 -6.51
N LYS A 612 -14.71 3.27 -6.43
CA LYS A 612 -14.62 4.74 -6.12
C LYS A 612 -14.31 4.95 -4.67
N THR A 613 -14.37 3.90 -3.81
CA THR A 613 -13.86 3.93 -2.46
C THR A 613 -12.38 4.08 -2.37
N ALA A 614 -11.65 3.73 -3.44
CA ALA A 614 -10.17 3.75 -3.44
C ALA A 614 -9.63 2.84 -2.36
N GLY A 615 -10.21 1.63 -2.28
CA GLY A 615 -9.83 0.57 -1.38
C GLY A 615 -11.02 0.02 -0.60
N GLY A 616 -10.70 -0.90 0.27
CA GLY A 616 -11.67 -1.64 1.03
C GLY A 616 -12.13 -0.97 2.31
N PHE A 617 -11.21 -0.41 3.13
CA PHE A 617 -11.64 0.03 4.44
C PHE A 617 -10.41 0.59 5.16
N LYS A 618 -10.65 1.50 6.11
CA LYS A 618 -9.52 2.14 6.81
C LYS A 618 -8.82 1.15 7.75
N LEU A 619 -7.48 1.14 7.67
CA LEU A 619 -6.64 0.55 8.70
C LEU A 619 -5.52 1.55 9.01
N ASP A 620 -5.30 1.80 10.29
CA ASP A 620 -4.39 2.86 10.68
C ASP A 620 -2.92 2.36 10.68
N MET A 621 -2.09 3.13 10.01
CA MET A 621 -0.64 3.04 10.05
C MET A 621 -0.08 3.67 11.30
N THR A 622 1.23 3.49 11.54
CA THR A 622 1.86 4.20 12.62
C THR A 622 1.65 5.69 12.43
N GLY A 623 1.31 6.39 13.54
CA GLY A 623 1.01 7.80 13.53
C GLY A 623 -0.41 8.18 13.16
N ASP A 624 -1.19 7.27 12.62
CA ASP A 624 -2.50 7.59 12.13
C ASP A 624 -3.54 7.79 13.22
N HIS A 625 -3.28 7.34 14.42
CA HIS A 625 -4.23 7.51 15.53
C HIS A 625 -4.75 8.95 15.58
N HIS A 626 -3.82 9.85 15.51
CA HIS A 626 -4.20 11.22 15.68
C HIS A 626 -5.10 11.74 14.60
N GLN A 627 -5.00 11.19 13.39
CA GLN A 627 -5.88 11.56 12.30
C GLN A 627 -7.25 10.87 12.46
N SER A 628 -7.25 9.54 12.67
CA SER A 628 -8.54 8.86 12.77
C SER A 628 -9.30 9.29 14.05
N ASN A 629 -8.58 9.48 15.16
CA ASN A 629 -9.23 9.89 16.38
C ASN A 629 -9.84 11.25 16.33
N LEU A 630 -9.25 12.14 15.56
CA LEU A 630 -9.85 13.46 15.31
C LEU A 630 -11.19 13.28 14.66
N CYS A 631 -11.21 12.42 13.64
CA CYS A 631 -12.44 12.15 12.94
C CYS A 631 -13.48 11.49 13.82
N PHE A 632 -13.04 10.54 14.65
CA PHE A 632 -13.92 9.84 15.59
C PHE A 632 -14.56 10.82 16.60
N ARG A 633 -13.86 11.88 16.97
CA ARG A 633 -14.32 12.84 17.92
C ARG A 633 -15.02 14.04 17.28
N TYR A 634 -15.04 14.13 15.99
CA TYR A 634 -15.50 15.31 15.24
C TYR A 634 -16.87 15.75 15.67
N HIS A 635 -17.82 14.84 15.93
CA HIS A 635 -19.17 15.18 16.26
C HIS A 635 -19.32 15.98 17.58
N THR A 636 -18.27 15.99 18.38
CA THR A 636 -18.23 16.80 19.57
C THR A 636 -18.18 18.27 19.30
N HIS A 637 -18.06 18.68 18.05
CA HIS A 637 -18.18 20.10 17.69
C HIS A 637 -19.50 20.68 18.15
N ALA A 638 -20.50 19.82 18.29
CA ALA A 638 -21.82 20.23 18.71
C ALA A 638 -21.87 20.87 20.08
N LEU A 639 -20.83 20.67 20.88
CA LEU A 639 -20.71 21.34 22.18
C LEU A 639 -20.48 22.82 22.05
N ALA A 640 -19.88 23.26 20.98
CA ALA A 640 -19.57 24.70 20.71
C ALA A 640 -20.79 25.33 20.11
N ALA A 641 -21.59 26.01 20.95
CA ALA A 641 -22.94 26.44 20.58
C ALA A 641 -22.95 27.51 19.46
N SER A 642 -22.09 28.51 19.55
CA SER A 642 -22.08 29.59 18.54
C SER A 642 -21.51 29.22 17.20
N LEU A 643 -20.73 28.14 17.20
CA LEU A 643 -20.14 27.62 15.95
C LEU A 643 -21.23 27.25 14.94
N ASP A 644 -22.21 26.54 15.41
CA ASP A 644 -23.40 26.29 14.61
C ASP A 644 -23.13 25.43 13.35
N ASN A 645 -22.18 24.58 13.45
CA ASN A 645 -21.80 23.67 12.33
C ASN A 645 -22.88 22.60 12.16
N ARG A 646 -23.37 22.48 10.95
CA ARG A 646 -24.46 21.61 10.62
C ARG A 646 -24.11 20.26 10.00
N PHE A 647 -22.83 19.97 9.87
CA PHE A 647 -22.37 18.78 9.20
C PHE A 647 -21.76 17.78 10.17
N PHE A 648 -22.19 16.52 10.04
CA PHE A 648 -21.70 15.39 10.79
C PHE A 648 -21.18 14.37 9.77
N ILE A 649 -20.31 13.45 10.25
CA ILE A 649 -19.73 12.41 9.38
C ILE A 649 -20.06 11.03 9.96
N ALA A 650 -20.27 10.03 9.09
CA ALA A 650 -20.76 8.72 9.55
C ALA A 650 -20.20 7.63 8.60
N SER A 651 -19.05 7.05 8.96
CA SER A 651 -18.49 5.94 8.17
C SER A 651 -17.54 5.20 9.05
N ASP A 652 -17.20 3.97 8.66
CA ASP A 652 -16.12 3.27 9.33
C ASP A 652 -14.78 3.99 9.23
N SER A 653 -14.62 4.88 8.23
CA SER A 653 -13.39 5.68 8.15
C SER A 653 -13.26 6.63 9.33
N TYR A 654 -14.33 6.96 10.02
CA TYR A 654 -14.32 7.90 11.11
C TYR A 654 -14.54 7.22 12.45
N SER A 655 -13.94 6.03 12.53
CA SER A 655 -14.05 5.14 13.67
C SER A 655 -12.68 4.54 13.98
N HIS A 656 -12.66 3.76 15.06
CA HIS A 656 -11.52 2.91 15.44
C HIS A 656 -11.81 1.43 15.14
N LEU A 657 -12.68 1.19 14.18
CA LEU A 657 -13.01 -0.15 13.67
C LEU A 657 -13.22 -0.05 12.18
N GLY A 658 -12.28 0.58 11.47
CA GLY A 658 -12.37 0.50 10.01
C GLY A 658 -12.29 -0.94 9.56
N GLY A 659 -13.11 -1.30 8.57
CA GLY A 659 -13.28 -2.67 8.12
C GLY A 659 -14.33 -3.46 8.83
N TRP A 660 -15.15 -2.80 9.63
CA TRP A 660 -16.23 -3.49 10.32
C TRP A 660 -17.49 -2.68 10.24
N LEU A 661 -18.61 -3.34 10.08
CA LEU A 661 -19.91 -2.68 10.26
C LEU A 661 -19.96 -2.01 11.61
N GLU A 662 -19.34 -2.61 12.63
CA GLU A 662 -19.32 -1.96 13.95
C GLU A 662 -18.81 -0.55 13.87
N GLY A 663 -17.75 -0.32 13.10
CA GLY A 663 -17.19 1.04 12.95
C GLY A 663 -18.17 1.98 12.26
N ALA A 664 -18.77 1.55 11.17
CA ALA A 664 -19.76 2.37 10.45
C ALA A 664 -20.91 2.70 11.42
N PHE A 665 -21.39 1.73 12.17
CA PHE A 665 -22.50 1.93 13.07
C PHE A 665 -22.16 2.83 14.21
N MET A 666 -20.96 2.68 14.80
CA MET A 666 -20.53 3.57 15.85
C MET A 666 -20.43 5.01 15.32
N SER A 667 -19.89 5.20 14.15
CA SER A 667 -19.78 6.52 13.63
C SER A 667 -21.15 7.11 13.36
N ALA A 668 -22.10 6.34 12.86
CA ALA A 668 -23.48 6.81 12.70
C ALA A 668 -24.08 7.28 14.02
N LEU A 669 -23.86 6.49 15.06
CA LEU A 669 -24.38 6.83 16.39
C LEU A 669 -23.81 8.14 16.85
N ASN A 670 -22.52 8.31 16.66
CA ASN A 670 -21.82 9.56 17.00
C ASN A 670 -22.46 10.73 16.22
N ALA A 671 -22.67 10.53 14.93
CA ALA A 671 -23.21 11.57 14.08
C ALA A 671 -24.60 12.02 14.57
N VAL A 672 -25.47 11.05 14.87
CA VAL A 672 -26.81 11.45 15.27
C VAL A 672 -26.83 12.08 16.65
N ALA A 673 -26.00 11.54 17.57
CA ALA A 673 -25.86 12.16 18.89
C ALA A 673 -25.42 13.60 18.77
N GLY A 674 -24.39 13.84 17.96
CA GLY A 674 -23.94 15.20 17.75
C GLY A 674 -25.01 16.07 17.12
N LEU A 675 -25.74 15.55 16.15
CA LEU A 675 -26.84 16.27 15.52
C LEU A 675 -27.88 16.72 16.57
N ILE A 676 -28.23 15.80 17.46
CA ILE A 676 -29.18 16.16 18.54
C ILE A 676 -28.59 17.31 19.37
N VAL A 677 -27.34 17.23 19.82
CA VAL A 677 -26.82 18.30 20.64
C VAL A 677 -26.80 19.62 19.86
N ARG A 678 -26.42 19.57 18.58
CA ARG A 678 -26.45 20.77 17.73
C ARG A 678 -27.84 21.34 17.59
N ALA A 679 -28.82 20.50 17.36
CA ALA A 679 -30.20 20.94 17.21
C ALA A 679 -30.70 21.63 18.49
N ASN A 680 -30.12 21.24 19.62
CA ASN A 680 -30.40 21.82 20.92
C ASN A 680 -29.36 22.86 21.30
N ARG A 681 -28.70 23.45 20.33
CA ARG A 681 -27.76 24.57 20.55
C ARG A 681 -26.77 24.27 21.67
N GLY A 682 -26.20 23.08 21.63
CA GLY A 682 -25.17 22.71 22.57
C GLY A 682 -25.53 22.08 23.87
N ASP A 683 -26.82 21.86 24.06
CA ASP A 683 -27.33 21.32 25.32
C ASP A 683 -27.25 19.79 25.31
N VAL A 684 -26.31 19.26 26.08
CA VAL A 684 -26.11 17.82 26.20
C VAL A 684 -27.20 17.13 26.94
N SER A 685 -27.98 17.87 27.74
CA SER A 685 -29.12 17.27 28.41
C SER A 685 -30.22 16.79 27.50
N ALA A 686 -30.16 17.16 26.23
CA ALA A 686 -31.11 16.66 25.27
C ALA A 686 -30.82 15.23 24.84
N LEU A 687 -29.63 14.73 25.10
CA LEU A 687 -29.34 13.32 24.89
C LEU A 687 -29.90 12.56 26.09
N SER A 688 -30.25 11.33 25.85
CA SER A 688 -30.60 10.39 26.89
C SER A 688 -29.46 10.27 27.85
N THR A 689 -29.77 9.83 29.09
CA THR A 689 -28.73 9.53 30.02
C THR A 689 -27.70 8.54 29.47
N GLU A 690 -28.15 7.49 28.86
CA GLU A 690 -27.28 6.47 28.33
C GLU A 690 -26.50 6.95 27.10
N ALA A 691 -27.01 7.90 26.31
CA ALA A 691 -26.35 8.34 25.09
C ALA A 691 -25.36 9.48 25.39
N ARG A 692 -25.57 10.22 26.46
CA ARG A 692 -24.74 11.39 26.71
C ARG A 692 -23.25 11.12 26.61
N PRO A 693 -22.74 9.99 27.13
CA PRO A 693 -21.32 9.75 27.02
C PRO A 693 -20.78 9.65 25.57
N LEU A 694 -21.66 9.41 24.61
CA LEU A 694 -21.18 9.40 23.20
C LEU A 694 -20.47 10.70 22.85
N VAL A 695 -20.94 11.79 23.47
CA VAL A 695 -20.40 13.13 23.24
C VAL A 695 -19.42 13.50 24.40
N ILE A 696 -19.87 13.32 25.65
CA ILE A 696 -19.05 13.90 26.72
C ILE A 696 -17.95 12.96 27.22
N GLY A 697 -17.92 11.72 26.74
CA GLY A 697 -16.90 10.77 27.17
C GLY A 697 -15.64 10.86 26.32
N LEU A 698 -15.60 11.74 25.34
CA LEU A 698 -14.48 11.97 24.43
C LEU A 698 -13.89 13.34 24.72
N ARG A 699 -12.60 13.49 24.34
CA ARG A 699 -11.98 14.77 24.37
C ARG A 699 -12.66 15.64 23.30
N PRO A 700 -13.08 16.88 23.65
CA PRO A 700 -13.72 17.72 22.63
C PRO A 700 -12.77 18.08 21.48
N VAL A 701 -13.31 18.26 20.28
CA VAL A 701 -12.54 18.69 19.14
C VAL A 701 -12.40 20.25 19.11
N VAL A 702 -13.25 20.97 19.79
CA VAL A 702 -13.25 22.51 19.79
C VAL A 702 -12.77 22.75 21.27
N LYS A 703 -11.58 23.33 21.53
CA LYS A 703 -11.15 23.65 22.92
C LYS A 703 -11.76 24.95 23.31
N VAL A 704 -11.94 25.85 22.33
CA VAL A 704 -12.56 27.15 22.48
C VAL A 704 -13.55 27.26 21.28
N PRO A 705 -14.74 27.60 21.55
CA PRO A 705 -15.27 27.80 22.96
C PRO A 705 -15.50 26.46 23.70
N ALA A 706 -15.41 26.54 25.02
CA ALA A 706 -15.81 25.44 25.85
C ALA A 706 -17.35 25.13 25.82
N ALA A 707 -17.54 23.97 26.40
CA ALA A 707 -18.85 23.44 26.58
C ALA A 707 -18.91 21.99 26.84
N LYS B 16 30.57 23.79 -7.90
CA LYS B 16 30.03 22.76 -7.03
C LYS B 16 28.90 21.99 -7.76
N ILE B 17 28.13 22.58 -8.67
CA ILE B 17 27.22 21.83 -9.51
C ILE B 17 27.98 21.08 -10.57
N ALA B 18 27.74 19.78 -10.71
CA ALA B 18 28.34 18.96 -11.77
C ALA B 18 27.72 19.39 -13.07
N THR B 19 28.53 19.47 -14.13
CA THR B 19 28.04 19.92 -15.42
C THR B 19 28.20 18.87 -16.55
N THR B 20 28.90 17.78 -16.27
CA THR B 20 29.11 16.73 -17.21
C THR B 20 29.00 15.38 -16.54
N VAL B 21 28.83 14.30 -17.33
CA VAL B 21 28.89 12.92 -16.82
C VAL B 21 30.14 12.71 -15.98
N GLY B 22 31.31 13.15 -16.45
CA GLY B 22 32.53 12.88 -15.79
C GLY B 22 32.61 13.57 -14.43
N GLU B 23 32.12 14.79 -14.36
CA GLU B 23 32.07 15.50 -13.09
C GLU B 23 31.20 14.77 -12.09
N ALA B 24 30.03 14.30 -12.51
CA ALA B 24 29.19 13.51 -11.59
C ALA B 24 29.91 12.21 -11.25
N ARG B 25 30.45 11.51 -12.24
CA ARG B 25 31.13 10.24 -12.00
C ARG B 25 32.18 10.38 -10.94
N LEU B 26 33.04 11.41 -11.04
CA LEU B 26 34.15 11.62 -10.11
C LEU B 26 33.66 12.02 -8.76
N SER B 27 32.53 12.68 -8.69
CA SER B 27 31.96 13.12 -7.41
C SER B 27 31.60 11.97 -6.52
N GLY B 28 31.04 10.91 -7.10
CA GLY B 28 30.59 9.77 -6.32
C GLY B 28 31.42 8.52 -6.43
N ILE B 29 32.59 8.59 -7.03
CA ILE B 29 33.36 7.40 -7.32
C ILE B 29 33.73 6.58 -6.09
N ASN B 30 33.90 7.25 -4.94
CA ASN B 30 34.31 6.57 -3.72
C ASN B 30 33.21 6.14 -2.82
N TYR B 31 31.95 6.57 -3.08
CA TYR B 31 30.89 6.39 -2.08
C TYR B 31 30.56 4.94 -1.93
N ARG B 32 30.50 4.51 -0.68
CA ARG B 32 30.13 3.16 -0.28
C ARG B 32 28.84 3.25 0.51
N HIS B 33 27.86 2.41 0.15
CA HIS B 33 26.60 2.32 0.91
C HIS B 33 26.77 1.53 2.19
N PRO B 34 25.97 1.81 3.21
CA PRO B 34 26.27 1.28 4.54
C PRO B 34 26.11 -0.23 4.68
N ASP B 35 25.32 -0.88 3.83
CA ASP B 35 25.22 -2.32 3.84
C ASP B 35 26.32 -3.01 2.99
N SER B 36 27.15 -2.23 2.34
CA SER B 36 28.27 -2.69 1.59
C SER B 36 29.44 -1.73 1.77
N ALA B 37 29.70 -1.36 3.02
CA ALA B 37 30.55 -0.24 3.31
C ALA B 37 32.02 -0.42 2.98
N LEU B 38 32.43 -1.70 2.84
CA LEU B 38 33.82 -1.96 2.54
C LEU B 38 34.17 -1.66 1.11
N VAL B 39 33.21 -1.48 0.20
CA VAL B 39 33.53 -1.40 -1.23
C VAL B 39 32.82 -0.29 -1.92
N SER B 40 33.60 0.44 -2.71
CA SER B 40 33.06 1.39 -3.69
C SER B 40 32.77 0.55 -4.92
N TYR B 41 31.49 0.44 -5.30
CA TYR B 41 31.19 -0.31 -6.52
C TYR B 41 31.84 0.26 -7.74
N PRO B 42 31.91 1.59 -7.92
CA PRO B 42 32.60 2.11 -9.13
C PRO B 42 34.08 1.71 -9.16
N VAL B 43 34.73 1.63 -8.00
CA VAL B 43 36.13 1.21 -7.95
C VAL B 43 36.21 -0.26 -8.31
N ALA B 44 35.35 -1.10 -7.79
CA ALA B 44 35.30 -2.50 -8.19
C ALA B 44 35.08 -2.68 -9.70
N ALA B 45 34.28 -1.82 -10.32
CA ALA B 45 33.91 -1.92 -11.71
C ALA B 45 34.91 -1.26 -12.64
N ALA B 46 36.00 -0.68 -12.12
CA ALA B 46 36.98 0.03 -13.00
C ALA B 46 37.69 -0.94 -13.96
N ALA B 47 37.88 -2.16 -13.54
CA ALA B 47 38.49 -3.22 -14.39
C ALA B 47 37.52 -4.35 -14.46
N PRO B 48 37.74 -5.32 -15.36
CA PRO B 48 36.86 -6.51 -15.34
C PRO B 48 36.87 -7.11 -13.92
N LEU B 49 35.73 -7.66 -13.56
CA LEU B 49 35.55 -8.12 -12.19
C LEU B 49 36.42 -9.30 -11.81
N GLY B 50 36.88 -10.11 -12.76
CA GLY B 50 37.73 -11.25 -12.39
C GLY B 50 38.07 -12.02 -13.65
N ARG B 51 38.33 -13.31 -13.48
CA ARG B 51 38.71 -14.20 -14.59
C ARG B 51 37.86 -15.46 -14.50
N LEU B 52 37.67 -16.10 -15.68
CA LEU B 52 36.99 -17.35 -15.79
C LEU B 52 37.96 -18.40 -16.33
N PRO B 53 37.80 -19.65 -15.94
CA PRO B 53 38.53 -20.72 -16.59
C PRO B 53 38.27 -20.72 -18.07
N ALA B 54 39.19 -21.20 -18.90
CA ALA B 54 38.92 -21.39 -20.33
C ALA B 54 37.69 -22.21 -20.50
N GLY B 55 36.93 -21.90 -21.53
CA GLY B 55 35.70 -22.63 -21.82
C GLY B 55 34.78 -21.86 -22.68
N ASN B 56 33.67 -22.49 -23.02
CA ASN B 56 32.64 -21.90 -23.86
C ASN B 56 31.33 -21.92 -23.09
N TYR B 57 31.03 -20.81 -22.45
CA TYR B 57 29.98 -20.69 -21.47
C TYR B 57 28.65 -20.42 -22.15
N ARG B 58 27.59 -21.06 -21.68
CA ARG B 58 26.24 -20.80 -22.11
C ARG B 58 25.56 -20.12 -20.94
N ILE B 59 25.26 -18.87 -21.04
CA ILE B 59 24.66 -18.11 -19.93
C ILE B 59 23.32 -17.56 -20.43
N ALA B 60 22.31 -17.53 -19.58
CA ALA B 60 21.08 -16.80 -19.86
C ALA B 60 20.98 -15.61 -18.95
N ILE B 61 20.48 -14.53 -19.49
CA ILE B 61 20.03 -13.37 -18.68
C ILE B 61 18.52 -13.26 -18.92
N VAL B 62 17.75 -13.33 -17.84
CA VAL B 62 16.31 -13.16 -17.90
C VAL B 62 16.07 -11.72 -17.55
N GLY B 63 15.66 -10.94 -18.55
CA GLY B 63 15.35 -9.53 -18.35
C GLY B 63 16.39 -8.62 -19.00
N GLY B 64 15.93 -7.69 -19.85
CA GLY B 64 16.71 -6.70 -20.53
C GLY B 64 16.52 -5.29 -20.03
N GLY B 65 16.42 -5.12 -18.73
CA GLY B 65 16.43 -3.85 -18.09
C GLY B 65 17.83 -3.48 -17.64
N ALA B 66 17.92 -2.45 -16.80
CA ALA B 66 19.19 -1.97 -16.34
C ALA B 66 20.08 -3.08 -15.68
N GLY B 67 19.44 -3.92 -14.88
CA GLY B 67 20.18 -5.01 -14.26
C GLY B 67 20.70 -6.01 -15.23
N GLY B 68 19.87 -6.47 -16.15
CA GLY B 68 20.31 -7.45 -17.13
C GLY B 68 21.35 -6.93 -18.05
N ILE B 69 21.19 -5.67 -18.51
CA ILE B 69 22.12 -5.08 -19.45
C ILE B 69 23.46 -4.74 -18.81
N ALA B 70 23.44 -4.25 -17.56
CA ALA B 70 24.71 -4.06 -16.87
C ALA B 70 25.41 -5.40 -16.67
N ALA B 71 24.69 -6.45 -16.31
CA ALA B 71 25.27 -7.78 -16.21
C ALA B 71 25.85 -8.22 -17.51
N LEU B 72 25.17 -7.97 -18.61
CA LEU B 72 25.69 -8.29 -19.94
C LEU B 72 26.97 -7.54 -20.19
N TYR B 73 27.04 -6.26 -19.89
CA TYR B 73 28.25 -5.49 -20.09
C TYR B 73 29.42 -6.07 -19.32
N GLU B 74 29.21 -6.41 -18.05
CA GLU B 74 30.24 -7.01 -17.27
C GLU B 74 30.65 -8.41 -17.80
N LEU B 75 29.71 -9.17 -18.32
CA LEU B 75 30.07 -10.40 -18.96
C LEU B 75 30.88 -10.18 -20.19
N GLY B 76 30.62 -9.12 -20.94
CA GLY B 76 31.42 -8.73 -22.11
C GLY B 76 32.87 -8.42 -21.68
N ARG B 77 32.98 -7.66 -20.62
CA ARG B 77 34.35 -7.32 -20.11
C ARG B 77 35.10 -8.57 -19.74
N LEU B 78 34.43 -9.55 -19.13
CA LEU B 78 35.03 -10.83 -18.81
C LEU B 78 35.34 -11.63 -20.08
N ALA B 79 34.43 -11.66 -21.02
CA ALA B 79 34.65 -12.43 -22.24
C ALA B 79 35.90 -11.99 -22.97
N ALA B 80 36.18 -10.72 -22.99
CA ALA B 80 37.32 -10.21 -23.74
C ALA B 80 38.64 -10.73 -23.21
N THR B 81 38.66 -11.21 -21.98
CA THR B 81 39.85 -11.73 -21.31
C THR B 81 40.09 -13.22 -21.62
N LEU B 82 39.12 -13.87 -22.26
CA LEU B 82 39.23 -15.32 -22.51
C LEU B 82 40.17 -15.61 -23.62
N PRO B 83 40.82 -16.79 -23.55
CA PRO B 83 41.83 -17.13 -24.63
C PRO B 83 41.15 -17.56 -25.90
N ALA B 84 41.95 -17.70 -26.92
CA ALA B 84 41.46 -18.22 -28.18
C ALA B 84 40.73 -19.53 -28.01
N GLY B 85 39.58 -19.65 -28.61
CA GLY B 85 38.78 -20.84 -28.51
C GLY B 85 37.76 -20.81 -27.46
N SER B 86 37.81 -19.87 -26.54
CA SER B 86 36.86 -19.71 -25.49
C SER B 86 35.88 -18.57 -25.80
N GLY B 87 34.82 -18.49 -25.03
CA GLY B 87 33.82 -17.44 -25.28
C GLY B 87 32.65 -17.56 -24.33
N ILE B 88 31.78 -16.57 -24.45
CA ILE B 88 30.50 -16.56 -23.71
C ILE B 88 29.42 -16.35 -24.73
N ASP B 89 28.42 -17.21 -24.62
CA ASP B 89 27.17 -17.05 -25.38
C ASP B 89 26.11 -16.68 -24.35
N VAL B 90 25.42 -15.60 -24.62
CA VAL B 90 24.29 -15.18 -23.78
C VAL B 90 22.98 -15.20 -24.59
N GLN B 91 21.98 -15.82 -24.04
CA GLN B 91 20.60 -15.71 -24.48
C GLN B 91 19.95 -14.73 -23.49
N ILE B 92 19.46 -13.61 -24.02
CA ILE B 92 18.75 -12.63 -23.19
C ILE B 92 17.27 -12.76 -23.48
N TYR B 93 16.53 -13.07 -22.47
CA TYR B 93 15.11 -13.20 -22.56
C TYR B 93 14.44 -11.87 -22.19
N GLU B 94 13.55 -11.39 -23.06
CA GLU B 94 12.86 -10.14 -22.84
C GLU B 94 11.45 -10.20 -23.34
N ALA B 95 10.47 -10.26 -22.42
CA ALA B 95 9.07 -10.46 -22.74
C ALA B 95 8.36 -9.18 -23.17
N ASP B 96 8.89 -8.02 -22.86
CA ASP B 96 8.18 -6.76 -23.13
C ASP B 96 8.21 -6.48 -24.63
N PRO B 97 7.04 -6.44 -25.30
CA PRO B 97 7.07 -6.22 -26.72
C PRO B 97 7.58 -4.83 -27.10
N ASP B 98 7.57 -3.89 -26.17
CA ASP B 98 8.07 -2.53 -26.42
C ASP B 98 9.55 -2.35 -26.08
N SER B 99 10.24 -3.39 -25.65
CA SER B 99 11.65 -3.24 -25.38
C SER B 99 12.41 -2.76 -26.58
N PHE B 100 13.43 -1.93 -26.27
CA PHE B 100 14.39 -1.56 -27.31
C PHE B 100 15.05 -2.76 -27.93
N LEU B 101 15.14 -3.86 -27.25
CA LEU B 101 15.80 -5.03 -27.77
C LEU B 101 15.07 -5.61 -28.95
N HIS B 102 13.79 -5.37 -29.12
CA HIS B 102 13.00 -5.91 -30.21
C HIS B 102 12.81 -4.92 -31.31
N ASP B 103 13.49 -3.78 -31.26
CA ASP B 103 13.32 -2.72 -32.26
C ASP B 103 14.65 -2.46 -32.90
N ARG B 104 15.42 -3.45 -33.20
CA ARG B 104 16.79 -3.19 -33.74
C ARG B 104 16.78 -3.46 -35.21
N ALA B 109 0.10 12.03 -31.13
CA ALA B 109 0.25 10.56 -30.98
C ALA B 109 1.30 10.30 -29.97
N ILE B 110 1.25 9.16 -29.29
CA ILE B 110 2.20 8.73 -28.27
C ILE B 110 2.76 7.37 -28.63
N LYS B 111 4.04 7.37 -28.91
CA LYS B 111 4.76 6.16 -29.25
C LYS B 111 5.51 5.64 -28.06
N VAL B 112 5.42 4.34 -27.75
CA VAL B 112 6.21 3.66 -26.73
C VAL B 112 7.02 2.51 -27.30
N ARG B 113 6.70 2.03 -28.50
CA ARG B 113 7.37 0.87 -29.04
C ARG B 113 8.84 1.13 -29.26
N GLY B 114 9.68 0.26 -28.68
CA GLY B 114 11.11 0.42 -28.74
C GLY B 114 11.69 1.37 -27.80
N LEU B 115 10.90 2.02 -26.93
CA LEU B 115 11.37 3.06 -26.05
C LEU B 115 11.37 2.67 -24.61
N LYS B 116 11.32 1.37 -24.34
CA LYS B 116 11.40 0.84 -22.98
C LYS B 116 12.64 -0.02 -22.82
N ALA B 117 13.26 0.12 -21.67
CA ALA B 117 14.27 -0.81 -21.10
C ALA B 117 13.76 -1.10 -19.69
N GLY B 118 12.74 -1.92 -19.59
CA GLY B 118 12.05 -2.19 -18.33
C GLY B 118 11.42 -0.94 -17.77
N ARG B 119 11.86 -0.52 -16.59
CA ARG B 119 11.35 0.65 -15.90
C ARG B 119 12.05 1.94 -16.26
N VAL B 120 12.99 1.84 -17.21
CA VAL B 120 13.45 3.03 -17.92
C VAL B 120 12.55 3.12 -19.15
N SER B 121 11.62 4.07 -19.22
CA SER B 121 10.48 3.93 -20.11
C SER B 121 10.13 5.33 -20.64
N ALA B 122 10.30 5.58 -21.94
CA ALA B 122 9.97 6.87 -22.58
C ALA B 122 8.68 6.74 -23.37
N ALA B 123 7.90 7.82 -23.45
CA ALA B 123 6.74 7.93 -24.33
C ALA B 123 7.05 9.14 -25.18
N LEU B 124 7.11 8.95 -26.50
CA LEU B 124 7.40 10.01 -27.46
C LEU B 124 6.15 10.61 -28.01
N VAL B 125 5.95 11.91 -27.78
CA VAL B 125 4.81 12.65 -28.26
C VAL B 125 5.15 13.28 -29.59
N HIS B 126 4.37 12.95 -30.62
CA HIS B 126 4.68 13.44 -31.95
C HIS B 126 3.33 13.64 -32.70
N ASN B 127 3.43 14.21 -33.88
CA ASN B 127 2.24 14.52 -34.69
C ASN B 127 2.07 13.74 -35.93
N GLY B 128 2.73 12.63 -36.05
CA GLY B 128 2.58 11.67 -37.11
C GLY B 128 3.95 11.33 -37.65
N ASP B 129 4.98 12.12 -37.36
CA ASP B 129 6.35 11.80 -37.70
C ASP B 129 7.16 11.63 -36.43
N PRO B 130 7.46 10.39 -36.00
CA PRO B 130 8.21 10.19 -34.76
C PRO B 130 9.62 10.68 -34.80
N ALA B 131 10.16 10.97 -36.00
CA ALA B 131 11.50 11.60 -36.01
C ALA B 131 11.54 13.10 -35.75
N SER B 132 10.38 13.70 -35.62
CA SER B 132 10.23 15.12 -35.32
C SER B 132 9.16 15.28 -34.27
N GLY B 133 9.50 14.84 -33.07
CA GLY B 133 8.56 14.89 -32.00
C GLY B 133 8.48 16.20 -31.25
N ASP B 134 7.47 16.33 -30.36
CA ASP B 134 7.25 17.51 -29.56
C ASP B 134 7.94 17.41 -28.21
N THR B 135 7.76 16.30 -27.52
CA THR B 135 8.34 16.11 -26.19
C THR B 135 8.40 14.61 -25.87
N ILE B 136 9.02 14.30 -24.75
CA ILE B 136 9.19 12.94 -24.19
C ILE B 136 8.62 12.96 -22.79
N TYR B 137 7.83 11.95 -22.47
CA TYR B 137 7.43 11.68 -21.12
C TYR B 137 8.32 10.60 -20.54
N GLU B 138 9.01 10.88 -19.46
CA GLU B 138 9.83 9.88 -18.77
C GLU B 138 8.95 9.21 -17.77
N VAL B 139 8.44 8.04 -18.15
CA VAL B 139 7.41 7.31 -17.45
C VAL B 139 7.91 6.57 -16.23
N GLY B 140 9.17 6.16 -16.29
CA GLY B 140 9.90 5.54 -15.19
C GLY B 140 11.04 6.42 -14.76
N ALA B 141 12.25 5.92 -14.73
CA ALA B 141 13.40 6.61 -14.17
C ALA B 141 13.55 7.97 -14.86
N MET B 142 13.86 9.01 -14.06
CA MET B 142 14.05 10.33 -14.59
C MET B 142 15.07 11.27 -13.90
N ARG B 143 15.54 10.95 -12.72
CA ARG B 143 16.44 11.87 -12.00
C ARG B 143 17.45 11.08 -11.23
N PHE B 144 18.72 11.54 -11.35
CA PHE B 144 19.84 10.62 -10.98
C PHE B 144 20.70 11.31 -9.98
N PRO B 145 20.87 10.75 -8.77
CA PRO B 145 21.66 11.42 -7.73
C PRO B 145 23.08 11.65 -8.20
N GLU B 146 23.65 12.77 -7.76
CA GLU B 146 25.06 13.08 -8.05
C GLU B 146 26.00 11.98 -7.63
N ILE B 147 25.80 11.43 -6.45
CA ILE B 147 26.67 10.42 -5.85
C ILE B 147 26.30 9.04 -6.22
N ALA B 148 25.44 8.85 -7.24
CA ALA B 148 25.13 7.51 -7.78
C ALA B 148 26.33 7.08 -8.64
N GLY B 149 27.39 6.67 -7.97
CA GLY B 149 28.66 6.49 -8.68
C GLY B 149 28.64 5.40 -9.75
N LEU B 150 27.92 4.31 -9.53
CA LEU B 150 27.90 3.28 -10.54
C LEU B 150 27.06 3.69 -11.69
N THR B 151 25.98 4.42 -11.46
CA THR B 151 25.13 4.98 -12.49
C THR B 151 26.00 5.84 -13.38
N TRP B 152 26.80 6.77 -12.82
CA TRP B 152 27.59 7.63 -13.65
C TRP B 152 28.80 6.92 -14.28
N HIS B 153 29.31 5.89 -13.60
CA HIS B 153 30.31 5.04 -14.22
C HIS B 153 29.80 4.45 -15.56
N TYR B 154 28.60 3.87 -15.53
CA TYR B 154 28.00 3.31 -16.74
C TYR B 154 27.57 4.39 -17.71
N ALA B 155 27.15 5.56 -17.19
CA ALA B 155 26.81 6.65 -18.08
C ALA B 155 28.05 7.09 -18.83
N SER B 156 29.24 7.04 -18.21
CA SER B 156 30.45 7.35 -18.95
C SER B 156 30.79 6.29 -20.00
N ALA B 157 30.58 5.02 -19.67
CA ALA B 157 30.77 4.01 -20.67
C ALA B 157 29.85 4.27 -21.88
N ALA B 158 28.62 4.70 -21.69
CA ALA B 158 27.59 4.90 -22.68
C ALA B 158 27.76 6.18 -23.45
N PHE B 159 28.24 7.27 -22.83
CA PHE B 159 28.21 8.61 -23.39
C PHE B 159 29.53 9.39 -23.35
N GLY B 160 30.49 8.95 -22.57
CA GLY B 160 31.71 9.68 -22.35
C GLY B 160 31.63 10.68 -21.21
N ASP B 161 32.77 10.99 -20.58
CA ASP B 161 32.84 11.91 -19.49
C ASP B 161 32.44 13.32 -19.89
N ALA B 162 32.64 13.73 -21.14
CA ALA B 162 32.43 15.08 -21.54
C ALA B 162 30.95 15.44 -21.71
N ALA B 163 30.03 14.46 -21.76
CA ALA B 163 28.64 14.67 -22.13
C ALA B 163 27.98 15.58 -21.07
N PRO B 164 27.21 16.59 -21.50
CA PRO B 164 26.61 17.52 -20.51
C PRO B 164 25.45 16.94 -19.81
N ILE B 165 25.28 17.34 -18.53
CA ILE B 165 24.11 17.01 -17.74
C ILE B 165 23.55 18.30 -17.13
N LYS B 166 22.32 18.24 -16.70
CA LYS B 166 21.58 19.36 -16.14
C LYS B 166 20.99 18.99 -14.80
N VAL B 167 20.81 19.94 -13.91
CA VAL B 167 20.17 19.74 -12.63
C VAL B 167 18.73 19.41 -12.88
N PHE B 168 18.20 18.30 -12.27
CA PHE B 168 16.80 17.98 -12.46
C PHE B 168 15.96 19.05 -11.71
N PRO B 169 14.88 19.53 -12.36
CA PRO B 169 14.10 20.65 -11.77
C PRO B 169 13.09 20.18 -10.69
N ASN B 170 13.70 19.69 -9.60
CA ASN B 170 12.99 19.26 -8.41
C ASN B 170 12.34 20.47 -7.72
N PRO B 171 11.35 20.19 -6.86
CA PRO B 171 10.85 21.22 -5.98
C PRO B 171 12.05 21.81 -5.25
N GLY B 172 12.09 23.15 -5.21
CA GLY B 172 13.18 23.87 -4.62
C GLY B 172 14.35 24.14 -5.51
N LYS B 173 14.57 23.36 -6.55
CA LYS B 173 15.61 23.66 -7.53
C LYS B 173 15.18 24.70 -8.52
N VAL B 174 13.90 24.79 -8.74
CA VAL B 174 13.22 25.79 -9.54
C VAL B 174 12.16 26.44 -8.63
N PRO B 175 11.59 27.60 -9.02
CA PRO B 175 10.53 28.15 -8.20
C PRO B 175 9.39 27.17 -8.06
N THR B 176 8.92 27.04 -6.83
CA THR B 176 8.02 25.98 -6.44
C THR B 176 6.88 26.55 -5.62
N GLU B 177 5.64 26.02 -5.83
CA GLU B 177 4.53 26.26 -4.94
C GLU B 177 4.26 24.96 -4.17
N PHE B 178 4.09 25.15 -2.89
CA PHE B 178 3.74 24.10 -1.93
C PHE B 178 2.43 24.44 -1.31
N VAL B 179 1.52 23.45 -1.27
CA VAL B 179 0.17 23.60 -0.69
C VAL B 179 -0.11 22.42 0.23
N PHE B 180 -0.43 22.69 1.48
CA PHE B 180 -0.88 21.68 2.43
C PHE B 180 -1.95 22.33 3.27
N GLY B 181 -3.17 21.80 3.25
CA GLY B 181 -4.18 22.45 4.03
C GLY B 181 -4.30 23.91 3.65
N ASN B 182 -4.37 24.75 4.68
CA ASN B 182 -4.41 26.21 4.49
C ASN B 182 -3.09 26.83 4.22
N ARG B 183 -1.99 26.10 4.25
CA ARG B 183 -0.65 26.63 4.07
C ARG B 183 -0.26 26.63 2.63
N VAL B 184 0.22 27.78 2.15
CA VAL B 184 0.87 27.96 0.83
C VAL B 184 2.24 28.52 1.05
N ASP B 185 3.21 27.98 0.36
CA ASP B 185 4.53 28.58 0.25
C ASP B 185 4.98 28.65 -1.16
N ARG B 186 5.69 29.73 -1.54
CA ARG B 186 6.37 29.84 -2.79
C ARG B 186 7.85 30.10 -2.43
N TYR B 187 8.72 29.32 -3.07
CA TYR B 187 10.12 29.32 -2.68
C TYR B 187 11.00 28.83 -3.74
N VAL B 188 12.31 29.11 -3.58
CA VAL B 188 13.36 28.47 -4.33
C VAL B 188 14.47 28.21 -3.35
N GLY B 189 15.05 27.03 -3.23
CA GLY B 189 16.09 26.72 -2.18
C GLY B 189 15.64 26.59 -0.76
N SER B 190 16.64 26.60 0.20
CA SER B 190 16.38 26.52 1.65
C SER B 190 16.79 27.78 2.36
N ASP B 191 17.31 28.78 1.62
CA ASP B 191 17.66 30.09 2.22
C ASP B 191 16.40 30.91 2.33
N PRO B 192 16.07 31.29 3.55
CA PRO B 192 14.81 31.99 3.73
C PRO B 192 14.66 33.26 2.99
N LYS B 193 15.75 33.85 2.56
CA LYS B 193 15.65 35.07 1.78
C LYS B 193 14.88 34.86 0.52
N ASP B 194 14.84 33.63 0.00
CA ASP B 194 14.16 33.30 -1.20
C ASP B 194 12.87 32.48 -1.02
N TRP B 195 12.31 32.58 0.16
CA TRP B 195 10.96 32.14 0.47
C TRP B 195 10.08 33.40 0.51
N GLU B 196 8.88 33.27 -0.03
CA GLU B 196 7.94 34.36 0.03
C GLU B 196 7.59 34.73 1.42
N ASP B 197 7.50 33.76 2.33
CA ASP B 197 7.31 33.99 3.73
C ASP B 197 8.53 33.46 4.50
N PRO B 198 9.49 34.33 4.87
CA PRO B 198 10.65 33.88 5.63
C PRO B 198 10.32 33.36 6.99
N ASP B 199 9.15 33.62 7.51
CA ASP B 199 8.69 33.10 8.80
C ASP B 199 7.84 31.87 8.60
N SER B 200 7.88 31.23 7.44
CA SER B 200 6.99 30.10 7.20
C SER B 200 7.18 28.99 8.22
N PRO B 201 6.09 28.39 8.67
CA PRO B 201 6.19 27.19 9.48
C PRO B 201 6.77 26.00 8.75
N THR B 202 6.65 26.00 7.44
CA THR B 202 7.19 24.92 6.62
C THR B 202 8.70 24.94 6.70
N LEU B 203 9.30 26.10 6.57
CA LEU B 203 10.73 26.22 6.71
C LEU B 203 11.16 25.86 8.12
N LYS B 204 10.40 26.18 9.19
CA LYS B 204 10.77 25.78 10.54
C LYS B 204 10.76 24.28 10.72
N VAL B 205 9.71 23.63 10.23
CA VAL B 205 9.63 22.18 10.40
C VAL B 205 10.69 21.50 9.58
N LEU B 206 11.01 21.98 8.39
CA LEU B 206 12.04 21.41 7.61
C LEU B 206 13.35 21.45 8.36
N GLY B 207 13.68 22.55 9.00
CA GLY B 207 14.91 22.64 9.79
C GLY B 207 14.93 21.72 10.97
N VAL B 208 13.80 21.57 11.67
CA VAL B 208 13.66 20.66 12.78
C VAL B 208 13.93 19.25 12.31
N VAL B 209 13.29 18.81 11.22
CA VAL B 209 13.44 17.43 10.75
C VAL B 209 14.82 17.16 10.21
N ALA B 210 15.44 18.14 9.55
CA ALA B 210 16.88 18.02 9.15
C ALA B 210 17.78 17.89 10.26
N GLY B 211 17.66 18.74 11.25
CA GLY B 211 18.53 18.63 12.45
C GLY B 211 18.37 17.31 13.11
N GLY B 212 17.14 16.82 13.16
CA GLY B 212 16.90 15.61 13.86
C GLY B 212 17.32 14.37 13.13
N LEU B 213 17.25 14.34 11.81
CA LEU B 213 17.56 13.13 11.07
C LEU B 213 19.01 13.18 10.58
N VAL B 214 19.49 14.31 10.05
CA VAL B 214 20.78 14.38 9.39
C VAL B 214 21.86 14.90 10.32
N GLY B 215 21.55 15.96 11.07
CA GLY B 215 22.51 16.60 11.92
C GLY B 215 23.59 17.34 11.18
N ASN B 216 24.71 17.50 11.88
CA ASN B 216 25.80 18.35 11.45
C ASN B 216 27.07 17.65 11.04
N PRO B 217 27.66 18.00 9.89
CA PRO B 217 28.88 17.37 9.46
C PRO B 217 30.07 17.76 10.31
N GLN B 218 29.97 18.87 11.05
CA GLN B 218 31.07 19.24 11.91
C GLN B 218 30.52 19.64 13.26
N GLY B 219 31.36 19.65 14.30
CA GLY B 219 30.92 20.16 15.59
C GLY B 219 29.97 19.24 16.32
N GLU B 220 29.07 19.82 17.09
CA GLU B 220 28.24 19.14 18.00
C GLU B 220 27.34 18.15 17.19
N ASN B 221 27.03 17.06 17.85
CA ASN B 221 26.05 16.14 17.28
C ASN B 221 24.65 16.43 17.79
N VAL B 222 23.74 16.74 16.90
CA VAL B 222 22.38 17.12 17.23
C VAL B 222 21.30 16.20 16.74
N ALA B 223 21.67 15.19 15.96
CA ALA B 223 20.66 14.31 15.41
C ALA B 223 20.09 13.34 16.45
N MET B 224 18.84 12.92 16.27
CA MET B 224 18.16 12.07 17.20
C MET B 224 18.47 10.66 17.06
N TYR B 225 18.95 10.18 15.89
CA TYR B 225 19.15 8.77 15.61
C TYR B 225 20.61 8.64 15.15
N PRO B 226 21.59 8.61 16.09
CA PRO B 226 22.99 8.56 15.73
C PRO B 226 23.37 7.23 15.13
N ILE B 227 24.45 7.27 14.41
CA ILE B 227 25.17 6.12 13.90
C ILE B 227 26.59 6.21 14.47
N ALA B 228 27.07 5.14 15.16
CA ALA B 228 28.40 5.24 15.82
C ALA B 228 28.47 6.42 16.74
N ASN B 229 27.37 6.70 17.39
CA ASN B 229 27.27 7.82 18.37
C ASN B 229 27.44 9.20 17.75
N VAL B 230 27.39 9.37 16.44
CA VAL B 230 27.53 10.63 15.83
C VAL B 230 26.42 10.89 14.83
N ASP B 231 26.31 12.12 14.33
CA ASP B 231 25.31 12.46 13.38
C ASP B 231 25.51 11.76 12.08
N PRO B 232 24.42 11.37 11.40
CA PRO B 232 24.57 10.80 10.05
C PRO B 232 25.39 11.61 9.10
N ALA B 233 25.30 12.90 9.15
CA ALA B 233 26.12 13.72 8.29
C ALA B 233 27.58 13.40 8.41
N LYS B 234 28.09 13.09 9.57
CA LYS B 234 29.50 12.75 9.75
C LYS B 234 29.79 11.39 9.10
N ILE B 235 28.85 10.45 9.23
CA ILE B 235 29.06 9.12 8.62
C ILE B 235 29.08 9.24 7.10
N ALA B 236 28.20 10.06 6.56
CA ALA B 236 28.13 10.27 5.10
C ALA B 236 29.47 10.67 4.59
N ALA B 237 30.14 11.61 5.27
CA ALA B 237 31.45 12.07 4.85
C ALA B 237 32.48 10.97 4.87
N ILE B 238 32.45 10.10 5.84
CA ILE B 238 33.36 8.95 5.91
C ILE B 238 33.13 8.04 4.71
N LEU B 239 31.88 7.67 4.52
CA LEU B 239 31.45 6.79 3.42
C LEU B 239 31.86 7.31 2.05
N ASN B 240 31.92 8.63 1.90
CA ASN B 240 32.28 9.25 0.66
C ASN B 240 33.76 9.60 0.51
N ALA B 241 34.59 9.32 1.51
CA ALA B 241 35.95 9.75 1.53
C ALA B 241 36.78 8.90 0.59
N ALA B 242 37.75 9.49 -0.11
CA ALA B 242 38.67 8.73 -0.92
C ALA B 242 39.50 7.75 -0.03
N THR B 243 39.90 8.31 1.12
CA THR B 243 40.81 7.66 2.10
C THR B 243 40.24 7.80 3.49
N PRO B 244 39.25 6.95 3.81
CA PRO B 244 38.70 7.01 5.15
C PRO B 244 39.67 6.61 6.23
N PRO B 245 39.32 6.92 7.48
CA PRO B 245 40.26 6.49 8.48
C PRO B 245 40.43 4.96 8.49
N ALA B 246 41.54 4.44 8.93
CA ALA B 246 41.80 3.02 9.02
C ALA B 246 40.69 2.39 9.96
N ASP B 247 40.18 1.25 9.55
CA ASP B 247 39.13 0.50 10.27
C ASP B 247 37.74 1.08 10.22
N ALA B 248 37.55 2.30 9.68
CA ALA B 248 36.22 2.96 9.75
C ALA B 248 35.22 2.20 8.95
N LEU B 249 35.56 1.82 7.73
CA LEU B 249 34.59 1.11 6.89
C LEU B 249 34.30 -0.26 7.46
N GLU B 250 35.25 -1.00 7.95
CA GLU B 250 34.95 -2.26 8.59
C GLU B 250 34.07 -2.10 9.79
N ARG B 251 34.33 -1.12 10.64
CA ARG B 251 33.49 -0.95 11.81
C ARG B 251 32.08 -0.55 11.46
N ILE B 252 31.90 0.30 10.46
CA ILE B 252 30.55 0.62 10.00
C ILE B 252 29.85 -0.63 9.49
N GLN B 253 30.52 -1.41 8.69
CA GLN B 253 29.94 -2.59 8.04
C GLN B 253 29.52 -3.61 9.03
N THR B 254 30.37 -3.91 10.01
CA THR B 254 30.16 -5.05 10.91
C THR B 254 29.51 -4.66 12.21
N LYS B 255 29.72 -3.43 12.70
CA LYS B 255 29.25 -3.01 14.00
C LYS B 255 28.18 -1.92 13.92
N TYR B 256 28.57 -0.73 13.43
CA TYR B 256 27.72 0.45 13.65
C TYR B 256 26.49 0.47 12.78
N TRP B 257 26.54 0.09 11.53
CA TRP B 257 25.34 0.02 10.74
C TRP B 257 24.42 -1.10 11.19
N PRO B 258 24.94 -2.32 11.48
CA PRO B 258 24.11 -3.36 12.10
C PRO B 258 23.47 -2.91 13.36
N GLU B 259 24.15 -2.17 14.22
CA GLU B 259 23.56 -1.68 15.44
C GLU B 259 22.44 -0.68 15.18
N PHE B 260 22.60 0.19 14.18
CA PHE B 260 21.52 1.12 13.76
C PHE B 260 20.29 0.33 13.34
N ILE B 261 20.52 -0.71 12.51
CA ILE B 261 19.42 -1.56 12.08
C ILE B 261 18.77 -2.22 13.24
N ALA B 262 19.52 -2.79 14.16
CA ALA B 262 18.95 -3.48 15.32
C ALA B 262 18.04 -2.53 16.14
N GLN B 263 18.46 -1.27 16.23
CA GLN B 263 17.72 -0.30 17.05
C GLN B 263 16.50 0.22 16.34
N TYR B 264 16.60 0.49 15.06
CA TYR B 264 15.65 1.36 14.34
C TYR B 264 14.94 0.75 13.20
N ASP B 265 15.23 -0.54 12.81
CA ASP B 265 14.46 -1.11 11.73
C ASP B 265 13.01 -1.39 12.03
N GLY B 266 12.63 -1.34 13.28
CA GLY B 266 11.28 -1.39 13.70
C GLY B 266 10.57 -0.05 13.85
N LEU B 267 11.20 1.03 13.39
CA LEU B 267 10.66 2.40 13.49
C LEU B 267 10.40 2.89 12.11
N THR B 268 9.18 3.32 11.82
CA THR B 268 8.88 3.93 10.55
C THR B 268 9.40 5.34 10.46
N LEU B 269 9.55 5.80 9.21
CA LEU B 269 9.83 7.20 8.94
C LEU B 269 8.79 8.11 9.55
N GLY B 270 7.51 7.81 9.37
CA GLY B 270 6.49 8.68 9.99
C GLY B 270 6.56 8.75 11.49
N ALA B 271 6.89 7.62 12.13
CA ALA B 271 7.10 7.57 13.59
C ALA B 271 8.27 8.40 13.99
N ALA B 272 9.37 8.34 13.24
CA ALA B 272 10.59 9.13 13.50
C ALA B 272 10.30 10.60 13.37
N VAL B 273 9.63 11.01 12.33
CA VAL B 273 9.23 12.42 12.16
C VAL B 273 8.45 12.91 13.36
N ARG B 274 7.47 12.11 13.80
CA ARG B 274 6.68 12.52 14.96
C ARG B 274 7.54 12.61 16.19
N GLU B 275 8.44 11.68 16.41
CA GLU B 275 9.31 11.80 17.62
C GLU B 275 10.08 13.09 17.59
N ILE B 276 10.69 13.43 16.44
CA ILE B 276 11.45 14.63 16.30
C ILE B 276 10.61 15.88 16.51
N VAL B 277 9.46 15.94 15.87
CA VAL B 277 8.57 17.07 16.04
C VAL B 277 8.11 17.20 17.46
N THR B 278 7.85 16.10 18.16
CA THR B 278 7.36 16.14 19.54
C THR B 278 8.40 16.81 20.43
N VAL B 279 9.67 16.41 20.31
CA VAL B 279 10.73 17.00 21.11
C VAL B 279 10.84 18.49 20.83
N ALA B 280 10.81 18.90 19.57
CA ALA B 280 10.90 20.30 19.16
C ALA B 280 9.72 21.11 19.65
N PHE B 281 8.55 20.53 19.66
CA PHE B 281 7.38 21.21 20.15
C PHE B 281 7.49 21.42 21.64
N GLU B 282 7.95 20.42 22.37
CA GLU B 282 8.12 20.53 23.79
C GLU B 282 9.20 21.58 24.19
N LYS B 283 10.23 21.71 23.31
CA LYS B 283 11.30 22.65 23.54
C LYS B 283 10.85 24.03 23.17
N GLY B 284 9.73 24.22 22.48
CA GLY B 284 9.31 25.54 21.94
C GLY B 284 9.82 25.99 20.63
N THR B 285 10.56 25.15 19.92
CA THR B 285 11.06 25.49 18.63
C THR B 285 9.91 25.57 17.64
N LEU B 286 8.88 24.77 17.83
CA LEU B 286 7.73 24.77 17.01
C LEU B 286 6.57 25.25 17.86
N PRO B 287 5.96 26.34 17.49
CA PRO B 287 4.90 26.82 18.36
C PRO B 287 3.54 26.18 18.04
N PRO B 288 2.60 26.32 18.98
CA PRO B 288 1.25 25.91 18.72
C PRO B 288 0.84 26.61 17.44
N VAL B 289 0.10 25.87 16.63
CA VAL B 289 -0.11 26.25 15.22
C VAL B 289 -0.80 27.52 15.02
N ASP B 290 -1.84 27.68 15.79
CA ASP B 290 -2.37 29.04 15.89
C ASP B 290 -2.79 29.03 17.35
N GLY B 291 -3.58 29.99 17.75
CA GLY B 291 -4.17 29.94 19.12
C GLY B 291 -5.19 28.88 19.45
N VAL B 292 -5.61 28.08 18.52
CA VAL B 292 -6.81 27.21 18.79
C VAL B 292 -6.38 25.71 18.89
N LEU B 293 -5.36 25.27 18.15
CA LEU B 293 -5.01 23.78 18.20
C LEU B 293 -4.46 23.27 19.59
N ASP B 294 -4.80 22.07 20.07
CA ASP B 294 -4.19 21.51 21.28
C ASP B 294 -2.81 20.92 20.91
N VAL B 295 -2.17 20.27 21.87
CA VAL B 295 -0.80 19.90 21.74
C VAL B 295 -0.70 18.86 20.66
N ASP B 296 -1.44 17.80 20.78
CA ASP B 296 -1.29 16.67 19.86
C ASP B 296 -1.75 17.08 18.43
N GLU B 297 -2.69 18.03 18.32
CA GLU B 297 -3.11 18.61 17.06
C GLU B 297 -2.03 19.42 16.42
N SER B 298 -1.35 20.26 17.16
CA SER B 298 -0.29 21.00 16.59
C SER B 298 0.85 20.07 16.15
N ILE B 299 1.22 19.09 16.97
CA ILE B 299 2.25 18.14 16.61
C ILE B 299 1.88 17.43 15.31
N SER B 300 0.65 16.98 15.23
CA SER B 300 0.16 16.27 14.08
C SER B 300 0.18 17.16 12.83
N TYR B 301 -0.22 18.42 12.96
CA TYR B 301 -0.14 19.36 11.90
C TYR B 301 1.29 19.45 11.35
N TYR B 302 2.28 19.62 12.22
CA TYR B 302 3.63 19.72 11.73
C TYR B 302 4.12 18.46 11.09
N VAL B 303 3.80 17.30 11.66
CA VAL B 303 4.18 16.02 11.06
C VAL B 303 3.63 15.91 9.65
N GLU B 304 2.37 16.30 9.50
CA GLU B 304 1.72 16.16 8.22
C GLU B 304 2.16 17.26 7.21
N LEU B 305 2.43 18.45 7.71
CA LEU B 305 3.01 19.50 6.90
C LEU B 305 4.36 19.05 6.33
N PHE B 306 5.25 18.57 7.18
CA PHE B 306 6.50 18.07 6.69
C PHE B 306 6.28 16.89 5.75
N GLY B 307 5.32 16.05 6.07
CA GLY B 307 5.02 14.94 5.20
C GLY B 307 4.72 15.38 3.79
N ARG B 308 3.93 16.42 3.61
CA ARG B 308 3.63 16.84 2.26
C ARG B 308 4.79 17.56 1.61
N PHE B 309 5.66 18.20 2.39
CA PHE B 309 6.76 19.00 1.84
C PHE B 309 7.89 18.17 1.30
N GLY B 310 8.46 17.30 2.17
CA GLY B 310 9.54 16.38 1.77
C GLY B 310 10.94 16.85 1.96
N PHE B 311 11.84 16.09 1.32
CA PHE B 311 13.30 16.14 1.47
C PHE B 311 14.00 16.68 0.25
N GLY B 312 13.24 17.11 -0.75
CA GLY B 312 13.79 17.61 -2.00
C GLY B 312 13.22 17.01 -3.25
N THR B 313 12.38 15.99 -3.12
CA THR B 313 11.76 15.35 -4.26
C THR B 313 10.23 15.27 -4.06
N GLY B 314 9.63 16.17 -3.24
CA GLY B 314 8.21 16.18 -2.94
C GLY B 314 7.86 15.41 -1.72
N GLY B 315 6.57 15.41 -1.35
CA GLY B 315 6.23 14.84 -0.06
C GLY B 315 6.56 13.40 0.09
N PHE B 316 7.16 13.09 1.24
CA PHE B 316 7.39 11.71 1.68
C PHE B 316 6.33 11.18 2.61
N LYS B 317 5.27 11.93 2.86
CA LYS B 317 4.12 11.37 3.56
C LYS B 317 3.74 10.02 3.02
N PRO B 318 3.57 9.81 1.71
CA PRO B 318 3.17 8.46 1.22
C PRO B 318 4.20 7.41 1.55
N LEU B 319 5.43 7.78 1.80
CA LEU B 319 6.51 6.88 2.17
C LEU B 319 6.74 6.77 3.66
N TYR B 320 5.80 7.26 4.48
CA TYR B 320 5.99 7.25 5.89
C TYR B 320 6.06 5.88 6.53
N ASN B 321 5.61 4.83 5.84
CA ASN B 321 5.73 3.51 6.39
C ASN B 321 7.08 2.84 6.15
N ILE B 322 7.93 3.46 5.35
CA ILE B 322 9.26 2.87 5.17
C ILE B 322 10.02 2.84 6.50
N SER B 323 10.90 1.88 6.65
CA SER B 323 11.77 1.87 7.80
C SER B 323 12.61 3.13 7.84
N LEU B 324 12.89 3.61 9.04
CA LEU B 324 13.91 4.65 9.21
C LEU B 324 15.21 4.26 8.59
N VAL B 325 15.57 2.97 8.64
CA VAL B 325 16.83 2.51 8.00
C VAL B 325 16.87 2.86 6.50
N GLU B 326 15.72 2.61 5.85
CA GLU B 326 15.62 2.89 4.43
C GLU B 326 15.74 4.39 4.14
N MET B 327 15.07 5.24 4.92
CA MET B 327 15.26 6.65 4.72
C MET B 327 16.68 7.05 5.00
N MET B 328 17.32 6.48 6.00
CA MET B 328 18.69 6.84 6.35
C MET B 328 19.68 6.53 5.26
N ARG B 329 19.46 5.44 4.48
CA ARG B 329 20.32 5.18 3.34
C ARG B 329 20.24 6.35 2.36
N LEU B 330 19.06 6.90 2.13
CA LEU B 330 18.89 8.00 1.21
C LEU B 330 19.50 9.30 1.74
N ILE B 331 19.39 9.52 3.04
CA ILE B 331 20.07 10.65 3.70
C ILE B 331 21.54 10.61 3.54
N LEU B 332 22.14 9.44 3.81
CA LEU B 332 23.58 9.30 3.71
C LEU B 332 24.09 9.55 2.32
N TRP B 333 23.30 9.20 1.31
CA TRP B 333 23.59 9.29 -0.11
C TRP B 333 23.35 10.69 -0.68
N ASP B 334 22.78 11.59 0.13
CA ASP B 334 22.37 12.89 -0.42
C ASP B 334 21.48 12.74 -1.65
N TYR B 335 20.48 11.86 -1.54
CA TYR B 335 19.80 11.34 -2.72
C TYR B 335 19.12 12.41 -3.54
N SER B 336 18.69 13.54 -2.92
CA SER B 336 17.85 14.51 -3.61
C SER B 336 18.59 15.38 -4.60
N ASN B 337 19.93 15.38 -4.55
CA ASN B 337 20.73 16.25 -5.38
C ASN B 337 20.94 15.55 -6.72
N GLU B 338 20.07 15.80 -7.70
CA GLU B 338 19.94 14.93 -8.86
C GLU B 338 20.10 15.70 -10.17
N TYR B 339 20.41 14.94 -11.22
CA TYR B 339 20.70 15.39 -12.56
C TYR B 339 19.95 14.56 -13.58
N THR B 340 19.92 15.10 -14.79
CA THR B 340 19.47 14.43 -15.97
C THR B 340 20.58 13.72 -16.68
N LEU B 341 20.24 12.88 -17.67
CA LEU B 341 21.20 12.22 -18.50
C LEU B 341 21.37 13.01 -19.80
N PRO B 342 22.52 12.77 -20.54
CA PRO B 342 22.74 13.48 -21.80
C PRO B 342 22.02 12.81 -22.98
N VAL B 343 20.69 12.82 -22.96
CA VAL B 343 19.85 12.05 -23.87
C VAL B 343 18.64 12.83 -24.17
N THR B 344 17.94 12.43 -25.20
CA THR B 344 16.55 12.79 -25.45
C THR B 344 15.61 11.88 -24.66
N GLU B 345 15.94 10.61 -24.58
CA GLU B 345 15.12 9.63 -23.86
C GLU B 345 16.06 8.78 -23.03
N ASN B 346 15.70 8.54 -21.77
CA ASN B 346 16.58 7.78 -20.87
C ASN B 346 16.87 6.39 -21.36
N VAL B 347 15.97 5.78 -22.08
CA VAL B 347 16.20 4.44 -22.66
C VAL B 347 17.44 4.41 -23.47
N GLU B 348 17.86 5.52 -24.07
CA GLU B 348 19.09 5.54 -24.85
C GLU B 348 20.28 5.08 -24.01
N PHE B 349 20.31 5.41 -22.71
CA PHE B 349 21.37 4.96 -21.82
C PHE B 349 21.49 3.43 -21.91
N ILE B 350 20.38 2.74 -21.68
CA ILE B 350 20.43 1.27 -21.62
C ILE B 350 20.73 0.68 -22.98
N ARG B 351 20.15 1.26 -24.05
CA ARG B 351 20.47 0.83 -25.39
C ARG B 351 21.94 0.95 -25.69
N ASN B 352 22.52 2.09 -25.33
CA ASN B 352 23.95 2.32 -25.58
C ASN B 352 24.76 1.33 -24.79
N LEU B 353 24.37 1.04 -23.54
CA LEU B 353 25.15 0.10 -22.72
C LEU B 353 25.08 -1.31 -23.35
N PHE B 354 23.94 -1.70 -23.92
CA PHE B 354 23.82 -2.97 -24.59
C PHE B 354 24.77 -3.05 -25.79
N LEU B 355 24.82 -2.01 -26.56
CA LEU B 355 25.73 -1.99 -27.70
C LEU B 355 27.19 -2.00 -27.21
N LYS B 356 27.51 -1.26 -26.18
CA LYS B 356 28.86 -1.27 -25.70
C LYS B 356 29.24 -2.64 -25.10
N ALA B 357 28.31 -3.37 -24.53
CA ALA B 357 28.60 -4.72 -24.02
C ALA B 357 29.12 -5.58 -25.12
N GLN B 358 28.48 -5.52 -26.28
CA GLN B 358 28.92 -6.31 -27.42
C GLN B 358 30.25 -5.83 -27.92
N ASN B 359 30.48 -4.54 -27.93
CA ASN B 359 31.78 -4.03 -28.40
C ASN B 359 32.93 -4.48 -27.48
N VAL B 360 32.73 -4.35 -26.16
CA VAL B 360 33.77 -4.66 -25.19
C VAL B 360 34.11 -6.14 -25.15
N GLY B 361 33.17 -6.98 -25.57
CA GLY B 361 33.43 -8.43 -25.63
C GLY B 361 34.50 -8.80 -26.59
N ALA B 362 34.80 -7.93 -27.56
CA ALA B 362 35.90 -8.18 -28.47
C ALA B 362 35.71 -9.47 -29.32
N GLY B 363 34.51 -9.72 -29.69
CA GLY B 363 34.08 -10.87 -30.46
C GLY B 363 33.95 -12.17 -29.67
N LYS B 364 34.28 -12.21 -28.40
CA LYS B 364 34.21 -13.37 -27.48
C LYS B 364 32.87 -13.49 -26.82
N LEU B 365 32.05 -12.42 -26.86
CA LEU B 365 30.68 -12.47 -26.37
C LEU B 365 29.75 -12.48 -27.56
N VAL B 366 28.86 -13.46 -27.60
CA VAL B 366 27.75 -13.51 -28.58
C VAL B 366 26.47 -13.40 -27.82
N VAL B 367 25.56 -12.57 -28.33
CA VAL B 367 24.30 -12.33 -27.69
C VAL B 367 23.18 -12.60 -28.65
N GLN B 368 22.17 -13.30 -28.18
CA GLN B 368 20.90 -13.51 -28.90
C GLN B 368 19.78 -13.10 -28.02
N VAL B 369 18.85 -12.36 -28.56
CA VAL B 369 17.65 -11.92 -27.90
C VAL B 369 16.49 -12.86 -28.21
N ARG B 370 15.80 -13.25 -27.18
CA ARG B 370 14.63 -14.07 -27.26
C ARG B 370 13.42 -13.29 -26.76
N GLN B 371 12.43 -13.12 -27.61
CA GLN B 371 11.17 -12.47 -27.26
C GLN B 371 10.26 -13.53 -26.64
N GLU B 372 10.59 -13.85 -25.40
CA GLU B 372 9.96 -14.95 -24.67
C GLU B 372 9.85 -14.58 -23.25
N ARG B 373 8.77 -15.01 -22.63
CA ARG B 373 8.54 -14.86 -21.20
C ARG B 373 8.99 -16.15 -20.44
N VAL B 374 9.95 -16.01 -19.56
CA VAL B 374 10.34 -17.13 -18.69
C VAL B 374 9.25 -17.41 -17.70
N ALA B 375 8.80 -18.66 -17.61
CA ALA B 375 7.79 -19.08 -16.64
C ALA B 375 8.37 -19.83 -15.47
N ASN B 376 9.52 -20.52 -15.63
CA ASN B 376 10.11 -21.37 -14.64
C ASN B 376 11.60 -21.46 -14.79
N ALA B 377 12.26 -21.58 -13.65
CA ALA B 377 13.69 -21.93 -13.57
C ALA B 377 13.85 -23.09 -12.61
N CYS B 378 14.84 -23.94 -12.90
CA CYS B 378 15.16 -25.03 -11.95
C CYS B 378 16.57 -25.50 -12.29
N HIS B 379 17.12 -26.37 -11.43
CA HIS B 379 18.24 -27.21 -11.81
C HIS B 379 17.67 -28.58 -12.10
N SER B 380 18.15 -29.25 -13.17
CA SER B 380 17.69 -30.58 -13.42
C SER B 380 18.67 -31.35 -14.22
N GLY B 381 18.50 -32.67 -14.20
CA GLY B 381 19.24 -33.60 -15.06
C GLY B 381 20.64 -33.79 -14.57
N THR B 382 21.44 -34.42 -15.43
CA THR B 382 22.82 -34.86 -15.13
C THR B 382 23.81 -34.32 -16.13
N ALA B 383 23.38 -33.47 -17.05
CA ALA B 383 24.31 -32.93 -18.08
C ALA B 383 25.08 -31.80 -17.47
N SER B 384 26.06 -31.38 -18.25
CA SER B 384 26.88 -30.31 -17.81
C SER B 384 26.11 -29.00 -17.48
N ALA B 385 25.30 -28.57 -18.42
CA ALA B 385 24.43 -27.41 -18.31
C ALA B 385 23.15 -27.86 -17.66
N ARG B 386 23.03 -27.56 -16.39
CA ARG B 386 21.87 -28.01 -15.57
C ARG B 386 20.91 -26.92 -15.18
N ALA B 387 21.24 -25.68 -15.52
CA ALA B 387 20.34 -24.58 -15.10
C ALA B 387 19.27 -24.41 -16.22
N GLN B 388 18.04 -24.76 -15.93
CA GLN B 388 16.98 -24.84 -16.89
C GLN B 388 16.10 -23.59 -16.85
N LEU B 389 15.69 -23.15 -18.06
CA LEU B 389 14.65 -22.12 -18.19
C LEU B 389 13.58 -22.59 -19.13
N LEU B 390 12.34 -22.50 -18.65
CA LEU B 390 11.13 -22.79 -19.40
C LEU B 390 10.51 -21.46 -19.78
N SER B 391 10.22 -21.26 -21.07
CA SER B 391 9.70 -20.00 -21.53
C SER B 391 8.60 -20.20 -22.55
N TYR B 392 7.88 -19.11 -22.89
CA TYR B 392 6.81 -19.10 -23.87
C TYR B 392 7.09 -17.95 -24.81
N ASP B 393 6.96 -18.24 -26.13
CA ASP B 393 7.13 -17.19 -27.12
C ASP B 393 5.82 -16.48 -27.40
N SER B 394 5.83 -15.59 -28.40
CA SER B 394 4.64 -14.75 -28.68
C SER B 394 3.47 -15.51 -29.24
N HIS B 395 3.65 -16.76 -29.62
CA HIS B 395 2.55 -17.64 -30.00
C HIS B 395 2.18 -18.58 -28.89
N ASN B 396 2.70 -18.34 -27.71
CA ASN B 396 2.47 -19.16 -26.53
C ASN B 396 3.02 -20.56 -26.63
N ALA B 397 3.97 -20.79 -27.55
CA ALA B 397 4.64 -22.06 -27.65
C ALA B 397 5.77 -22.17 -26.62
N VAL B 398 5.87 -23.36 -26.02
CA VAL B 398 6.87 -23.62 -24.95
C VAL B 398 8.23 -23.85 -25.52
N HIS B 399 9.23 -23.45 -24.77
CA HIS B 399 10.62 -23.65 -25.06
C HIS B 399 11.39 -23.97 -23.79
N SER B 400 12.30 -24.90 -23.85
CA SER B 400 13.17 -25.27 -22.74
C SER B 400 14.60 -25.18 -23.13
N GLU B 401 15.45 -24.60 -22.32
CA GLU B 401 16.83 -24.48 -22.65
C GLU B 401 17.63 -24.61 -21.36
N ALA B 402 18.79 -25.28 -21.46
CA ALA B 402 19.73 -25.46 -20.38
C ALA B 402 20.98 -24.59 -20.51
N TYR B 403 21.49 -24.11 -19.42
CA TYR B 403 22.58 -23.19 -19.37
C TYR B 403 23.57 -23.62 -18.29
N ASP B 404 24.79 -23.10 -18.44
CA ASP B 404 25.82 -23.21 -17.38
C ASP B 404 25.46 -22.34 -16.19
N PHE B 405 25.04 -21.10 -16.46
CA PHE B 405 24.72 -20.16 -15.41
C PHE B 405 23.56 -19.32 -15.90
N VAL B 406 22.78 -18.77 -14.97
CA VAL B 406 21.64 -17.94 -15.28
C VAL B 406 21.66 -16.74 -14.32
N ILE B 407 21.46 -15.55 -14.92
CA ILE B 407 21.21 -14.32 -14.17
C ILE B 407 19.75 -13.96 -14.33
N LEU B 408 19.02 -13.98 -13.20
CA LEU B 408 17.58 -13.63 -13.18
C LEU B 408 17.49 -12.17 -12.87
N ALA B 409 17.33 -11.35 -13.90
CA ALA B 409 17.39 -9.89 -13.86
C ALA B 409 15.99 -9.28 -13.99
N VAL B 410 15.08 -9.72 -13.09
CA VAL B 410 13.70 -9.23 -13.06
C VAL B 410 13.40 -8.90 -11.61
N PRO B 411 12.51 -7.94 -11.35
CA PRO B 411 12.14 -7.58 -9.98
C PRO B 411 11.26 -8.63 -9.34
N HIS B 412 11.03 -8.44 -8.05
CA HIS B 412 10.65 -9.59 -7.22
C HIS B 412 9.33 -10.18 -7.53
N ASP B 413 8.31 -9.39 -7.87
CA ASP B 413 7.03 -10.00 -8.20
C ASP B 413 7.08 -10.76 -9.51
N GLN B 414 7.91 -10.30 -10.46
CA GLN B 414 8.10 -11.07 -11.72
C GLN B 414 8.96 -12.31 -11.46
N LEU B 415 9.84 -12.31 -10.50
CA LEU B 415 10.69 -13.44 -10.18
C LEU B 415 9.93 -14.54 -9.49
N THR B 416 8.98 -14.20 -8.61
CA THR B 416 8.28 -15.16 -7.81
C THR B 416 7.76 -16.36 -8.62
N PRO B 417 6.99 -16.22 -9.68
CA PRO B 417 6.47 -17.40 -10.37
C PRO B 417 7.55 -18.27 -10.94
N ILE B 418 8.71 -17.73 -11.25
CA ILE B 418 9.81 -18.41 -11.86
C ILE B 418 10.57 -19.33 -10.87
N VAL B 419 10.58 -18.92 -9.57
CA VAL B 419 11.42 -19.57 -8.57
C VAL B 419 10.70 -20.25 -7.44
N SER B 420 9.38 -20.11 -7.35
CA SER B 420 8.64 -20.49 -6.18
C SER B 420 7.73 -21.65 -6.35
N ARG B 421 7.60 -22.25 -7.51
CA ARG B 421 6.56 -23.22 -7.81
C ARG B 421 7.11 -24.67 -7.94
N SER B 422 8.40 -24.83 -7.66
CA SER B 422 9.15 -26.09 -7.77
C SER B 422 9.47 -26.66 -6.38
N GLY B 423 8.85 -26.18 -5.33
CA GLY B 423 9.24 -26.69 -4.06
C GLY B 423 10.63 -26.30 -3.59
N PHE B 424 11.10 -27.03 -2.59
CA PHE B 424 12.26 -26.61 -1.82
C PHE B 424 13.27 -27.66 -1.56
N GLU B 425 13.22 -28.74 -2.33
CA GLU B 425 14.13 -29.87 -2.18
C GLU B 425 14.13 -30.68 -3.48
N HIS B 426 14.84 -31.76 -3.55
CA HIS B 426 14.86 -32.65 -4.72
C HIS B 426 13.46 -33.14 -4.98
N ALA B 427 13.14 -33.25 -6.29
CA ALA B 427 11.96 -33.92 -6.77
C ALA B 427 12.34 -34.86 -7.87
N ALA B 428 11.79 -36.10 -7.90
CA ALA B 428 12.10 -37.01 -8.98
C ALA B 428 11.78 -36.47 -10.34
N SER B 429 10.65 -35.81 -10.47
CA SER B 429 10.18 -35.19 -11.74
C SER B 429 9.18 -34.12 -11.42
N GLN B 430 9.17 -33.14 -12.27
CA GLN B 430 8.19 -32.09 -12.23
C GLN B 430 7.79 -31.71 -13.65
N ASN B 431 6.50 -31.49 -13.81
CA ASN B 431 5.97 -31.00 -15.08
C ASN B 431 5.77 -29.49 -14.95
N LEU B 432 6.81 -28.74 -15.33
CA LEU B 432 6.77 -27.33 -15.06
C LEU B 432 6.20 -26.51 -16.21
N GLY B 433 5.70 -25.35 -15.87
CA GLY B 433 5.16 -24.38 -16.82
C GLY B 433 3.84 -23.83 -16.31
N ASP B 434 3.18 -23.10 -17.20
CA ASP B 434 1.99 -22.35 -16.83
C ASP B 434 0.74 -23.17 -17.11
N ALA B 435 0.65 -24.28 -16.39
CA ALA B 435 -0.47 -25.23 -16.58
C ALA B 435 -1.82 -24.59 -16.28
N GLY B 436 -1.91 -23.66 -15.33
CA GLY B 436 -3.20 -23.03 -15.05
C GLY B 436 -3.73 -22.16 -16.16
N LEU B 437 -2.80 -21.67 -16.98
CA LEU B 437 -3.13 -20.90 -18.18
C LEU B 437 -3.50 -21.78 -19.33
N GLY B 438 -3.38 -23.10 -19.23
CA GLY B 438 -3.58 -24.00 -20.36
C GLY B 438 -2.41 -24.13 -21.26
N LEU B 439 -1.23 -23.65 -20.83
CA LEU B 439 -0.10 -23.71 -21.67
C LEU B 439 0.70 -25.01 -21.42
N GLU B 440 1.49 -25.42 -22.40
CA GLU B 440 2.21 -26.68 -22.38
C GLU B 440 3.28 -26.71 -21.30
N THR B 441 3.39 -27.82 -20.60
CA THR B 441 4.42 -28.02 -19.63
C THR B 441 5.57 -28.84 -20.21
N HIS B 442 6.65 -28.88 -19.44
CA HIS B 442 7.85 -29.64 -19.76
C HIS B 442 8.25 -30.46 -18.58
N THR B 443 8.55 -31.74 -18.78
CA THR B 443 8.98 -32.60 -17.70
C THR B 443 10.48 -32.50 -17.50
N TYR B 444 10.87 -32.14 -16.29
CA TYR B 444 12.21 -32.13 -15.82
C TYR B 444 12.37 -33.24 -14.84
N ASN B 445 13.53 -33.87 -14.83
CA ASN B 445 13.82 -34.99 -13.94
C ASN B 445 15.02 -34.66 -13.05
N GLN B 446 14.99 -35.19 -11.81
CA GLN B 446 16.04 -34.93 -10.82
C GLN B 446 16.16 -33.42 -10.57
N VAL B 447 15.07 -32.86 -10.11
CA VAL B 447 14.86 -31.41 -10.04
C VAL B 447 15.26 -30.86 -8.71
N TYR B 448 15.94 -29.72 -8.74
CA TYR B 448 16.20 -28.95 -7.52
C TYR B 448 15.75 -27.52 -7.77
N PRO B 449 15.36 -26.79 -6.71
CA PRO B 449 14.96 -25.40 -6.90
C PRO B 449 16.10 -24.60 -7.52
N PRO B 450 15.73 -23.51 -8.21
CA PRO B 450 16.74 -22.66 -8.80
C PRO B 450 17.54 -21.90 -7.76
N LEU B 451 16.90 -21.31 -6.74
CA LEU B 451 17.62 -20.50 -5.75
C LEU B 451 18.08 -21.41 -4.62
N LEU B 452 19.11 -22.18 -4.95
CA LEU B 452 19.50 -23.35 -4.16
C LEU B 452 20.55 -22.96 -3.09
N LEU B 453 20.05 -22.65 -1.90
CA LEU B 453 20.92 -22.34 -0.80
C LEU B 453 21.37 -23.53 -0.06
N SER B 454 20.70 -24.65 -0.20
CA SER B 454 21.06 -25.84 0.54
C SER B 454 20.66 -27.06 -0.20
N ASP B 455 21.61 -28.02 -0.07
CA ASP B 455 21.42 -29.36 -0.41
C ASP B 455 20.62 -30.14 0.66
N SER B 456 20.44 -29.60 1.86
CA SER B 456 19.87 -30.35 2.95
C SER B 456 18.77 -29.74 3.75
N SER B 457 18.53 -28.48 3.53
CA SER B 457 17.58 -27.70 4.31
C SER B 457 16.51 -27.10 3.45
N PRO B 458 15.30 -27.69 3.42
CA PRO B 458 14.24 -26.97 2.70
C PRO B 458 13.98 -25.60 3.26
N ALA B 459 14.15 -25.37 4.55
CA ALA B 459 13.92 -24.04 5.13
C ALA B 459 14.85 -23.01 4.59
N ALA B 460 16.12 -23.33 4.34
CA ALA B 460 17.04 -22.39 3.77
C ALA B 460 16.58 -22.01 2.37
N ASN B 461 16.18 -23.00 1.58
CA ASN B 461 15.68 -22.74 0.26
C ASN B 461 14.40 -21.93 0.28
N ALA B 462 13.53 -22.24 1.26
CA ALA B 462 12.30 -21.47 1.46
C ALA B 462 12.57 -20.03 1.90
N ARG B 463 13.61 -19.79 2.67
CA ARG B 463 13.87 -18.44 3.13
C ARG B 463 14.07 -17.50 1.98
N ILE B 464 14.92 -17.89 1.00
CA ILE B 464 15.19 -16.99 -0.10
C ILE B 464 13.94 -16.79 -0.91
N VAL B 465 13.17 -17.82 -1.23
CA VAL B 465 11.96 -17.68 -2.03
C VAL B 465 10.92 -16.83 -1.34
N THR B 466 10.63 -17.15 -0.10
CA THR B 466 9.62 -16.42 0.67
C THR B 466 10.04 -14.97 0.88
N ALA B 467 11.33 -14.71 1.08
CA ALA B 467 11.83 -13.34 1.17
C ALA B 467 11.50 -12.57 -0.10
N ILE B 468 11.87 -13.12 -1.26
CA ILE B 468 11.65 -12.45 -2.51
C ILE B 468 10.18 -12.16 -2.69
N GLY B 469 9.32 -13.12 -2.35
CA GLY B 469 7.92 -12.94 -2.61
C GLY B 469 7.23 -11.96 -1.71
N GLN B 470 7.83 -11.58 -0.61
CA GLN B 470 7.29 -10.65 0.37
C GLN B 470 7.99 -9.33 0.44
N LEU B 471 8.85 -9.04 -0.53
CA LEU B 471 9.41 -7.69 -0.60
C LEU B 471 8.29 -6.74 -0.99
N HIS B 472 8.40 -5.49 -0.58
CA HIS B 472 7.38 -4.47 -0.89
C HIS B 472 7.69 -3.73 -2.14
N MET B 473 6.82 -3.85 -3.13
CA MET B 473 6.85 -3.03 -4.35
C MET B 473 6.04 -1.77 -4.13
N ALA B 474 6.71 -0.64 -4.06
CA ALA B 474 6.00 0.62 -3.91
C ALA B 474 5.12 0.83 -5.15
N ARG B 475 3.95 1.36 -4.91
CA ARG B 475 3.02 1.72 -5.97
C ARG B 475 3.32 3.11 -6.52
N SER B 476 3.15 3.27 -7.84
CA SER B 476 3.40 4.55 -8.44
C SER B 476 2.71 4.72 -9.73
N SER B 477 2.38 5.99 -10.06
CA SER B 477 1.72 6.35 -11.27
C SER B 477 2.23 7.71 -11.76
N LYS B 478 2.23 7.93 -13.06
CA LYS B 478 2.54 9.24 -13.63
C LYS B 478 1.50 9.63 -14.65
N VAL B 479 0.92 10.83 -14.46
CA VAL B 479 -0.01 11.47 -15.36
C VAL B 479 0.72 12.58 -16.10
N PHE B 480 0.72 12.51 -17.44
CA PHE B 480 1.38 13.47 -18.30
C PHE B 480 0.45 14.10 -19.29
N ALA B 481 0.80 15.31 -19.73
CA ALA B 481 0.18 15.99 -20.85
C ALA B 481 1.27 16.84 -21.50
N THR B 482 0.93 17.40 -22.67
CA THR B 482 1.81 18.28 -23.42
C THR B 482 1.26 19.69 -23.34
N VAL B 483 2.13 20.64 -22.99
CA VAL B 483 1.75 22.03 -22.89
C VAL B 483 2.77 22.87 -23.59
N LYS B 484 2.34 23.99 -24.19
CA LYS B 484 3.29 24.96 -24.69
C LYS B 484 4.08 25.56 -23.55
N THR B 485 5.38 25.62 -23.69
CA THR B 485 6.22 26.22 -22.65
C THR B 485 5.82 27.66 -22.38
N ALA B 486 5.37 28.38 -23.44
CA ALA B 486 4.94 29.76 -23.26
C ALA B 486 3.76 29.92 -22.43
N ALA B 487 3.03 28.85 -22.07
CA ALA B 487 1.93 28.93 -21.09
C ALA B 487 2.45 29.48 -19.76
N LEU B 488 3.68 29.14 -19.41
CA LEU B 488 4.25 29.58 -18.14
C LEU B 488 4.49 31.07 -18.06
N ASP B 489 4.42 31.77 -19.18
CA ASP B 489 4.67 33.23 -19.27
C ASP B 489 3.39 33.98 -19.15
N GLN B 490 2.27 33.32 -19.02
CA GLN B 490 1.01 34.02 -18.85
C GLN B 490 0.90 34.69 -17.50
N PRO B 491 0.13 35.78 -17.43
CA PRO B 491 0.07 36.52 -16.18
C PRO B 491 -0.55 35.77 -15.00
N TRP B 492 -1.34 34.76 -15.28
CA TRP B 492 -1.96 33.91 -14.35
C TRP B 492 -1.04 32.84 -13.70
N VAL B 493 0.16 32.68 -14.25
CA VAL B 493 1.15 31.78 -13.68
C VAL B 493 2.06 32.66 -12.79
N PRO B 494 2.17 32.35 -11.51
CA PRO B 494 3.02 33.13 -10.67
C PRO B 494 4.49 33.05 -11.02
N GLN B 495 5.20 34.15 -10.85
CA GLN B 495 6.64 34.26 -11.01
C GLN B 495 7.20 34.39 -9.64
N TRP B 496 8.34 33.82 -9.43
CA TRP B 496 9.06 33.95 -8.17
C TRP B 496 10.52 34.03 -8.45
N ARG B 497 11.23 35.03 -7.96
CA ARG B 497 12.64 35.22 -8.21
C ARG B 497 13.00 35.09 -9.67
N GLY B 498 12.19 35.73 -10.52
CA GLY B 498 12.56 35.92 -11.91
C GLY B 498 12.12 34.84 -12.88
N GLU B 499 11.46 33.80 -12.41
CA GLU B 499 11.09 32.67 -13.25
C GLU B 499 9.69 32.19 -12.87
N PRO B 500 8.95 31.62 -13.82
CA PRO B 500 7.68 31.04 -13.45
C PRO B 500 7.83 29.86 -12.54
N ILE B 501 6.78 29.57 -11.77
CA ILE B 501 6.70 28.32 -10.98
C ILE B 501 6.62 27.17 -11.95
N LYS B 502 7.49 26.16 -11.73
CA LYS B 502 7.59 24.98 -12.56
C LYS B 502 7.50 23.66 -11.81
N ALA B 503 7.31 23.74 -10.51
CA ALA B 503 7.12 22.55 -9.64
C ALA B 503 6.03 22.92 -8.68
N VAL B 504 5.10 22.01 -8.42
CA VAL B 504 3.99 22.21 -7.52
C VAL B 504 3.85 20.94 -6.67
N VAL B 505 3.97 21.09 -5.36
CA VAL B 505 3.86 20.00 -4.41
C VAL B 505 2.61 20.27 -3.62
N SER B 506 1.62 19.37 -3.62
CA SER B 506 0.27 19.70 -3.09
C SER B 506 -0.40 18.53 -2.49
N ASP B 507 -1.36 18.81 -1.62
CA ASP B 507 -2.28 17.83 -1.05
C ASP B 507 -3.58 17.71 -1.81
N SER B 508 -3.63 18.14 -3.04
CA SER B 508 -4.80 18.13 -3.90
C SER B 508 -5.20 16.74 -4.39
N GLY B 509 -4.31 15.77 -4.17
CA GLY B 509 -4.37 14.47 -4.78
C GLY B 509 -3.36 14.26 -5.84
N LEU B 510 -2.81 15.32 -6.46
CA LEU B 510 -1.80 15.20 -7.52
C LEU B 510 -0.44 14.88 -6.97
N ALA B 511 -0.19 15.27 -5.74
CA ALA B 511 1.05 15.08 -4.96
C ALA B 511 2.21 15.92 -5.45
N ALA B 512 2.70 15.72 -6.68
CA ALA B 512 3.86 16.38 -7.19
C ALA B 512 3.68 16.53 -8.65
N SER B 513 3.93 17.75 -9.14
CA SER B 513 3.70 18.15 -10.50
C SER B 513 4.87 18.95 -11.01
N TYR B 514 5.23 18.78 -12.27
CA TYR B 514 6.38 19.33 -12.89
C TYR B 514 6.12 19.80 -14.28
N VAL B 515 6.67 20.95 -14.68
CA VAL B 515 6.52 21.41 -16.07
C VAL B 515 7.89 21.40 -16.67
N VAL B 516 8.24 20.26 -17.31
CA VAL B 516 9.62 19.96 -17.70
C VAL B 516 9.81 20.33 -19.15
N PRO B 517 10.82 21.12 -19.45
CA PRO B 517 11.06 21.49 -20.85
C PRO B 517 11.32 20.22 -21.70
N SER B 518 10.79 20.23 -22.94
CA SER B 518 11.03 19.12 -23.82
C SER B 518 12.52 18.98 -24.04
N PRO B 519 13.02 17.75 -24.09
CA PRO B 519 14.43 17.52 -24.41
C PRO B 519 14.69 17.49 -25.88
N ILE B 520 13.66 17.63 -26.70
CA ILE B 520 13.81 17.57 -28.18
C ILE B 520 13.92 19.05 -28.59
N VAL B 521 15.12 19.51 -28.61
CA VAL B 521 15.39 20.94 -28.74
C VAL B 521 16.87 20.75 -28.41
N ALA B 526 15.24 27.43 -26.57
CA ALA B 526 14.16 26.93 -25.68
C ALA B 526 13.03 26.22 -26.39
N PRO B 527 12.57 25.10 -25.81
CA PRO B 527 11.64 24.29 -26.59
C PRO B 527 10.26 24.83 -26.62
N GLU B 528 9.57 24.64 -27.70
CA GLU B 528 8.17 25.03 -27.84
C GLU B 528 7.31 24.37 -26.82
N TYR B 529 7.61 23.10 -26.55
CA TYR B 529 6.79 22.33 -25.67
C TYR B 529 7.47 21.90 -24.39
N SER B 530 6.65 21.58 -23.40
CA SER B 530 7.04 20.99 -22.17
C SER B 530 6.17 19.75 -21.86
N SER B 531 6.80 18.82 -21.14
CA SER B 531 6.07 17.68 -20.56
C SER B 531 5.46 18.11 -19.26
N LEU B 532 4.14 18.16 -19.20
CA LEU B 532 3.41 18.53 -17.99
C LEU B 532 3.23 17.22 -17.20
N LEU B 533 4.13 16.95 -16.28
CA LEU B 533 3.99 15.82 -15.38
C LEU B 533 2.96 16.30 -14.33
N ALA B 534 1.67 16.13 -14.64
CA ALA B 534 0.58 16.67 -13.82
C ALA B 534 0.52 16.01 -12.49
N SER B 535 0.88 14.75 -12.39
CA SER B 535 0.84 14.03 -11.13
C SER B 535 1.81 12.88 -11.12
N TYR B 536 2.74 12.88 -10.20
CA TYR B 536 3.65 11.76 -9.90
C TYR B 536 3.38 11.36 -8.50
N THR B 537 2.76 10.18 -8.31
CA THR B 537 2.29 9.71 -7.02
C THR B 537 3.01 8.41 -6.61
N TRP B 538 3.13 8.24 -5.31
CA TRP B 538 3.59 7.06 -4.65
C TRP B 538 2.55 6.52 -3.69
N GLU B 539 2.53 5.20 -3.54
CA GLU B 539 1.87 4.53 -2.42
C GLU B 539 0.43 4.97 -2.31
N ASP B 540 -0.09 5.35 -1.17
CA ASP B 540 -1.52 5.66 -1.08
C ASP B 540 -1.93 6.81 -1.95
N ASP B 541 -1.04 7.73 -2.25
CA ASP B 541 -1.37 8.83 -3.18
C ASP B 541 -1.78 8.29 -4.54
N SER B 542 -1.08 7.26 -4.98
CA SER B 542 -1.40 6.54 -6.21
C SER B 542 -2.66 5.73 -6.12
N THR B 543 -2.83 5.00 -5.02
CA THR B 543 -4.08 4.23 -4.80
C THR B 543 -5.28 5.12 -4.97
N ARG B 544 -5.24 6.30 -4.36
CA ARG B 544 -6.37 7.15 -4.37
C ARG B 544 -6.84 7.63 -5.72
N LEU B 545 -5.89 7.68 -6.68
CA LEU B 545 -6.17 8.11 -8.07
C LEU B 545 -6.63 6.97 -8.96
N ARG B 546 -6.29 5.73 -8.63
CA ARG B 546 -6.29 4.66 -9.61
C ARG B 546 -7.65 4.41 -10.22
N HIS B 547 -8.73 4.58 -9.47
CA HIS B 547 -10.09 4.39 -9.98
C HIS B 547 -10.41 5.27 -11.16
N ASP B 548 -9.67 6.39 -11.35
CA ASP B 548 -9.91 7.32 -12.45
C ASP B 548 -9.05 7.08 -13.66
N PHE B 549 -8.21 6.06 -13.70
CA PHE B 549 -7.28 5.96 -14.85
C PHE B 549 -7.94 5.46 -16.10
N GLY B 550 -9.04 4.68 -16.02
CA GLY B 550 -9.78 4.26 -17.18
C GLY B 550 -9.30 3.00 -17.90
N LEU B 551 -8.03 3.00 -18.27
CA LEU B 551 -7.39 1.88 -18.92
C LEU B 551 -6.13 1.65 -18.17
N TYR B 552 -5.73 0.37 -18.12
CA TYR B 552 -4.65 -0.09 -17.24
C TYR B 552 -3.77 -1.06 -18.01
N PRO B 553 -2.43 -0.91 -17.94
CA PRO B 553 -1.67 0.07 -17.15
C PRO B 553 -1.52 1.43 -17.84
N GLN B 554 -1.89 1.53 -19.11
CA GLN B 554 -1.68 2.76 -19.86
C GLN B 554 -2.97 3.26 -20.47
N ASN B 555 -3.26 4.54 -20.30
CA ASN B 555 -4.32 5.22 -21.03
C ASN B 555 -3.61 6.40 -21.71
N PRO B 556 -3.67 6.47 -23.03
CA PRO B 556 -4.33 5.58 -23.96
C PRO B 556 -3.61 4.29 -24.12
N ALA B 557 -4.31 3.23 -24.53
CA ALA B 557 -3.71 1.97 -24.84
C ALA B 557 -3.22 1.92 -26.23
N THR B 558 -3.59 2.87 -27.04
CA THR B 558 -3.25 2.98 -28.43
C THR B 558 -2.36 4.20 -28.68
N GLU B 559 -1.74 4.27 -29.81
CA GLU B 559 -0.84 5.38 -30.12
C GLU B 559 -1.63 6.67 -30.45
N THR B 560 -2.86 6.53 -30.96
CA THR B 560 -3.63 7.59 -31.46
C THR B 560 -4.69 8.18 -30.56
N GLY B 561 -4.88 7.56 -29.41
CA GLY B 561 -5.81 8.04 -28.46
C GLY B 561 -5.26 9.10 -27.55
N THR B 562 -6.14 9.59 -26.68
CA THR B 562 -5.77 10.56 -25.64
C THR B 562 -6.58 10.23 -24.42
N ALA B 563 -5.95 10.30 -23.24
CA ALA B 563 -6.60 9.99 -21.96
C ALA B 563 -7.29 11.24 -21.44
N ASP B 564 -8.21 11.81 -22.24
CA ASP B 564 -8.83 13.08 -21.92
C ASP B 564 -9.75 12.99 -20.71
N GLY B 565 -10.61 11.97 -20.66
CA GLY B 565 -11.50 11.79 -19.52
C GLY B 565 -10.72 11.63 -18.25
N MET B 566 -9.70 10.83 -18.25
CA MET B 566 -8.82 10.65 -17.10
C MET B 566 -8.21 11.99 -16.67
N TYR B 567 -7.64 12.69 -17.63
CA TYR B 567 -6.94 13.90 -17.31
C TYR B 567 -7.89 14.91 -16.75
N ARG B 568 -9.10 15.02 -17.26
CA ARG B 568 -10.08 15.96 -16.70
C ARG B 568 -10.35 15.68 -15.22
N THR B 569 -10.27 14.42 -14.78
CA THR B 569 -10.43 14.15 -13.34
C THR B 569 -9.25 14.70 -12.55
N MET B 570 -8.09 14.85 -13.12
CA MET B 570 -6.94 15.44 -12.47
C MET B 570 -7.04 16.96 -12.44
N VAL B 571 -7.42 17.54 -13.57
CA VAL B 571 -7.76 18.97 -13.62
C VAL B 571 -8.80 19.26 -12.55
N ASN B 572 -9.80 18.45 -12.41
CA ASN B 572 -10.84 18.69 -11.41
C ASN B 572 -10.39 18.62 -10.01
N ARG B 573 -9.38 17.79 -9.71
CA ARG B 573 -8.76 17.77 -8.37
C ARG B 573 -8.07 19.08 -8.04
N ALA B 574 -7.61 19.82 -9.09
CA ALA B 574 -7.02 21.12 -8.98
C ALA B 574 -8.02 22.26 -8.86
N TYR B 575 -9.31 21.98 -9.04
CA TYR B 575 -10.34 22.98 -8.99
C TYR B 575 -10.71 23.21 -7.54
N ARG B 576 -9.82 23.93 -6.87
CA ARG B 576 -9.87 24.21 -5.43
C ARG B 576 -9.75 25.68 -5.21
N TYR B 577 -10.50 26.22 -4.28
CA TYR B 577 -10.33 27.64 -3.93
C TYR B 577 -9.17 27.76 -2.98
N VAL B 578 -8.17 28.50 -3.38
CA VAL B 578 -6.91 28.67 -2.64
C VAL B 578 -6.75 30.09 -2.20
N LYS B 579 -6.64 30.29 -0.89
CA LYS B 579 -6.40 31.58 -0.36
C LYS B 579 -4.90 31.85 -0.31
N TYR B 580 -4.57 32.93 -0.95
CA TYR B 580 -3.16 33.46 -0.91
C TYR B 580 -3.10 34.71 -0.04
N ALA B 581 -1.95 34.99 0.51
CA ALA B 581 -1.74 36.23 1.21
C ALA B 581 -1.93 37.49 0.31
N GLY B 582 -1.66 37.36 -0.99
CA GLY B 582 -1.69 38.54 -1.86
C GLY B 582 -3.03 38.93 -2.40
N ALA B 583 -4.14 38.24 -2.04
CA ALA B 583 -5.50 38.68 -2.53
C ALA B 583 -6.51 38.25 -1.49
N SER B 584 -7.47 39.12 -1.22
CA SER B 584 -8.59 38.85 -0.30
C SER B 584 -9.62 37.87 -0.88
N ASN B 585 -9.83 37.89 -2.18
CA ASN B 585 -10.90 37.01 -2.68
C ASN B 585 -10.30 35.85 -3.29
N ALA B 586 -10.46 34.72 -2.61
CA ALA B 586 -9.86 33.51 -3.11
C ALA B 586 -10.51 33.09 -4.34
N GLN B 587 -9.73 32.48 -5.22
CA GLN B 587 -10.17 32.12 -6.53
C GLN B 587 -9.74 30.74 -6.75
N PRO B 588 -10.27 30.12 -7.83
CA PRO B 588 -9.79 28.83 -8.14
C PRO B 588 -8.28 28.86 -8.34
N TRP B 589 -7.61 27.85 -7.82
CA TRP B 589 -6.16 27.68 -7.86
C TRP B 589 -5.67 27.98 -9.31
N TRP B 590 -4.61 28.77 -9.44
CA TRP B 590 -4.06 29.04 -10.73
C TRP B 590 -3.59 27.77 -11.43
N PHE B 591 -3.22 26.77 -10.63
CA PHE B 591 -2.68 25.56 -11.24
C PHE B 591 -3.76 24.80 -12.03
N TYR B 592 -5.05 24.95 -11.68
CA TYR B 592 -6.18 24.47 -12.44
C TYR B 592 -6.09 24.96 -13.89
N GLN B 593 -5.88 26.29 -14.03
CA GLN B 593 -5.79 26.87 -15.33
C GLN B 593 -4.59 26.36 -16.11
N LEU B 594 -3.45 26.17 -15.42
CA LEU B 594 -2.30 25.63 -16.11
C LEU B 594 -2.51 24.22 -16.60
N LEU B 595 -3.07 23.36 -15.72
CA LEU B 595 -3.36 21.99 -16.14
C LEU B 595 -4.31 21.99 -17.34
N ALA B 596 -5.31 22.85 -17.35
CA ALA B 596 -6.31 22.93 -18.41
C ALA B 596 -5.73 23.51 -19.70
N GLU B 597 -4.54 24.13 -19.64
CA GLU B 597 -3.85 24.72 -20.82
C GLU B 597 -3.18 23.61 -21.66
N ALA B 598 -2.98 22.45 -21.06
CA ALA B 598 -2.40 21.36 -21.83
C ALA B 598 -3.29 21.05 -23.01
N ARG B 599 -2.70 20.68 -24.12
CA ARG B 599 -3.53 20.35 -25.30
C ARG B 599 -4.36 19.14 -25.04
N THR B 600 -5.37 18.94 -25.84
CA THR B 600 -6.33 17.86 -25.75
C THR B 600 -5.65 16.54 -26.15
N ALA B 601 -4.91 16.50 -27.26
CA ALA B 601 -4.22 15.32 -27.69
C ALA B 601 -3.09 15.01 -26.68
N ASP B 602 -2.76 13.72 -26.56
CA ASP B 602 -1.61 13.23 -25.90
C ASP B 602 -1.61 13.32 -24.37
N ARG B 603 -2.81 13.34 -23.83
CA ARG B 603 -3.01 13.21 -22.37
C ARG B 603 -2.83 11.72 -22.05
N PHE B 604 -2.20 11.44 -20.89
CA PHE B 604 -1.64 10.11 -20.65
C PHE B 604 -1.55 9.78 -19.18
N VAL B 605 -1.71 8.51 -18.86
CA VAL B 605 -1.32 7.99 -17.54
C VAL B 605 -0.68 6.63 -17.76
N PHE B 606 0.34 6.35 -16.95
CA PHE B 606 0.86 5.01 -16.76
C PHE B 606 0.83 4.64 -15.30
N ASP B 607 0.26 3.48 -15.03
CA ASP B 607 0.17 2.94 -13.70
C ASP B 607 1.11 1.77 -13.54
N TRP B 608 2.21 1.95 -12.82
CA TRP B 608 3.15 0.86 -12.66
C TRP B 608 2.58 -0.31 -11.87
N THR B 609 1.54 -0.04 -11.06
CA THR B 609 0.95 -1.07 -10.27
C THR B 609 0.25 -2.13 -11.10
N THR B 610 -0.39 -1.75 -12.22
CA THR B 610 -1.07 -2.68 -13.10
C THR B 610 -0.23 -3.12 -14.26
N ASN B 611 1.01 -2.64 -14.35
CA ASN B 611 2.01 -3.19 -15.14
C ASN B 611 2.41 -4.52 -14.45
N LYS B 612 3.11 -5.38 -15.20
CA LYS B 612 3.45 -6.75 -14.73
C LYS B 612 4.48 -6.71 -13.66
N THR B 613 5.11 -5.54 -13.44
CA THR B 613 5.97 -5.35 -12.24
C THR B 613 5.24 -5.32 -10.93
N ALA B 614 3.93 -5.14 -10.95
CA ALA B 614 3.12 -5.02 -9.72
C ALA B 614 3.60 -3.87 -8.80
N GLY B 615 3.93 -2.76 -9.48
CA GLY B 615 4.35 -1.56 -8.87
C GLY B 615 5.61 -0.94 -9.48
N GLY B 616 6.08 0.11 -8.87
CA GLY B 616 7.21 0.85 -9.36
C GLY B 616 8.57 0.37 -8.94
N PHE B 617 8.78 0.02 -7.67
CA PHE B 617 10.12 -0.29 -7.22
C PHE B 617 10.09 -0.64 -5.75
N LYS B 618 11.08 -1.38 -5.27
CA LYS B 618 11.08 -1.81 -3.89
C LYS B 618 11.38 -0.65 -2.92
N LEU B 619 10.60 -0.56 -1.88
CA LEU B 619 10.92 0.26 -0.71
C LEU B 619 10.63 -0.58 0.51
N ASP B 620 11.57 -0.61 1.44
CA ASP B 620 11.49 -1.51 2.57
C ASP B 620 10.67 -0.94 3.71
N MET B 621 9.68 -1.72 4.15
CA MET B 621 8.93 -1.47 5.36
C MET B 621 9.69 -1.86 6.60
N THR B 622 9.23 -1.57 7.78
CA THR B 622 9.84 -2.05 9.00
C THR B 622 9.95 -3.57 8.90
N GLY B 623 11.10 -4.10 9.33
CA GLY B 623 11.35 -5.52 9.27
C GLY B 623 11.89 -6.04 7.94
N ASP B 624 11.66 -5.31 6.86
CA ASP B 624 11.99 -5.84 5.53
C ASP B 624 13.46 -6.00 5.30
N HIS B 625 14.32 -5.31 6.02
CA HIS B 625 15.78 -5.47 5.87
C HIS B 625 16.16 -6.93 5.85
N HIS B 626 15.52 -7.72 6.72
CA HIS B 626 15.86 -9.12 6.86
C HIS B 626 15.63 -9.89 5.56
N GLN B 627 14.62 -9.46 4.80
CA GLN B 627 14.35 -10.07 3.51
C GLN B 627 15.16 -9.46 2.42
N SER B 628 15.21 -8.11 2.30
CA SER B 628 15.97 -7.49 1.26
C SER B 628 17.45 -7.80 1.38
N ASN B 629 18.01 -7.78 2.60
CA ASN B 629 19.39 -8.02 2.78
C ASN B 629 19.74 -9.46 2.48
N LEU B 630 18.87 -10.41 2.69
CA LEU B 630 19.12 -11.78 2.26
C LEU B 630 19.28 -11.80 0.77
N CYS B 631 18.43 -11.13 0.03
CA CYS B 631 18.53 -11.05 -1.43
C CYS B 631 19.83 -10.35 -1.87
N PHE B 632 20.16 -9.24 -1.19
CA PHE B 632 21.39 -8.52 -1.52
C PHE B 632 22.64 -9.39 -1.36
N ARG B 633 22.63 -10.27 -0.37
CA ARG B 633 23.74 -11.11 -0.06
C ARG B 633 23.71 -12.50 -0.78
N TYR B 634 22.63 -12.78 -1.49
CA TYR B 634 22.41 -14.12 -2.06
C TYR B 634 23.56 -14.64 -2.90
N HIS B 635 24.21 -13.78 -3.66
CA HIS B 635 25.29 -14.20 -4.55
C HIS B 635 26.50 -14.80 -3.85
N THR B 636 26.60 -14.58 -2.53
CA THR B 636 27.63 -15.23 -1.72
C THR B 636 27.46 -16.73 -1.61
N HIS B 637 26.37 -17.31 -2.13
CA HIS B 637 26.29 -18.80 -2.17
C HIS B 637 27.43 -19.42 -2.92
N ALA B 638 28.03 -18.65 -3.82
CA ALA B 638 29.15 -19.11 -4.64
C ALA B 638 30.35 -19.53 -3.81
N LEU B 639 30.43 -19.09 -2.59
CA LEU B 639 31.47 -19.53 -1.69
C LEU B 639 31.45 -20.99 -1.30
N ALA B 640 30.27 -21.60 -1.37
CA ALA B 640 30.06 -23.04 -0.98
C ALA B 640 30.27 -23.80 -2.24
N ALA B 641 31.47 -24.37 -2.36
CA ALA B 641 31.87 -25.09 -3.58
C ALA B 641 31.08 -26.41 -3.76
N SER B 642 30.57 -27.02 -2.67
CA SER B 642 29.93 -28.30 -2.73
C SER B 642 28.45 -28.08 -3.17
N LEU B 643 27.95 -26.83 -3.32
CA LEU B 643 26.59 -26.50 -3.59
C LEU B 643 26.44 -26.17 -5.05
N ASP B 644 25.69 -26.88 -5.82
CA ASP B 644 25.78 -26.71 -7.27
C ASP B 644 24.76 -25.73 -7.74
N ASN B 645 24.87 -24.47 -7.27
CA ASN B 645 23.84 -23.45 -7.56
C ASN B 645 24.32 -22.52 -8.67
N ARG B 646 23.61 -22.55 -9.78
CA ARG B 646 23.96 -21.82 -11.01
C ARG B 646 23.21 -20.50 -11.26
N PHE B 647 22.36 -20.13 -10.30
CA PHE B 647 21.46 -18.98 -10.50
C PHE B 647 21.88 -17.83 -9.59
N PHE B 648 21.91 -16.67 -10.23
CA PHE B 648 22.18 -15.35 -9.58
C PHE B 648 20.99 -14.44 -9.89
N ILE B 649 20.83 -13.40 -9.07
CA ILE B 649 19.69 -12.43 -9.23
C ILE B 649 20.26 -11.04 -9.40
N ALA B 650 19.60 -10.20 -10.21
CA ALA B 650 20.14 -8.88 -10.61
C ALA B 650 18.99 -7.93 -10.85
N SER B 651 18.60 -7.16 -9.80
CA SER B 651 17.57 -6.14 -9.97
C SER B 651 17.64 -5.20 -8.81
N ASP B 652 17.06 -4.03 -8.94
CA ASP B 652 16.94 -3.12 -7.79
C ASP B 652 16.15 -3.75 -6.65
N SER B 653 15.31 -4.75 -6.88
CA SER B 653 14.64 -5.48 -5.85
C SER B 653 15.58 -6.19 -4.91
N TYR B 654 16.80 -6.49 -5.39
CA TYR B 654 17.73 -7.27 -4.63
C TYR B 654 18.89 -6.40 -4.18
N SER B 655 18.58 -5.17 -3.85
CA SER B 655 19.52 -4.15 -3.43
C SER B 655 18.96 -3.36 -2.29
N HIS B 656 19.78 -2.45 -1.77
CA HIS B 656 19.43 -1.47 -0.77
C HIS B 656 19.24 -0.06 -1.39
N LEU B 657 18.87 -0.04 -2.65
CA LEU B 657 18.51 1.16 -3.44
C LEU B 657 17.41 0.79 -4.40
N GLY B 658 16.35 0.18 -3.90
CA GLY B 658 15.18 0.03 -4.73
C GLY B 658 14.69 1.40 -5.17
N GLY B 659 14.25 1.52 -6.43
CA GLY B 659 13.87 2.80 -6.98
C GLY B 659 14.95 3.63 -7.59
N TRP B 660 16.17 3.00 -7.75
CA TRP B 660 17.30 3.69 -8.38
C TRP B 660 18.00 2.73 -9.34
N LEU B 661 18.43 3.27 -10.47
CA LEU B 661 19.32 2.55 -11.33
C LEU B 661 20.54 2.05 -10.57
N GLU B 662 21.00 2.86 -9.63
CA GLU B 662 22.14 2.44 -8.80
C GLU B 662 21.86 1.08 -8.17
N GLY B 663 20.64 0.81 -7.68
CA GLY B 663 20.37 -0.48 -7.08
C GLY B 663 20.42 -1.60 -8.10
N ALA B 664 19.80 -1.39 -9.25
CA ALA B 664 19.85 -2.45 -10.30
C ALA B 664 21.30 -2.71 -10.70
N PHE B 665 22.11 -1.68 -10.84
CA PHE B 665 23.50 -1.84 -11.24
C PHE B 665 24.33 -2.49 -10.15
N MET B 666 24.09 -2.15 -8.88
CA MET B 666 24.80 -2.83 -7.80
C MET B 666 24.45 -4.31 -7.77
N SER B 667 23.19 -4.65 -7.93
CA SER B 667 22.79 -6.03 -7.92
C SER B 667 23.37 -6.81 -9.08
N ALA B 668 23.44 -6.18 -10.26
CA ALA B 668 24.12 -6.80 -11.43
C ALA B 668 25.60 -7.07 -11.09
N LEU B 669 26.27 -6.14 -10.44
CA LEU B 669 27.65 -6.33 -10.11
C LEU B 669 27.83 -7.47 -9.16
N ASN B 670 26.94 -7.56 -8.16
CA ASN B 670 26.93 -8.69 -7.28
C ASN B 670 26.76 -10.02 -8.05
N ALA B 671 25.79 -10.06 -8.92
CA ALA B 671 25.45 -11.27 -9.65
C ALA B 671 26.64 -11.77 -10.42
N VAL B 672 27.32 -10.88 -11.14
CA VAL B 672 28.47 -11.28 -11.94
C VAL B 672 29.65 -11.67 -11.09
N ALA B 673 29.88 -10.96 -9.99
CA ALA B 673 30.92 -11.39 -9.03
C ALA B 673 30.65 -12.77 -8.54
N GLY B 674 29.42 -13.08 -8.12
CA GLY B 674 29.11 -14.41 -7.63
C GLY B 674 29.30 -15.46 -8.75
N LEU B 675 28.84 -15.11 -9.93
CA LEU B 675 29.00 -16.05 -11.09
C LEU B 675 30.48 -16.39 -11.28
N ILE B 676 31.33 -15.40 -11.20
CA ILE B 676 32.76 -15.68 -11.35
C ILE B 676 33.24 -16.63 -10.26
N VAL B 677 32.87 -16.41 -9.01
CA VAL B 677 33.33 -17.33 -7.96
C VAL B 677 32.78 -18.72 -8.24
N ARG B 678 31.50 -18.86 -8.60
CA ARG B 678 30.94 -20.18 -8.89
C ARG B 678 31.64 -20.85 -10.05
N ALA B 679 31.90 -20.10 -11.09
CA ALA B 679 32.58 -20.68 -12.25
C ALA B 679 33.99 -21.16 -11.89
N ASN B 680 34.60 -20.54 -10.90
CA ASN B 680 35.89 -20.97 -10.34
C ASN B 680 35.73 -21.85 -9.12
N ARG B 681 34.57 -22.49 -8.98
CA ARG B 681 34.34 -23.53 -7.98
C ARG B 681 34.74 -23.07 -6.59
N GLY B 682 34.33 -21.88 -6.29
CA GLY B 682 34.47 -21.29 -4.98
C GLY B 682 35.68 -20.48 -4.70
N ASP B 683 36.56 -20.31 -5.65
CA ASP B 683 37.82 -19.65 -5.46
C ASP B 683 37.66 -18.13 -5.61
N VAL B 684 37.68 -17.41 -4.49
CA VAL B 684 37.54 -15.95 -4.47
C VAL B 684 38.73 -15.23 -5.10
N SER B 685 39.86 -15.88 -5.17
CA SER B 685 41.00 -15.24 -5.83
C SER B 685 40.78 -14.98 -7.29
N ALA B 686 39.73 -15.59 -7.89
CA ALA B 686 39.43 -15.31 -9.27
C ALA B 686 38.81 -13.95 -9.45
N LEU B 687 38.32 -13.33 -8.38
CA LEU B 687 37.88 -11.90 -8.48
C LEU B 687 39.14 -11.03 -8.42
N SER B 688 39.07 -9.87 -9.06
CA SER B 688 40.09 -8.88 -8.93
C SER B 688 40.22 -8.43 -7.50
N THR B 689 41.34 -7.85 -7.14
CA THR B 689 41.54 -7.34 -5.81
C THR B 689 40.44 -6.37 -5.43
N GLU B 690 40.03 -5.49 -6.34
CA GLU B 690 39.06 -4.50 -5.96
C GLU B 690 37.63 -5.04 -5.95
N ALA B 691 37.38 -6.12 -6.69
CA ALA B 691 36.04 -6.71 -6.72
C ALA B 691 35.83 -7.78 -5.64
N ARG B 692 36.86 -8.34 -5.04
CA ARG B 692 36.68 -9.37 -4.08
C ARG B 692 35.73 -8.98 -2.98
N PRO B 693 35.82 -7.75 -2.44
CA PRO B 693 34.90 -7.40 -1.39
C PRO B 693 33.42 -7.43 -1.73
N LEU B 694 33.07 -7.42 -3.03
CA LEU B 694 31.67 -7.57 -3.40
C LEU B 694 31.06 -8.84 -2.86
N VAL B 695 31.92 -9.85 -2.75
CA VAL B 695 31.54 -11.15 -2.15
C VAL B 695 31.94 -11.25 -0.69
N ILE B 696 33.19 -10.98 -0.38
CA ILE B 696 33.73 -11.27 0.94
C ILE B 696 33.43 -10.17 1.97
N GLY B 697 32.96 -9.02 1.57
CA GLY B 697 32.60 -7.95 2.49
C GLY B 697 31.23 -8.06 3.10
N LEU B 698 30.45 -9.05 2.72
CA LEU B 698 29.12 -9.32 3.20
C LEU B 698 29.06 -10.53 4.07
N ARG B 699 28.09 -10.62 4.97
CA ARG B 699 27.86 -11.84 5.66
C ARG B 699 27.37 -12.90 4.66
N PRO B 700 28.04 -14.08 4.59
CA PRO B 700 27.62 -15.10 3.65
C PRO B 700 26.26 -15.66 3.97
N VAL B 701 25.58 -16.15 2.87
CA VAL B 701 24.31 -16.79 3.04
C VAL B 701 24.45 -18.30 3.28
N VAL B 702 25.65 -18.83 3.09
CA VAL B 702 26.03 -20.18 3.39
C VAL B 702 27.21 -20.19 4.26
N LYS B 703 27.28 -21.09 5.18
CA LYS B 703 28.41 -21.18 6.09
C LYS B 703 29.51 -21.92 5.44
N VAL B 704 30.70 -21.33 5.39
CA VAL B 704 31.89 -22.08 4.87
C VAL B 704 33.10 -21.75 5.74
N PRO B 705 34.14 -22.53 5.63
CA PRO B 705 35.27 -22.30 6.52
C PRO B 705 35.91 -20.93 6.31
N ALA B 706 36.54 -20.45 7.38
CA ALA B 706 37.34 -19.19 7.35
C ALA B 706 38.30 -19.19 6.26
N ALA B 707 38.50 -18.03 5.59
CA ALA B 707 39.74 -17.87 4.86
C ALA B 707 39.78 -19.00 3.77
#